data_2HIQ
# 
_entry.id   2HIQ 
# 
_audit_conform.dict_name       mmcif_pdbx.dic 
_audit_conform.dict_version    5.387 
_audit_conform.dict_location   http://mmcif.pdb.org/dictionaries/ascii/mmcif_pdbx.dic 
# 
loop_
_database_2.database_id 
_database_2.database_code 
_database_2.pdbx_database_accession 
_database_2.pdbx_DOI 
PDB   2HIQ         pdb_00002hiq 10.2210/pdb2hiq/pdb 
RCSB  RCSB038389   ?            ?                   
WWPDB D_1000038389 ?            ?                   
# 
loop_
_pdbx_audit_revision_history.ordinal 
_pdbx_audit_revision_history.data_content_type 
_pdbx_audit_revision_history.major_revision 
_pdbx_audit_revision_history.minor_revision 
_pdbx_audit_revision_history.revision_date 
1 'Structure model' 1 0 2006-09-12 
2 'Structure model' 1 1 2008-05-01 
3 'Structure model' 1 2 2011-07-13 
4 'Structure model' 1 3 2024-02-14 
# 
_pdbx_audit_revision_details.ordinal             1 
_pdbx_audit_revision_details.revision_ordinal    1 
_pdbx_audit_revision_details.data_content_type   'Structure model' 
_pdbx_audit_revision_details.provider            repository 
_pdbx_audit_revision_details.type                'Initial release' 
_pdbx_audit_revision_details.description         ? 
_pdbx_audit_revision_details.details             ? 
# 
loop_
_pdbx_audit_revision_group.ordinal 
_pdbx_audit_revision_group.revision_ordinal 
_pdbx_audit_revision_group.data_content_type 
_pdbx_audit_revision_group.group 
1 2 'Structure model' 'Version format compliance' 
2 3 'Structure model' 'Version format compliance' 
3 4 'Structure model' 'Data collection'           
4 4 'Structure model' 'Database references'       
# 
loop_
_pdbx_audit_revision_category.ordinal 
_pdbx_audit_revision_category.revision_ordinal 
_pdbx_audit_revision_category.data_content_type 
_pdbx_audit_revision_category.category 
1 4 'Structure model' chem_comp_atom     
2 4 'Structure model' chem_comp_bond     
3 4 'Structure model' database_2         
4 4 'Structure model' struct_ref_seq_dif 
# 
loop_
_pdbx_audit_revision_item.ordinal 
_pdbx_audit_revision_item.revision_ordinal 
_pdbx_audit_revision_item.data_content_type 
_pdbx_audit_revision_item.item 
1 4 'Structure model' '_database_2.pdbx_DOI'                
2 4 'Structure model' '_database_2.pdbx_database_accession' 
3 4 'Structure model' '_struct_ref_seq_dif.details'         
# 
_pdbx_database_status.status_code                     REL 
_pdbx_database_status.entry_id                        2HIQ 
_pdbx_database_status.recvd_initial_deposition_date   2006-06-29 
_pdbx_database_status.deposit_site                    RCSB 
_pdbx_database_status.process_site                    RCSB 
_pdbx_database_status.status_code_sf                  REL 
_pdbx_database_status.status_code_mr                  ? 
_pdbx_database_status.SG_entry                        Y 
_pdbx_database_status.pdb_format_compatible           Y 
_pdbx_database_status.status_code_cs                  ? 
_pdbx_database_status.status_code_nmr_data            ? 
_pdbx_database_status.methods_development_category    ? 
# 
loop_
_pdbx_database_related.db_name 
_pdbx_database_related.db_id 
_pdbx_database_related.details 
_pdbx_database_related.content_type 
PDB      1WD6       'Same protein structure at lower resolution' unspecified 
TargetDB Eco-JW1657 .                                            unspecified 
# 
loop_
_audit_author.name 
_audit_author.pdbx_ordinal 
'Chen, L.Q.'                                              1  
'Chen, L.R.'                                              2  
'Liu, Z.-J.'                                              3  
'Temple, W.'                                              4  
'Lee, D.'                                                 5  
'Chang, S.-H.'                                            6  
'Rose, J.P.'                                              7  
'Ebihara, A.'                                             8  
'Wang, B.-C.'                                             9  
'Southeast Collaboratory for Structural Genomics (SECSG)' 10 
# 
_citation.id                        primary 
_citation.title                     'Crystal structure of JW1657 from Escherichia coli at 2.0A resolution' 
_citation.journal_abbrev            'To be Published' 
_citation.journal_volume            ? 
_citation.page_first                ? 
_citation.page_last                 ? 
_citation.year                      ? 
_citation.journal_id_ASTM           ? 
_citation.country                   ? 
_citation.journal_id_ISSN           ? 
_citation.journal_id_CSD            0353 
_citation.book_publisher            ? 
_citation.pdbx_database_id_PubMed   ? 
_citation.pdbx_database_id_DOI      ? 
# 
loop_
_citation_author.citation_id 
_citation_author.name 
_citation_author.ordinal 
_citation_author.identifier_ORCID 
primary 'Chen, L.Q.'   1 ? 
primary 'Chen, L.R.'   2 ? 
primary 'Liu, Z.-J.'   3 ? 
primary 'Temple, W.'   4 ? 
primary 'Lee, D.'      5 ? 
primary 'Chang, S.-H.' 6 ? 
primary 'Rose, J.P.'   7 ? 
primary 'Ebihara, A.'  8 ? 
primary 'Wang, B.-C.'  9 ? 
# 
loop_
_entity.id 
_entity.type 
_entity.src_method 
_entity.pdbx_description 
_entity.formula_weight 
_entity.pdbx_number_of_molecules 
_entity.pdbx_ec 
_entity.pdbx_mutation 
_entity.pdbx_fragment 
_entity.details 
1 polymer man 'Hypothetical protein ydhR' 12513.216 2   ? ? ? ? 
2 water   nat water                       18.015    101 ? ? ? ? 
# 
_entity_name_com.entity_id   1 
_entity_name_com.name        'HYPOTHETICAL PROTEIN JW1657' 
# 
_entity_poly.entity_id                      1 
_entity_poly.type                           'polypeptide(L)' 
_entity_poly.nstd_linkage                   no 
_entity_poly.nstd_monomer                   no 
_entity_poly.pdbx_seq_one_letter_code       
;MTDPALRAATLLQLHFAFNGPFGDAMAEQLKPLAESINQEPGFLWKVWTESEKNHEAGGIYLFTDEKSALAYLEKHTARL
KNLGVEEVVAKVFDVNEPLSQINQAKLAGLCGR
;
_entity_poly.pdbx_seq_one_letter_code_can   
;MTDPALRAATLLQLHFAFNGPFGDAMAEQLKPLAESINQEPGFLWKVWTESEKNHEAGGIYLFTDEKSALAYLEKHTARL
KNLGVEEVVAKVFDVNEPLSQINQAKLAGLCGR
;
_entity_poly.pdbx_strand_id                 A,B 
_entity_poly.pdbx_target_identifier         Eco-JW1657 
# 
_pdbx_entity_nonpoly.entity_id   2 
_pdbx_entity_nonpoly.name        water 
_pdbx_entity_nonpoly.comp_id     HOH 
# 
loop_
_entity_poly_seq.entity_id 
_entity_poly_seq.num 
_entity_poly_seq.mon_id 
_entity_poly_seq.hetero 
1 1   MET n 
1 2   THR n 
1 3   ASP n 
1 4   PRO n 
1 5   ALA n 
1 6   LEU n 
1 7   ARG n 
1 8   ALA n 
1 9   ALA n 
1 10  THR n 
1 11  LEU n 
1 12  LEU n 
1 13  GLN n 
1 14  LEU n 
1 15  HIS n 
1 16  PHE n 
1 17  ALA n 
1 18  PHE n 
1 19  ASN n 
1 20  GLY n 
1 21  PRO n 
1 22  PHE n 
1 23  GLY n 
1 24  ASP n 
1 25  ALA n 
1 26  MET n 
1 27  ALA n 
1 28  GLU n 
1 29  GLN n 
1 30  LEU n 
1 31  LYS n 
1 32  PRO n 
1 33  LEU n 
1 34  ALA n 
1 35  GLU n 
1 36  SER n 
1 37  ILE n 
1 38  ASN n 
1 39  GLN n 
1 40  GLU n 
1 41  PRO n 
1 42  GLY n 
1 43  PHE n 
1 44  LEU n 
1 45  TRP n 
1 46  LYS n 
1 47  VAL n 
1 48  TRP n 
1 49  THR n 
1 50  GLU n 
1 51  SER n 
1 52  GLU n 
1 53  LYS n 
1 54  ASN n 
1 55  HIS n 
1 56  GLU n 
1 57  ALA n 
1 58  GLY n 
1 59  GLY n 
1 60  ILE n 
1 61  TYR n 
1 62  LEU n 
1 63  PHE n 
1 64  THR n 
1 65  ASP n 
1 66  GLU n 
1 67  LYS n 
1 68  SER n 
1 69  ALA n 
1 70  LEU n 
1 71  ALA n 
1 72  TYR n 
1 73  LEU n 
1 74  GLU n 
1 75  LYS n 
1 76  HIS n 
1 77  THR n 
1 78  ALA n 
1 79  ARG n 
1 80  LEU n 
1 81  LYS n 
1 82  ASN n 
1 83  LEU n 
1 84  GLY n 
1 85  VAL n 
1 86  GLU n 
1 87  GLU n 
1 88  VAL n 
1 89  VAL n 
1 90  ALA n 
1 91  LYS n 
1 92  VAL n 
1 93  PHE n 
1 94  ASP n 
1 95  VAL n 
1 96  ASN n 
1 97  GLU n 
1 98  PRO n 
1 99  LEU n 
1 100 SER n 
1 101 GLN n 
1 102 ILE n 
1 103 ASN n 
1 104 GLN n 
1 105 ALA n 
1 106 LYS n 
1 107 LEU n 
1 108 ALA n 
1 109 GLY n 
1 110 LEU n 
1 111 CYS n 
1 112 GLY n 
1 113 ARG n 
# 
_entity_src_gen.entity_id                          1 
_entity_src_gen.pdbx_src_id                        1 
_entity_src_gen.pdbx_alt_source_flag               sample 
_entity_src_gen.pdbx_seq_type                      ? 
_entity_src_gen.pdbx_beg_seq_num                   ? 
_entity_src_gen.pdbx_end_seq_num                   ? 
_entity_src_gen.gene_src_common_name               ? 
_entity_src_gen.gene_src_genus                     Escherichia 
_entity_src_gen.pdbx_gene_src_gene                 ydhR 
_entity_src_gen.gene_src_species                   ? 
_entity_src_gen.gene_src_strain                    ? 
_entity_src_gen.gene_src_tissue                    ? 
_entity_src_gen.gene_src_tissue_fraction           ? 
_entity_src_gen.gene_src_details                   ? 
_entity_src_gen.pdbx_gene_src_fragment             ? 
_entity_src_gen.pdbx_gene_src_scientific_name      'Escherichia coli' 
_entity_src_gen.pdbx_gene_src_ncbi_taxonomy_id     562 
_entity_src_gen.pdbx_gene_src_variant              ? 
_entity_src_gen.pdbx_gene_src_cell_line            ? 
_entity_src_gen.pdbx_gene_src_atcc                 ? 
_entity_src_gen.pdbx_gene_src_organ                ? 
_entity_src_gen.pdbx_gene_src_organelle            ? 
_entity_src_gen.pdbx_gene_src_cell                 ? 
_entity_src_gen.pdbx_gene_src_cellular_location    ? 
_entity_src_gen.host_org_common_name               ? 
_entity_src_gen.pdbx_host_org_scientific_name      'Escherichia coli' 
_entity_src_gen.pdbx_host_org_ncbi_taxonomy_id     562 
_entity_src_gen.host_org_genus                     Escherichia 
_entity_src_gen.pdbx_host_org_gene                 ? 
_entity_src_gen.pdbx_host_org_organ                ? 
_entity_src_gen.host_org_species                   ? 
_entity_src_gen.pdbx_host_org_tissue               ? 
_entity_src_gen.pdbx_host_org_tissue_fraction      ? 
_entity_src_gen.pdbx_host_org_strain               ? 
_entity_src_gen.pdbx_host_org_variant              ? 
_entity_src_gen.pdbx_host_org_cell_line            ? 
_entity_src_gen.pdbx_host_org_atcc                 ? 
_entity_src_gen.pdbx_host_org_culture_collection   ? 
_entity_src_gen.pdbx_host_org_cell                 ? 
_entity_src_gen.pdbx_host_org_organelle            ? 
_entity_src_gen.pdbx_host_org_cellular_location    ? 
_entity_src_gen.pdbx_host_org_vector_type          Plasmid 
_entity_src_gen.pdbx_host_org_vector               ? 
_entity_src_gen.host_org_details                   ? 
_entity_src_gen.expression_system_id               ? 
_entity_src_gen.plasmid_name                       PCA24N 
_entity_src_gen.plasmid_details                    ? 
_entity_src_gen.pdbx_description                   ? 
# 
loop_
_chem_comp.id 
_chem_comp.type 
_chem_comp.mon_nstd_flag 
_chem_comp.name 
_chem_comp.pdbx_synonyms 
_chem_comp.formula 
_chem_comp.formula_weight 
ALA 'L-peptide linking' y ALANINE         ? 'C3 H7 N O2'     89.093  
ARG 'L-peptide linking' y ARGININE        ? 'C6 H15 N4 O2 1' 175.209 
ASN 'L-peptide linking' y ASPARAGINE      ? 'C4 H8 N2 O3'    132.118 
ASP 'L-peptide linking' y 'ASPARTIC ACID' ? 'C4 H7 N O4'     133.103 
CYS 'L-peptide linking' y CYSTEINE        ? 'C3 H7 N O2 S'   121.158 
GLN 'L-peptide linking' y GLUTAMINE       ? 'C5 H10 N2 O3'   146.144 
GLU 'L-peptide linking' y 'GLUTAMIC ACID' ? 'C5 H9 N O4'     147.129 
GLY 'peptide linking'   y GLYCINE         ? 'C2 H5 N O2'     75.067  
HIS 'L-peptide linking' y HISTIDINE       ? 'C6 H10 N3 O2 1' 156.162 
HOH non-polymer         . WATER           ? 'H2 O'           18.015  
ILE 'L-peptide linking' y ISOLEUCINE      ? 'C6 H13 N O2'    131.173 
LEU 'L-peptide linking' y LEUCINE         ? 'C6 H13 N O2'    131.173 
LYS 'L-peptide linking' y LYSINE          ? 'C6 H15 N2 O2 1' 147.195 
MET 'L-peptide linking' y METHIONINE      ? 'C5 H11 N O2 S'  149.211 
PHE 'L-peptide linking' y PHENYLALANINE   ? 'C9 H11 N O2'    165.189 
PRO 'L-peptide linking' y PROLINE         ? 'C5 H9 N O2'     115.130 
SER 'L-peptide linking' y SERINE          ? 'C3 H7 N O3'     105.093 
THR 'L-peptide linking' y THREONINE       ? 'C4 H9 N O3'     119.119 
TRP 'L-peptide linking' y TRYPTOPHAN      ? 'C11 H12 N2 O2'  204.225 
TYR 'L-peptide linking' y TYROSINE        ? 'C9 H11 N O3'    181.189 
VAL 'L-peptide linking' y VALINE          ? 'C5 H11 N O2'    117.146 
# 
loop_
_pdbx_poly_seq_scheme.asym_id 
_pdbx_poly_seq_scheme.entity_id 
_pdbx_poly_seq_scheme.seq_id 
_pdbx_poly_seq_scheme.mon_id 
_pdbx_poly_seq_scheme.ndb_seq_num 
_pdbx_poly_seq_scheme.pdb_seq_num 
_pdbx_poly_seq_scheme.auth_seq_num 
_pdbx_poly_seq_scheme.pdb_mon_id 
_pdbx_poly_seq_scheme.auth_mon_id 
_pdbx_poly_seq_scheme.pdb_strand_id 
_pdbx_poly_seq_scheme.pdb_ins_code 
_pdbx_poly_seq_scheme.hetero 
A 1 1   MET 1   1   ?   ?   ?   A . n 
A 1 2   THR 2   2   ?   ?   ?   A . n 
A 1 3   ASP 3   3   ?   ?   ?   A . n 
A 1 4   PRO 4   4   ?   ?   ?   A . n 
A 1 5   ALA 5   5   ?   ?   ?   A . n 
A 1 6   LEU 6   6   ?   ?   ?   A . n 
A 1 7   ARG 7   7   ?   ?   ?   A . n 
A 1 8   ALA 8   8   ?   ?   ?   A . n 
A 1 9   ALA 9   9   9   ALA ALA A . n 
A 1 10  THR 10  10  10  THR THR A . n 
A 1 11  LEU 11  11  11  LEU LEU A . n 
A 1 12  LEU 12  12  12  LEU LEU A . n 
A 1 13  GLN 13  13  13  GLN GLN A . n 
A 1 14  LEU 14  14  14  LEU LEU A . n 
A 1 15  HIS 15  15  15  HIS HIS A . n 
A 1 16  PHE 16  16  16  PHE PHE A . n 
A 1 17  ALA 17  17  17  ALA ALA A . n 
A 1 18  PHE 18  18  18  PHE PHE A . n 
A 1 19  ASN 19  19  19  ASN ASN A . n 
A 1 20  GLY 20  20  20  GLY GLY A . n 
A 1 21  PRO 21  21  21  PRO PRO A . n 
A 1 22  PHE 22  22  22  PHE PHE A . n 
A 1 23  GLY 23  23  23  GLY GLY A . n 
A 1 24  ASP 24  24  24  ASP ASP A . n 
A 1 25  ALA 25  25  25  ALA ALA A . n 
A 1 26  MET 26  26  26  MET MET A . n 
A 1 27  ALA 27  27  27  ALA ALA A . n 
A 1 28  GLU 28  28  28  GLU GLU A . n 
A 1 29  GLN 29  29  29  GLN GLN A . n 
A 1 30  LEU 30  30  30  LEU LEU A . n 
A 1 31  LYS 31  31  31  LYS LYS A . n 
A 1 32  PRO 32  32  32  PRO PRO A . n 
A 1 33  LEU 33  33  33  LEU LEU A . n 
A 1 34  ALA 34  34  34  ALA ALA A . n 
A 1 35  GLU 35  35  35  GLU GLU A . n 
A 1 36  SER 36  36  36  SER SER A . n 
A 1 37  ILE 37  37  37  ILE ILE A . n 
A 1 38  ASN 38  38  38  ASN ASN A . n 
A 1 39  GLN 39  39  39  GLN GLN A . n 
A 1 40  GLU 40  40  40  GLU GLU A . n 
A 1 41  PRO 41  41  41  PRO PRO A . n 
A 1 42  GLY 42  42  42  GLY GLY A . n 
A 1 43  PHE 43  43  43  PHE PHE A . n 
A 1 44  LEU 44  44  44  LEU LEU A . n 
A 1 45  TRP 45  45  45  TRP TRP A . n 
A 1 46  LYS 46  46  46  LYS LYS A . n 
A 1 47  VAL 47  47  47  VAL VAL A . n 
A 1 48  TRP 48  48  48  TRP TRP A . n 
A 1 49  THR 49  49  49  THR THR A . n 
A 1 50  GLU 50  50  50  GLU GLU A . n 
A 1 51  SER 51  51  51  SER SER A . n 
A 1 52  GLU 52  52  52  GLU GLU A . n 
A 1 53  LYS 53  53  53  LYS LYS A . n 
A 1 54  ASN 54  54  54  ASN ASN A . n 
A 1 55  HIS 55  55  55  HIS HIS A . n 
A 1 56  GLU 56  56  56  GLU GLU A . n 
A 1 57  ALA 57  57  57  ALA ALA A . n 
A 1 58  GLY 58  58  58  GLY GLY A . n 
A 1 59  GLY 59  59  59  GLY GLY A . n 
A 1 60  ILE 60  60  60  ILE ILE A . n 
A 1 61  TYR 61  61  61  TYR TYR A . n 
A 1 62  LEU 62  62  62  LEU LEU A . n 
A 1 63  PHE 63  63  63  PHE PHE A . n 
A 1 64  THR 64  64  64  THR THR A . n 
A 1 65  ASP 65  65  65  ASP ASP A . n 
A 1 66  GLU 66  66  66  GLU GLU A . n 
A 1 67  LYS 67  67  67  LYS LYS A . n 
A 1 68  SER 68  68  68  SER SER A . n 
A 1 69  ALA 69  69  69  ALA ALA A . n 
A 1 70  LEU 70  70  70  LEU LEU A . n 
A 1 71  ALA 71  71  71  ALA ALA A . n 
A 1 72  TYR 72  72  72  TYR TYR A . n 
A 1 73  LEU 73  73  73  LEU LEU A . n 
A 1 74  GLU 74  74  74  GLU GLU A . n 
A 1 75  LYS 75  75  75  LYS LYS A . n 
A 1 76  HIS 76  76  76  HIS HIS A . n 
A 1 77  THR 77  77  77  THR THR A . n 
A 1 78  ALA 78  78  78  ALA ALA A . n 
A 1 79  ARG 79  79  79  ARG ARG A . n 
A 1 80  LEU 80  80  80  LEU LEU A . n 
A 1 81  LYS 81  81  81  LYS LYS A . n 
A 1 82  ASN 82  82  82  ASN ASN A . n 
A 1 83  LEU 83  83  83  LEU LEU A . n 
A 1 84  GLY 84  84  84  GLY GLY A . n 
A 1 85  VAL 85  85  85  VAL VAL A . n 
A 1 86  GLU 86  86  86  GLU GLU A . n 
A 1 87  GLU 87  87  87  GLU GLU A . n 
A 1 88  VAL 88  88  88  VAL VAL A . n 
A 1 89  VAL 89  89  89  VAL VAL A . n 
A 1 90  ALA 90  90  90  ALA ALA A . n 
A 1 91  LYS 91  91  91  LYS LYS A . n 
A 1 92  VAL 92  92  92  VAL VAL A . n 
A 1 93  PHE 93  93  93  PHE PHE A . n 
A 1 94  ASP 94  94  94  ASP ASP A . n 
A 1 95  VAL 95  95  95  VAL VAL A . n 
A 1 96  ASN 96  96  96  ASN ASN A . n 
A 1 97  GLU 97  97  97  GLU GLU A . n 
A 1 98  PRO 98  98  98  PRO PRO A . n 
A 1 99  LEU 99  99  99  LEU LEU A . n 
A 1 100 SER 100 100 100 SER SER A . n 
A 1 101 GLN 101 101 101 GLN GLN A . n 
A 1 102 ILE 102 102 102 ILE ILE A . n 
A 1 103 ASN 103 103 103 ASN ASN A . n 
A 1 104 GLN 104 104 104 GLN GLN A . n 
A 1 105 ALA 105 105 ?   ?   ?   A . n 
A 1 106 LYS 106 106 ?   ?   ?   A . n 
A 1 107 LEU 107 107 ?   ?   ?   A . n 
A 1 108 ALA 108 108 ?   ?   ?   A . n 
A 1 109 GLY 109 109 ?   ?   ?   A . n 
A 1 110 LEU 110 110 ?   ?   ?   A . n 
A 1 111 CYS 111 111 ?   ?   ?   A . n 
A 1 112 GLY 112 112 ?   ?   ?   A . n 
A 1 113 ARG 113 113 ?   ?   ?   A . n 
B 1 1   MET 1   1   ?   ?   ?   B . n 
B 1 2   THR 2   2   ?   ?   ?   B . n 
B 1 3   ASP 3   3   ?   ?   ?   B . n 
B 1 4   PRO 4   4   ?   ?   ?   B . n 
B 1 5   ALA 5   5   ?   ?   ?   B . n 
B 1 6   LEU 6   6   ?   ?   ?   B . n 
B 1 7   ARG 7   7   ?   ?   ?   B . n 
B 1 8   ALA 8   8   ?   ?   ?   B . n 
B 1 9   ALA 9   9   9   ALA ALA B . n 
B 1 10  THR 10  10  10  THR THR B . n 
B 1 11  LEU 11  11  11  LEU LEU B . n 
B 1 12  LEU 12  12  12  LEU LEU B . n 
B 1 13  GLN 13  13  13  GLN GLN B . n 
B 1 14  LEU 14  14  14  LEU LEU B . n 
B 1 15  HIS 15  15  15  HIS HIS B . n 
B 1 16  PHE 16  16  16  PHE PHE B . n 
B 1 17  ALA 17  17  17  ALA ALA B . n 
B 1 18  PHE 18  18  18  PHE PHE B . n 
B 1 19  ASN 19  19  19  ASN ASN B . n 
B 1 20  GLY 20  20  20  GLY GLY B . n 
B 1 21  PRO 21  21  21  PRO PRO B . n 
B 1 22  PHE 22  22  22  PHE PHE B . n 
B 1 23  GLY 23  23  23  GLY GLY B . n 
B 1 24  ASP 24  24  24  ASP ASP B . n 
B 1 25  ALA 25  25  25  ALA ALA B . n 
B 1 26  MET 26  26  26  MET MET B . n 
B 1 27  ALA 27  27  27  ALA ALA B . n 
B 1 28  GLU 28  28  28  GLU GLU B . n 
B 1 29  GLN 29  29  29  GLN GLN B . n 
B 1 30  LEU 30  30  30  LEU LEU B . n 
B 1 31  LYS 31  31  31  LYS LYS B . n 
B 1 32  PRO 32  32  32  PRO PRO B . n 
B 1 33  LEU 33  33  33  LEU LEU B . n 
B 1 34  ALA 34  34  34  ALA ALA B . n 
B 1 35  GLU 35  35  35  GLU GLU B . n 
B 1 36  SER 36  36  36  SER SER B . n 
B 1 37  ILE 37  37  37  ILE ILE B . n 
B 1 38  ASN 38  38  38  ASN ASN B . n 
B 1 39  GLN 39  39  39  GLN GLN B . n 
B 1 40  GLU 40  40  40  GLU GLU B . n 
B 1 41  PRO 41  41  41  PRO PRO B . n 
B 1 42  GLY 42  42  42  GLY GLY B . n 
B 1 43  PHE 43  43  43  PHE PHE B . n 
B 1 44  LEU 44  44  44  LEU LEU B . n 
B 1 45  TRP 45  45  45  TRP TRP B . n 
B 1 46  LYS 46  46  46  LYS LYS B . n 
B 1 47  VAL 47  47  47  VAL VAL B . n 
B 1 48  TRP 48  48  48  TRP TRP B . n 
B 1 49  THR 49  49  49  THR THR B . n 
B 1 50  GLU 50  50  50  GLU GLU B . n 
B 1 51  SER 51  51  51  SER SER B . n 
B 1 52  GLU 52  52  52  GLU GLU B . n 
B 1 53  LYS 53  53  53  LYS LYS B . n 
B 1 54  ASN 54  54  54  ASN ASN B . n 
B 1 55  HIS 55  55  55  HIS HIS B . n 
B 1 56  GLU 56  56  56  GLU GLU B . n 
B 1 57  ALA 57  57  57  ALA ALA B . n 
B 1 58  GLY 58  58  58  GLY GLY B . n 
B 1 59  GLY 59  59  59  GLY GLY B . n 
B 1 60  ILE 60  60  60  ILE ILE B . n 
B 1 61  TYR 61  61  61  TYR TYR B . n 
B 1 62  LEU 62  62  62  LEU LEU B . n 
B 1 63  PHE 63  63  63  PHE PHE B . n 
B 1 64  THR 64  64  64  THR THR B . n 
B 1 65  ASP 65  65  65  ASP ASP B . n 
B 1 66  GLU 66  66  66  GLU GLU B . n 
B 1 67  LYS 67  67  67  LYS LYS B . n 
B 1 68  SER 68  68  68  SER SER B . n 
B 1 69  ALA 69  69  69  ALA ALA B . n 
B 1 70  LEU 70  70  70  LEU LEU B . n 
B 1 71  ALA 71  71  71  ALA ALA B . n 
B 1 72  TYR 72  72  72  TYR TYR B . n 
B 1 73  LEU 73  73  73  LEU LEU B . n 
B 1 74  GLU 74  74  74  GLU GLU B . n 
B 1 75  LYS 75  75  75  LYS LYS B . n 
B 1 76  HIS 76  76  76  HIS HIS B . n 
B 1 77  THR 77  77  77  THR THR B . n 
B 1 78  ALA 78  78  78  ALA ALA B . n 
B 1 79  ARG 79  79  79  ARG ARG B . n 
B 1 80  LEU 80  80  80  LEU LEU B . n 
B 1 81  LYS 81  81  81  LYS LYS B . n 
B 1 82  ASN 82  82  82  ASN ASN B . n 
B 1 83  LEU 83  83  83  LEU LEU B . n 
B 1 84  GLY 84  84  84  GLY GLY B . n 
B 1 85  VAL 85  85  85  VAL VAL B . n 
B 1 86  GLU 86  86  86  GLU GLU B . n 
B 1 87  GLU 87  87  87  GLU GLU B . n 
B 1 88  VAL 88  88  88  VAL VAL B . n 
B 1 89  VAL 89  89  89  VAL VAL B . n 
B 1 90  ALA 90  90  90  ALA ALA B . n 
B 1 91  LYS 91  91  91  LYS LYS B . n 
B 1 92  VAL 92  92  92  VAL VAL B . n 
B 1 93  PHE 93  93  93  PHE PHE B . n 
B 1 94  ASP 94  94  94  ASP ASP B . n 
B 1 95  VAL 95  95  95  VAL VAL B . n 
B 1 96  ASN 96  96  96  ASN ASN B . n 
B 1 97  GLU 97  97  97  GLU GLU B . n 
B 1 98  PRO 98  98  98  PRO PRO B . n 
B 1 99  LEU 99  99  99  LEU LEU B . n 
B 1 100 SER 100 100 100 SER SER B . n 
B 1 101 GLN 101 101 101 GLN GLN B . n 
B 1 102 ILE 102 102 102 ILE ILE B . n 
B 1 103 ASN 103 103 103 ASN ASN B . n 
B 1 104 GLN 104 104 104 GLN GLN B . n 
B 1 105 ALA 105 105 ?   ?   ?   B . n 
B 1 106 LYS 106 106 ?   ?   ?   B . n 
B 1 107 LEU 107 107 ?   ?   ?   B . n 
B 1 108 ALA 108 108 ?   ?   ?   B . n 
B 1 109 GLY 109 109 ?   ?   ?   B . n 
B 1 110 LEU 110 110 ?   ?   ?   B . n 
B 1 111 CYS 111 111 ?   ?   ?   B . n 
B 1 112 GLY 112 112 ?   ?   ?   B . n 
B 1 113 ARG 113 113 ?   ?   ?   B . n 
# 
loop_
_pdbx_nonpoly_scheme.asym_id 
_pdbx_nonpoly_scheme.entity_id 
_pdbx_nonpoly_scheme.mon_id 
_pdbx_nonpoly_scheme.ndb_seq_num 
_pdbx_nonpoly_scheme.pdb_seq_num 
_pdbx_nonpoly_scheme.auth_seq_num 
_pdbx_nonpoly_scheme.pdb_mon_id 
_pdbx_nonpoly_scheme.auth_mon_id 
_pdbx_nonpoly_scheme.pdb_strand_id 
_pdbx_nonpoly_scheme.pdb_ins_code 
C 2 HOH 1  114 2   HOH HOH A . 
C 2 HOH 2  115 3   HOH HOH A . 
C 2 HOH 3  116 4   HOH HOH A . 
C 2 HOH 4  117 5   HOH HOH A . 
C 2 HOH 5  118 6   HOH HOH A . 
C 2 HOH 6  119 8   HOH HOH A . 
C 2 HOH 7  120 9   HOH HOH A . 
C 2 HOH 8  121 12  HOH HOH A . 
C 2 HOH 9  122 15  HOH HOH A . 
C 2 HOH 10 123 17  HOH HOH A . 
C 2 HOH 11 124 18  HOH HOH A . 
C 2 HOH 12 125 21  HOH HOH A . 
C 2 HOH 13 126 23  HOH HOH A . 
C 2 HOH 14 127 25  HOH HOH A . 
C 2 HOH 15 128 26  HOH HOH A . 
C 2 HOH 16 129 27  HOH HOH A . 
C 2 HOH 17 130 29  HOH HOH A . 
C 2 HOH 18 131 30  HOH HOH A . 
C 2 HOH 19 132 31  HOH HOH A . 
C 2 HOH 20 133 32  HOH HOH A . 
C 2 HOH 21 134 33  HOH HOH A . 
C 2 HOH 22 135 34  HOH HOH A . 
C 2 HOH 23 136 35  HOH HOH A . 
C 2 HOH 24 137 36  HOH HOH A . 
C 2 HOH 25 138 38  HOH HOH A . 
C 2 HOH 26 139 41  HOH HOH A . 
C 2 HOH 27 140 42  HOH HOH A . 
C 2 HOH 28 141 43  HOH HOH A . 
C 2 HOH 29 142 45  HOH HOH A . 
C 2 HOH 30 143 46  HOH HOH A . 
C 2 HOH 31 144 47  HOH HOH A . 
C 2 HOH 32 145 48  HOH HOH A . 
C 2 HOH 33 146 51  HOH HOH A . 
C 2 HOH 34 147 52  HOH HOH A . 
C 2 HOH 35 148 53  HOH HOH A . 
C 2 HOH 36 149 54  HOH HOH A . 
C 2 HOH 37 150 57  HOH HOH A . 
C 2 HOH 38 151 59  HOH HOH A . 
C 2 HOH 39 152 62  HOH HOH A . 
C 2 HOH 40 153 63  HOH HOH A . 
C 2 HOH 41 154 65  HOH HOH A . 
C 2 HOH 42 155 68  HOH HOH A . 
C 2 HOH 43 156 69  HOH HOH A . 
C 2 HOH 44 157 71  HOH HOH A . 
C 2 HOH 45 158 77  HOH HOH A . 
C 2 HOH 46 159 79  HOH HOH A . 
C 2 HOH 47 160 81  HOH HOH A . 
C 2 HOH 48 161 82  HOH HOH A . 
C 2 HOH 49 162 83  HOH HOH A . 
C 2 HOH 50 163 84  HOH HOH A . 
C 2 HOH 51 164 86  HOH HOH A . 
C 2 HOH 52 165 87  HOH HOH A . 
C 2 HOH 53 166 89  HOH HOH A . 
C 2 HOH 54 167 90  HOH HOH A . 
C 2 HOH 55 168 91  HOH HOH A . 
C 2 HOH 56 169 92  HOH HOH A . 
C 2 HOH 57 170 94  HOH HOH A . 
C 2 HOH 58 171 95  HOH HOH A . 
C 2 HOH 59 172 96  HOH HOH A . 
C 2 HOH 60 173 97  HOH HOH A . 
C 2 HOH 61 174 100 HOH HOH A . 
D 2 HOH 1  114 1   HOH HOH B . 
D 2 HOH 2  115 7   HOH HOH B . 
D 2 HOH 3  116 10  HOH HOH B . 
D 2 HOH 4  117 11  HOH HOH B . 
D 2 HOH 5  118 13  HOH HOH B . 
D 2 HOH 6  119 14  HOH HOH B . 
D 2 HOH 7  120 16  HOH HOH B . 
D 2 HOH 8  121 19  HOH HOH B . 
D 2 HOH 9  122 20  HOH HOH B . 
D 2 HOH 10 123 22  HOH HOH B . 
D 2 HOH 11 124 24  HOH HOH B . 
D 2 HOH 12 125 28  HOH HOH B . 
D 2 HOH 13 126 37  HOH HOH B . 
D 2 HOH 14 127 39  HOH HOH B . 
D 2 HOH 15 128 40  HOH HOH B . 
D 2 HOH 16 129 44  HOH HOH B . 
D 2 HOH 17 130 49  HOH HOH B . 
D 2 HOH 18 131 50  HOH HOH B . 
D 2 HOH 19 132 55  HOH HOH B . 
D 2 HOH 20 133 56  HOH HOH B . 
D 2 HOH 21 134 58  HOH HOH B . 
D 2 HOH 22 135 60  HOH HOH B . 
D 2 HOH 23 136 61  HOH HOH B . 
D 2 HOH 24 137 64  HOH HOH B . 
D 2 HOH 25 138 66  HOH HOH B . 
D 2 HOH 26 139 67  HOH HOH B . 
D 2 HOH 27 140 70  HOH HOH B . 
D 2 HOH 28 141 72  HOH HOH B . 
D 2 HOH 29 142 73  HOH HOH B . 
D 2 HOH 30 143 74  HOH HOH B . 
D 2 HOH 31 144 75  HOH HOH B . 
D 2 HOH 32 145 76  HOH HOH B . 
D 2 HOH 33 146 78  HOH HOH B . 
D 2 HOH 34 147 80  HOH HOH B . 
D 2 HOH 35 148 85  HOH HOH B . 
D 2 HOH 36 149 88  HOH HOH B . 
D 2 HOH 37 150 93  HOH HOH B . 
D 2 HOH 38 151 98  HOH HOH B . 
D 2 HOH 39 152 99  HOH HOH B . 
D 2 HOH 40 153 101 HOH HOH B . 
# 
loop_
_software.name 
_software.classification 
_software.version 
_software.citation_id 
_software.pdbx_ordinal 
CNS           refinement       1.1 ? 1 
HKL-2000      'data reduction' .   ? 2 
HKL-2000      'data scaling'   .   ? 3 
SCA2STRUCTURE phasing          .   ? 4 
# 
_cell.entry_id           2HIQ 
_cell.length_a           84.960 
_cell.length_b           84.960 
_cell.length_c           95.940 
_cell.angle_alpha        90.00 
_cell.angle_beta         90.00 
_cell.angle_gamma        120.00 
_cell.Z_PDB              12 
_cell.pdbx_unique_axis   ? 
_cell.length_a_esd       ? 
_cell.length_b_esd       ? 
_cell.length_c_esd       ? 
_cell.angle_alpha_esd    ? 
_cell.angle_beta_esd     ? 
_cell.angle_gamma_esd    ? 
# 
_symmetry.entry_id                         2HIQ 
_symmetry.space_group_name_H-M             'P 32 2 1' 
_symmetry.pdbx_full_space_group_name_H-M   ? 
_symmetry.cell_setting                     ? 
_symmetry.Int_Tables_number                154 
_symmetry.space_group_name_Hall            ? 
# 
_exptl.entry_id          2HIQ 
_exptl.method            'X-RAY DIFFRACTION' 
_exptl.crystals_number   1 
# 
_exptl_crystal.id                    1 
_exptl_crystal.density_meas          ? 
_exptl_crystal.density_Matthews      3.99 
_exptl_crystal.density_percent_sol   69.19 
_exptl_crystal.description           ? 
_exptl_crystal.F_000                 ? 
_exptl_crystal.preparation           ? 
# 
_exptl_crystal_grow.crystal_id      1 
_exptl_crystal_grow.method          'VAPOR DIFFUSION' 
_exptl_crystal_grow.temp            298 
_exptl_crystal_grow.temp_details    ? 
_exptl_crystal_grow.pH              6.6 
_exptl_crystal_grow.pdbx_details    '100 mM Sodium Cacodylate, 2.5 M Ammonium Sulfate, pH 6.6, VAPOR DIFFUSION, temperature 298K' 
_exptl_crystal_grow.pdbx_pH_range   . 
# 
_diffrn.id                     1 
_diffrn.ambient_temp           100 
_diffrn.ambient_temp_details   ? 
_diffrn.crystal_id             1 
# 
_diffrn_detector.diffrn_id              1 
_diffrn_detector.detector               CCD 
_diffrn_detector.type                   'MARMOSAIC 300 mm CCD' 
_diffrn_detector.pdbx_collection_date   2006-03-02 
_diffrn_detector.details                Rosenbaum 
# 
_diffrn_radiation.diffrn_id                        1 
_diffrn_radiation.wavelength_id                    1 
_diffrn_radiation.pdbx_monochromatic_or_laue_m_l   M 
_diffrn_radiation.monochromator                    SI220 
_diffrn_radiation.pdbx_diffrn_protocol             'SINGLE WAVELENGTH' 
_diffrn_radiation.pdbx_scattering_type             x-ray 
# 
_diffrn_radiation_wavelength.id           1 
_diffrn_radiation_wavelength.wavelength   0.9724 
_diffrn_radiation_wavelength.wt           1.0 
# 
_diffrn_source.diffrn_id                   1 
_diffrn_source.source                      SYNCHROTRON 
_diffrn_source.type                        'APS BEAMLINE 22-ID' 
_diffrn_source.pdbx_synchrotron_site       APS 
_diffrn_source.pdbx_synchrotron_beamline   22-ID 
_diffrn_source.pdbx_wavelength             ? 
_diffrn_source.pdbx_wavelength_list        0.9724 
# 
_reflns.entry_id                     2HIQ 
_reflns.observed_criterion_sigma_I   0 
_reflns.observed_criterion_sigma_F   0 
_reflns.d_resolution_low             50 
_reflns.d_resolution_high            2 
_reflns.number_obs                   27533 
_reflns.number_all                   27533 
_reflns.percent_possible_obs         100 
_reflns.pdbx_Rmerge_I_obs            0.074 
_reflns.pdbx_Rsym_value              0.074 
_reflns.pdbx_netI_over_sigmaI        17.9 
_reflns.B_iso_Wilson_estimate        15.5 
_reflns.pdbx_redundancy              13.1 
_reflns.R_free_details               ? 
_reflns.limit_h_max                  ? 
_reflns.limit_h_min                  ? 
_reflns.limit_k_max                  ? 
_reflns.limit_k_min                  ? 
_reflns.limit_l_max                  ? 
_reflns.limit_l_min                  ? 
_reflns.observed_criterion_F_max     ? 
_reflns.observed_criterion_F_min     ? 
_reflns.pdbx_chi_squared             ? 
_reflns.pdbx_scaling_rejects         ? 
_reflns.pdbx_diffrn_id               1 
_reflns.pdbx_ordinal                 1 
# 
_reflns_shell.d_res_high             2.00 
_reflns_shell.d_res_low              2.07 
_reflns_shell.percent_possible_all   100 
_reflns_shell.Rmerge_I_obs           0.476 
_reflns_shell.pdbx_Rsym_value        0.476 
_reflns_shell.meanI_over_sigI_obs    7.2 
_reflns_shell.pdbx_redundancy        11.8 
_reflns_shell.percent_possible_obs   ? 
_reflns_shell.number_unique_all      2721 
_reflns_shell.number_measured_all    ? 
_reflns_shell.number_measured_obs    ? 
_reflns_shell.number_unique_obs      ? 
_reflns_shell.pdbx_chi_squared       ? 
_reflns_shell.pdbx_diffrn_id         ? 
_reflns_shell.pdbx_ordinal           1 
# 
_refine.entry_id                                 2HIQ 
_refine.ls_number_reflns_obs                     26848 
_refine.ls_number_reflns_all                     26848 
_refine.pdbx_ls_sigma_I                          ? 
_refine.pdbx_ls_sigma_F                          0.0 
_refine.pdbx_data_cutoff_high_absF               251092.76 
_refine.pdbx_data_cutoff_low_absF                0.000000 
_refine.pdbx_data_cutoff_high_rms_absF           ? 
_refine.ls_d_res_low                             19.96 
_refine.ls_d_res_high                            2.00 
_refine.ls_percent_reflns_obs                    97.5 
_refine.ls_R_factor_obs                          0.249 
_refine.ls_R_factor_all                          0.255 
_refine.ls_R_factor_R_work                       0.249 
_refine.ls_R_factor_R_free                       0.27 
_refine.ls_R_factor_R_free_error                 0.007 
_refine.ls_R_factor_R_free_error_details         ? 
_refine.ls_percent_reflns_R_free                 4.9 
_refine.ls_number_reflns_R_free                  1307 
_refine.ls_number_parameters                     ? 
_refine.ls_number_restraints                     ? 
_refine.occupancy_min                            ? 
_refine.occupancy_max                            ? 
_refine.correlation_coeff_Fo_to_Fc               ? 
_refine.correlation_coeff_Fo_to_Fc_free          ? 
_refine.B_iso_mean                               30.1 
_refine.aniso_B[1][1]                            1.03 
_refine.aniso_B[2][2]                            1.03 
_refine.aniso_B[3][3]                            -2.06 
_refine.aniso_B[1][2]                            1.88 
_refine.aniso_B[1][3]                            0.00 
_refine.aniso_B[2][3]                            0.00 
_refine.solvent_model_details                    'FLAT MODEL' 
_refine.solvent_model_param_ksol                 0.360105 
_refine.solvent_model_param_bsol                 42.8365 
_refine.pdbx_solvent_vdw_probe_radii             ? 
_refine.pdbx_solvent_ion_probe_radii             ? 
_refine.pdbx_solvent_shrinkage_radii             ? 
_refine.pdbx_ls_cross_valid_method               THROUGHOUT 
_refine.details                                  ? 
_refine.pdbx_starting_model                      ? 
_refine.pdbx_method_to_determine_struct          SAD 
_refine.pdbx_isotropic_thermal_model             RESTRAINED 
_refine.pdbx_stereochemistry_target_values       'Engh & Huber' 
_refine.pdbx_stereochem_target_val_spec_case     ? 
_refine.pdbx_R_Free_selection_details            RANDOM 
_refine.pdbx_overall_ESU_R                       ? 
_refine.pdbx_overall_ESU_R_Free                  ? 
_refine.overall_SU_ML                            ? 
_refine.overall_SU_B                             ? 
_refine.ls_redundancy_reflns_obs                 ? 
_refine.B_iso_min                                ? 
_refine.B_iso_max                                ? 
_refine.overall_SU_R_Cruickshank_DPI             ? 
_refine.overall_SU_R_free                        ? 
_refine.ls_wR_factor_R_free                      ? 
_refine.ls_wR_factor_R_work                      ? 
_refine.overall_FOM_free_R_set                   ? 
_refine.overall_FOM_work_R_set                   ? 
_refine.pdbx_refine_id                           'X-RAY DIFFRACTION' 
_refine.pdbx_diffrn_id                           1 
_refine.pdbx_TLS_residual_ADP_flag               ? 
_refine.pdbx_overall_phase_error                 ? 
_refine.pdbx_overall_SU_R_free_Cruickshank_DPI   ? 
_refine.pdbx_overall_SU_R_Blow_DPI               ? 
_refine.pdbx_overall_SU_R_free_Blow_DPI          ? 
# 
_refine_analyze.entry_id                        2HIQ 
_refine_analyze.Luzzati_coordinate_error_obs    0.30 
_refine_analyze.Luzzati_sigma_a_obs             0.25 
_refine_analyze.Luzzati_d_res_low_obs           5.00 
_refine_analyze.Luzzati_coordinate_error_free   0.34 
_refine_analyze.Luzzati_sigma_a_free            0.30 
_refine_analyze.Luzzati_d_res_low_free          ? 
_refine_analyze.number_disordered_residues      ? 
_refine_analyze.occupancy_sum_hydrogen          ? 
_refine_analyze.occupancy_sum_non_hydrogen      ? 
_refine_analyze.pdbx_Luzzati_d_res_high_obs     ? 
_refine_analyze.pdbx_refine_id                  'X-RAY DIFFRACTION' 
# 
_refine_hist.pdbx_refine_id                   'X-RAY DIFFRACTION' 
_refine_hist.cycle_id                         LAST 
_refine_hist.pdbx_number_atoms_protein        1524 
_refine_hist.pdbx_number_atoms_nucleic_acid   0 
_refine_hist.pdbx_number_atoms_ligand         0 
_refine_hist.number_atoms_solvent             101 
_refine_hist.number_atoms_total               1625 
_refine_hist.d_res_high                       2.00 
_refine_hist.d_res_low                        19.96 
# 
loop_
_refine_ls_restr.type 
_refine_ls_restr.dev_ideal 
_refine_ls_restr.dev_ideal_target 
_refine_ls_restr.weight 
_refine_ls_restr.number 
_refine_ls_restr.pdbx_refine_id 
_refine_ls_restr.pdbx_restraint_function 
c_bond_d           0.006 ?    ? ? 'X-RAY DIFFRACTION' ? 
c_angle_deg        1.2   ?    ? ? 'X-RAY DIFFRACTION' ? 
c_dihedral_angle_d 22.3  ?    ? ? 'X-RAY DIFFRACTION' ? 
c_improper_angle_d 0.74  ?    ? ? 'X-RAY DIFFRACTION' ? 
c_mcbond_it        1.35  1.50 ? ? 'X-RAY DIFFRACTION' ? 
c_mcangle_it       2.10  2.00 ? ? 'X-RAY DIFFRACTION' ? 
c_scbond_it        2.47  2.00 ? ? 'X-RAY DIFFRACTION' ? 
c_scangle_it       3.77  2.50 ? ? 'X-RAY DIFFRACTION' ? 
# 
_refine_ls_shell.pdbx_total_number_of_bins_used   6 
_refine_ls_shell.d_res_high                       2.00 
_refine_ls_shell.d_res_low                        2.13 
_refine_ls_shell.number_reflns_R_work             4200 
_refine_ls_shell.R_factor_R_work                  0.281 
_refine_ls_shell.percent_reflns_obs               97.1 
_refine_ls_shell.R_factor_R_free                  0.319 
_refine_ls_shell.R_factor_R_free_error            0.022 
_refine_ls_shell.percent_reflns_R_free            4.7 
_refine_ls_shell.number_reflns_R_free             207 
_refine_ls_shell.number_reflns_all                ? 
_refine_ls_shell.R_factor_all                     ? 
_refine_ls_shell.number_reflns_obs                ? 
_refine_ls_shell.redundancy_reflns_obs            ? 
_refine_ls_shell.pdbx_refine_id                   'X-RAY DIFFRACTION' 
# 
loop_
_pdbx_xplor_file.serial_no 
_pdbx_xplor_file.param_file 
_pdbx_xplor_file.topol_file 
_pdbx_xplor_file.pdbx_refine_id 
1 protein_rep.param protein.top 'X-RAY DIFFRACTION' 
2 water_rep.param   water.top   'X-RAY DIFFRACTION' 
# 
_struct.entry_id                  2HIQ 
_struct.title                     'Crystal structure of JW1657 from Escherichia coli' 
_struct.pdbx_model_details        ? 
_struct.pdbx_CASP_flag            ? 
_struct.pdbx_model_type_details   ? 
# 
_struct_keywords.entry_id        2HIQ 
_struct_keywords.pdbx_keywords   'STRUCTURAL GENOMICS, UNKNOWN FUNCTION' 
_struct_keywords.text            
;HYPOTHETICAL PROTEIN JW1657, STRUCTURAL GENOMICS, PSI, Protein Structure Initiative, Southeast Collaboratory for Structural Genomics, SECSG, UNKNOWN FUNCTION
;
# 
loop_
_struct_asym.id 
_struct_asym.pdbx_blank_PDB_chainid_flag 
_struct_asym.pdbx_modified 
_struct_asym.entity_id 
_struct_asym.details 
A N N 1 ? 
B N N 1 ? 
C N N 2 ? 
D N N 2 ? 
# 
_struct_ref.id                         1 
_struct_ref.db_name                    UNP 
_struct_ref.db_code                    Q2MB61_ECOLI 
_struct_ref.pdbx_db_accession          Q2MB61 
_struct_ref.entity_id                  1 
_struct_ref.pdbx_seq_one_letter_code   
;ATLLQLHFAFNGPFGDAMAEQLKPLAESINQEPGFLWKVWTESEKNHEAGGIYLFTDEKSALAYLEKHTARLKNLGVEEV
VAKVFDVNEPLSQINQAKLA
;
_struct_ref.pdbx_align_begin           2 
_struct_ref.pdbx_db_isoform            ? 
# 
loop_
_struct_ref_seq.align_id 
_struct_ref_seq.ref_id 
_struct_ref_seq.pdbx_PDB_id_code 
_struct_ref_seq.pdbx_strand_id 
_struct_ref_seq.seq_align_beg 
_struct_ref_seq.pdbx_seq_align_beg_ins_code 
_struct_ref_seq.seq_align_end 
_struct_ref_seq.pdbx_seq_align_end_ins_code 
_struct_ref_seq.pdbx_db_accession 
_struct_ref_seq.db_align_beg 
_struct_ref_seq.pdbx_db_align_beg_ins_code 
_struct_ref_seq.db_align_end 
_struct_ref_seq.pdbx_db_align_end_ins_code 
_struct_ref_seq.pdbx_auth_seq_align_beg 
_struct_ref_seq.pdbx_auth_seq_align_end 
1 1 2HIQ A 9 ? 108 ? Q2MB61 2 ? 101 ? 9 108 
2 1 2HIQ B 9 ? 108 ? Q2MB61 2 ? 101 ? 9 108 
# 
loop_
_struct_ref_seq_dif.align_id 
_struct_ref_seq_dif.pdbx_pdb_id_code 
_struct_ref_seq_dif.mon_id 
_struct_ref_seq_dif.pdbx_pdb_strand_id 
_struct_ref_seq_dif.seq_num 
_struct_ref_seq_dif.pdbx_pdb_ins_code 
_struct_ref_seq_dif.pdbx_seq_db_name 
_struct_ref_seq_dif.pdbx_seq_db_accession_code 
_struct_ref_seq_dif.db_mon_id 
_struct_ref_seq_dif.pdbx_seq_db_seq_num 
_struct_ref_seq_dif.details 
_struct_ref_seq_dif.pdbx_auth_seq_num 
_struct_ref_seq_dif.pdbx_ordinal 
1 2HIQ MET A 1   ? UNP Q2MB61 ? ? 'cloning artifact' 1   1  
1 2HIQ THR A 2   ? UNP Q2MB61 ? ? 'cloning artifact' 2   2  
1 2HIQ ASP A 3   ? UNP Q2MB61 ? ? 'cloning artifact' 3   3  
1 2HIQ PRO A 4   ? UNP Q2MB61 ? ? 'cloning artifact' 4   4  
1 2HIQ ALA A 5   ? UNP Q2MB61 ? ? 'cloning artifact' 5   5  
1 2HIQ LEU A 6   ? UNP Q2MB61 ? ? 'cloning artifact' 6   6  
1 2HIQ ARG A 7   ? UNP Q2MB61 ? ? 'cloning artifact' 7   7  
1 2HIQ ALA A 8   ? UNP Q2MB61 ? ? 'cloning artifact' 8   8  
1 2HIQ GLY A 109 ? UNP Q2MB61 ? ? 'cloning artifact' 109 9  
1 2HIQ LEU A 110 ? UNP Q2MB61 ? ? 'cloning artifact' 110 10 
1 2HIQ CYS A 111 ? UNP Q2MB61 ? ? 'cloning artifact' 111 11 
1 2HIQ GLY A 112 ? UNP Q2MB61 ? ? 'cloning artifact' 112 12 
1 2HIQ ARG A 113 ? UNP Q2MB61 ? ? 'cloning artifact' 113 13 
2 2HIQ MET B 1   ? UNP Q2MB61 ? ? 'cloning artifact' 1   14 
2 2HIQ THR B 2   ? UNP Q2MB61 ? ? 'cloning artifact' 2   15 
2 2HIQ ASP B 3   ? UNP Q2MB61 ? ? 'cloning artifact' 3   16 
2 2HIQ PRO B 4   ? UNP Q2MB61 ? ? 'cloning artifact' 4   17 
2 2HIQ ALA B 5   ? UNP Q2MB61 ? ? 'cloning artifact' 5   18 
2 2HIQ LEU B 6   ? UNP Q2MB61 ? ? 'cloning artifact' 6   19 
2 2HIQ ARG B 7   ? UNP Q2MB61 ? ? 'cloning artifact' 7   20 
2 2HIQ ALA B 8   ? UNP Q2MB61 ? ? 'cloning artifact' 8   21 
2 2HIQ GLY B 109 ? UNP Q2MB61 ? ? 'cloning artifact' 109 22 
2 2HIQ LEU B 110 ? UNP Q2MB61 ? ? 'cloning artifact' 110 23 
2 2HIQ CYS B 111 ? UNP Q2MB61 ? ? 'cloning artifact' 111 24 
2 2HIQ GLY B 112 ? UNP Q2MB61 ? ? 'cloning artifact' 112 25 
2 2HIQ ARG B 113 ? UNP Q2MB61 ? ? 'cloning artifact' 113 26 
# 
_pdbx_struct_assembly.id                   1 
_pdbx_struct_assembly.details              author_and_software_defined_assembly 
_pdbx_struct_assembly.method_details       PISA 
_pdbx_struct_assembly.oligomeric_details   dimeric 
_pdbx_struct_assembly.oligomeric_count     2 
# 
loop_
_pdbx_struct_assembly_prop.biol_id 
_pdbx_struct_assembly_prop.type 
_pdbx_struct_assembly_prop.value 
_pdbx_struct_assembly_prop.details 
1 'ABSA (A^2)' 3260 ? 
1 MORE         -15  ? 
1 'SSA (A^2)'  9490 ? 
# 
_pdbx_struct_assembly_gen.assembly_id       1 
_pdbx_struct_assembly_gen.oper_expression   1 
_pdbx_struct_assembly_gen.asym_id_list      A,B,C,D 
# 
_pdbx_struct_oper_list.id                   1 
_pdbx_struct_oper_list.type                 'identity operation' 
_pdbx_struct_oper_list.name                 1_555 
_pdbx_struct_oper_list.symmetry_operation   x,y,z 
_pdbx_struct_oper_list.matrix[1][1]         1.0000000000 
_pdbx_struct_oper_list.matrix[1][2]         0.0000000000 
_pdbx_struct_oper_list.matrix[1][3]         0.0000000000 
_pdbx_struct_oper_list.vector[1]            0.0000000000 
_pdbx_struct_oper_list.matrix[2][1]         0.0000000000 
_pdbx_struct_oper_list.matrix[2][2]         1.0000000000 
_pdbx_struct_oper_list.matrix[2][3]         0.0000000000 
_pdbx_struct_oper_list.vector[2]            0.0000000000 
_pdbx_struct_oper_list.matrix[3][1]         0.0000000000 
_pdbx_struct_oper_list.matrix[3][2]         0.0000000000 
_pdbx_struct_oper_list.matrix[3][3]         1.0000000000 
_pdbx_struct_oper_list.vector[3]            0.0000000000 
# 
loop_
_struct_conf.conf_type_id 
_struct_conf.id 
_struct_conf.pdbx_PDB_helix_id 
_struct_conf.beg_label_comp_id 
_struct_conf.beg_label_asym_id 
_struct_conf.beg_label_seq_id 
_struct_conf.pdbx_beg_PDB_ins_code 
_struct_conf.end_label_comp_id 
_struct_conf.end_label_asym_id 
_struct_conf.end_label_seq_id 
_struct_conf.pdbx_end_PDB_ins_code 
_struct_conf.beg_auth_comp_id 
_struct_conf.beg_auth_asym_id 
_struct_conf.beg_auth_seq_id 
_struct_conf.end_auth_comp_id 
_struct_conf.end_auth_asym_id 
_struct_conf.end_auth_seq_id 
_struct_conf.pdbx_PDB_helix_class 
_struct_conf.details 
_struct_conf.pdbx_PDB_helix_length 
HELX_P HELX_P1 1 PHE A 22 ? LEU A 30  ? PHE A 22 LEU A 30  1 ? 9  
HELX_P HELX_P2 2 LEU A 30 ? ASN A 38  ? LEU A 30 ASN A 38  1 ? 9  
HELX_P HELX_P3 3 ASP A 65 ? LYS A 81  ? ASP A 65 LYS A 81  1 ? 17 
HELX_P HELX_P4 4 ASN A 82 ? GLY A 84  ? ASN A 82 GLY A 84  5 ? 3  
HELX_P HELX_P5 5 ASN A 96 ? ASN A 103 ? ASN A 96 ASN A 103 1 ? 8  
HELX_P HELX_P6 6 PHE B 22 ? ASN B 38  ? PHE B 22 ASN B 38  1 ? 17 
HELX_P HELX_P7 7 ASP B 65 ? LYS B 81  ? ASP B 65 LYS B 81  1 ? 17 
HELX_P HELX_P8 8 ASN B 82 ? GLY B 84  ? ASN B 82 GLY B 84  5 ? 3  
HELX_P HELX_P9 9 ASN B 96 ? ASN B 103 ? ASN B 96 ASN B 103 1 ? 8  
# 
_struct_conf_type.id          HELX_P 
_struct_conf_type.criteria    ? 
_struct_conf_type.reference   ? 
# 
loop_
_struct_mon_prot_cis.pdbx_id 
_struct_mon_prot_cis.label_comp_id 
_struct_mon_prot_cis.label_seq_id 
_struct_mon_prot_cis.label_asym_id 
_struct_mon_prot_cis.label_alt_id 
_struct_mon_prot_cis.pdbx_PDB_ins_code 
_struct_mon_prot_cis.auth_comp_id 
_struct_mon_prot_cis.auth_seq_id 
_struct_mon_prot_cis.auth_asym_id 
_struct_mon_prot_cis.pdbx_label_comp_id_2 
_struct_mon_prot_cis.pdbx_label_seq_id_2 
_struct_mon_prot_cis.pdbx_label_asym_id_2 
_struct_mon_prot_cis.pdbx_PDB_ins_code_2 
_struct_mon_prot_cis.pdbx_auth_comp_id_2 
_struct_mon_prot_cis.pdbx_auth_seq_id_2 
_struct_mon_prot_cis.pdbx_auth_asym_id_2 
_struct_mon_prot_cis.pdbx_PDB_model_num 
_struct_mon_prot_cis.pdbx_omega_angle 
1 GLY 20 A . ? GLY 20 A PRO 21 A ? PRO 21 A 1 0.54 
2 GLY 20 B . ? GLY 20 B PRO 21 B ? PRO 21 B 1 0.20 
# 
_struct_sheet.id               A 
_struct_sheet.type             ? 
_struct_sheet.number_strands   9 
_struct_sheet.details          ? 
# 
loop_
_struct_sheet_order.sheet_id 
_struct_sheet_order.range_id_1 
_struct_sheet_order.range_id_2 
_struct_sheet_order.offset 
_struct_sheet_order.sense 
A 1 2 ? anti-parallel 
A 2 3 ? anti-parallel 
A 3 4 ? anti-parallel 
A 4 5 ? anti-parallel 
A 5 6 ? anti-parallel 
A 6 7 ? anti-parallel 
A 7 8 ? anti-parallel 
A 8 9 ? anti-parallel 
# 
loop_
_struct_sheet_range.sheet_id 
_struct_sheet_range.id 
_struct_sheet_range.beg_label_comp_id 
_struct_sheet_range.beg_label_asym_id 
_struct_sheet_range.beg_label_seq_id 
_struct_sheet_range.pdbx_beg_PDB_ins_code 
_struct_sheet_range.end_label_comp_id 
_struct_sheet_range.end_label_asym_id 
_struct_sheet_range.end_label_seq_id 
_struct_sheet_range.pdbx_end_PDB_ins_code 
_struct_sheet_range.beg_auth_comp_id 
_struct_sheet_range.beg_auth_asym_id 
_struct_sheet_range.beg_auth_seq_id 
_struct_sheet_range.end_auth_comp_id 
_struct_sheet_range.end_auth_asym_id 
_struct_sheet_range.end_auth_seq_id 
A 1 THR A 10 ? ALA A 17 ? THR A 10 ALA A 17 
A 2 GLU A 56 ? PHE A 63 ? GLU A 56 PHE A 63 
A 3 PHE A 43 ? SER A 51 ? PHE A 43 SER A 51 
A 4 VAL B 89 ? VAL B 95 ? VAL B 89 VAL B 95 
A 5 THR B 10 ? ALA B 17 ? THR B 10 ALA B 17 
A 6 GLU B 56 ? PHE B 63 ? GLU B 56 PHE B 63 
A 7 PHE B 43 ? SER B 51 ? PHE B 43 SER B 51 
A 8 VAL A 89 ? VAL A 95 ? VAL A 89 VAL A 95 
A 9 THR A 10 ? ALA A 17 ? THR A 10 ALA A 17 
# 
loop_
_pdbx_struct_sheet_hbond.sheet_id 
_pdbx_struct_sheet_hbond.range_id_1 
_pdbx_struct_sheet_hbond.range_id_2 
_pdbx_struct_sheet_hbond.range_1_label_atom_id 
_pdbx_struct_sheet_hbond.range_1_label_comp_id 
_pdbx_struct_sheet_hbond.range_1_label_asym_id 
_pdbx_struct_sheet_hbond.range_1_label_seq_id 
_pdbx_struct_sheet_hbond.range_1_PDB_ins_code 
_pdbx_struct_sheet_hbond.range_1_auth_atom_id 
_pdbx_struct_sheet_hbond.range_1_auth_comp_id 
_pdbx_struct_sheet_hbond.range_1_auth_asym_id 
_pdbx_struct_sheet_hbond.range_1_auth_seq_id 
_pdbx_struct_sheet_hbond.range_2_label_atom_id 
_pdbx_struct_sheet_hbond.range_2_label_comp_id 
_pdbx_struct_sheet_hbond.range_2_label_asym_id 
_pdbx_struct_sheet_hbond.range_2_label_seq_id 
_pdbx_struct_sheet_hbond.range_2_PDB_ins_code 
_pdbx_struct_sheet_hbond.range_2_auth_atom_id 
_pdbx_struct_sheet_hbond.range_2_auth_comp_id 
_pdbx_struct_sheet_hbond.range_2_auth_asym_id 
_pdbx_struct_sheet_hbond.range_2_auth_seq_id 
A 1 2 N LEU A 12 ? N LEU A 12 O TYR A 61 ? O TYR A 61 
A 2 3 O LEU A 62 ? O LEU A 62 N LEU A 44 ? N LEU A 44 
A 3 4 N GLU A 50 ? N GLU A 50 O ASP B 94 ? O ASP B 94 
A 4 5 O PHE B 93 ? O PHE B 93 N LEU B 11 ? N LEU B 11 
A 5 6 N LEU B 12 ? N LEU B 12 O TYR B 61 ? O TYR B 61 
A 6 7 O GLU B 56 ? O GLU B 56 N SER B 51 ? N SER B 51 
A 7 8 O GLU B 50 ? O GLU B 50 N ASP A 94 ? N ASP A 94 
A 8 9 O PHE A 93 ? O PHE A 93 N LEU A 11 ? N LEU A 11 
# 
loop_
_pdbx_validate_torsion.id 
_pdbx_validate_torsion.PDB_model_num 
_pdbx_validate_torsion.auth_comp_id 
_pdbx_validate_torsion.auth_asym_id 
_pdbx_validate_torsion.auth_seq_id 
_pdbx_validate_torsion.PDB_ins_code 
_pdbx_validate_torsion.label_alt_id 
_pdbx_validate_torsion.phi 
_pdbx_validate_torsion.psi 
1 1 ASN A 103 ? ? -96.43 37.98 
2 1 ASN B 103 ? ? -95.69 42.64 
# 
_pdbx_SG_project.id                    1 
_pdbx_SG_project.project_name          'PSI, Protein Structure Initiative' 
_pdbx_SG_project.full_name_of_center   'Southeast Collaboratory for Structural Genomics' 
_pdbx_SG_project.initial_of_center     SECSG 
# 
loop_
_pdbx_unobs_or_zero_occ_residues.id 
_pdbx_unobs_or_zero_occ_residues.PDB_model_num 
_pdbx_unobs_or_zero_occ_residues.polymer_flag 
_pdbx_unobs_or_zero_occ_residues.occupancy_flag 
_pdbx_unobs_or_zero_occ_residues.auth_asym_id 
_pdbx_unobs_or_zero_occ_residues.auth_comp_id 
_pdbx_unobs_or_zero_occ_residues.auth_seq_id 
_pdbx_unobs_or_zero_occ_residues.PDB_ins_code 
_pdbx_unobs_or_zero_occ_residues.label_asym_id 
_pdbx_unobs_or_zero_occ_residues.label_comp_id 
_pdbx_unobs_or_zero_occ_residues.label_seq_id 
1  1 Y 1 A MET 1   ? A MET 1   
2  1 Y 1 A THR 2   ? A THR 2   
3  1 Y 1 A ASP 3   ? A ASP 3   
4  1 Y 1 A PRO 4   ? A PRO 4   
5  1 Y 1 A ALA 5   ? A ALA 5   
6  1 Y 1 A LEU 6   ? A LEU 6   
7  1 Y 1 A ARG 7   ? A ARG 7   
8  1 Y 1 A ALA 8   ? A ALA 8   
9  1 Y 1 A ALA 105 ? A ALA 105 
10 1 Y 1 A LYS 106 ? A LYS 106 
11 1 Y 1 A LEU 107 ? A LEU 107 
12 1 Y 1 A ALA 108 ? A ALA 108 
13 1 Y 1 A GLY 109 ? A GLY 109 
14 1 Y 1 A LEU 110 ? A LEU 110 
15 1 Y 1 A CYS 111 ? A CYS 111 
16 1 Y 1 A GLY 112 ? A GLY 112 
17 1 Y 1 A ARG 113 ? A ARG 113 
18 1 Y 1 B MET 1   ? B MET 1   
19 1 Y 1 B THR 2   ? B THR 2   
20 1 Y 1 B ASP 3   ? B ASP 3   
21 1 Y 1 B PRO 4   ? B PRO 4   
22 1 Y 1 B ALA 5   ? B ALA 5   
23 1 Y 1 B LEU 6   ? B LEU 6   
24 1 Y 1 B ARG 7   ? B ARG 7   
25 1 Y 1 B ALA 8   ? B ALA 8   
26 1 Y 1 B ALA 105 ? B ALA 105 
27 1 Y 1 B LYS 106 ? B LYS 106 
28 1 Y 1 B LEU 107 ? B LEU 107 
29 1 Y 1 B ALA 108 ? B ALA 108 
30 1 Y 1 B GLY 109 ? B GLY 109 
31 1 Y 1 B LEU 110 ? B LEU 110 
32 1 Y 1 B CYS 111 ? B CYS 111 
33 1 Y 1 B GLY 112 ? B GLY 112 
34 1 Y 1 B ARG 113 ? B ARG 113 
# 
loop_
_chem_comp_atom.comp_id 
_chem_comp_atom.atom_id 
_chem_comp_atom.type_symbol 
_chem_comp_atom.pdbx_aromatic_flag 
_chem_comp_atom.pdbx_stereo_config 
_chem_comp_atom.pdbx_ordinal 
ALA N    N N N 1   
ALA CA   C N S 2   
ALA C    C N N 3   
ALA O    O N N 4   
ALA CB   C N N 5   
ALA OXT  O N N 6   
ALA H    H N N 7   
ALA H2   H N N 8   
ALA HA   H N N 9   
ALA HB1  H N N 10  
ALA HB2  H N N 11  
ALA HB3  H N N 12  
ALA HXT  H N N 13  
ARG N    N N N 14  
ARG CA   C N S 15  
ARG C    C N N 16  
ARG O    O N N 17  
ARG CB   C N N 18  
ARG CG   C N N 19  
ARG CD   C N N 20  
ARG NE   N N N 21  
ARG CZ   C N N 22  
ARG NH1  N N N 23  
ARG NH2  N N N 24  
ARG OXT  O N N 25  
ARG H    H N N 26  
ARG H2   H N N 27  
ARG HA   H N N 28  
ARG HB2  H N N 29  
ARG HB3  H N N 30  
ARG HG2  H N N 31  
ARG HG3  H N N 32  
ARG HD2  H N N 33  
ARG HD3  H N N 34  
ARG HE   H N N 35  
ARG HH11 H N N 36  
ARG HH12 H N N 37  
ARG HH21 H N N 38  
ARG HH22 H N N 39  
ARG HXT  H N N 40  
ASN N    N N N 41  
ASN CA   C N S 42  
ASN C    C N N 43  
ASN O    O N N 44  
ASN CB   C N N 45  
ASN CG   C N N 46  
ASN OD1  O N N 47  
ASN ND2  N N N 48  
ASN OXT  O N N 49  
ASN H    H N N 50  
ASN H2   H N N 51  
ASN HA   H N N 52  
ASN HB2  H N N 53  
ASN HB3  H N N 54  
ASN HD21 H N N 55  
ASN HD22 H N N 56  
ASN HXT  H N N 57  
ASP N    N N N 58  
ASP CA   C N S 59  
ASP C    C N N 60  
ASP O    O N N 61  
ASP CB   C N N 62  
ASP CG   C N N 63  
ASP OD1  O N N 64  
ASP OD2  O N N 65  
ASP OXT  O N N 66  
ASP H    H N N 67  
ASP H2   H N N 68  
ASP HA   H N N 69  
ASP HB2  H N N 70  
ASP HB3  H N N 71  
ASP HD2  H N N 72  
ASP HXT  H N N 73  
CYS N    N N N 74  
CYS CA   C N R 75  
CYS C    C N N 76  
CYS O    O N N 77  
CYS CB   C N N 78  
CYS SG   S N N 79  
CYS OXT  O N N 80  
CYS H    H N N 81  
CYS H2   H N N 82  
CYS HA   H N N 83  
CYS HB2  H N N 84  
CYS HB3  H N N 85  
CYS HG   H N N 86  
CYS HXT  H N N 87  
GLN N    N N N 88  
GLN CA   C N S 89  
GLN C    C N N 90  
GLN O    O N N 91  
GLN CB   C N N 92  
GLN CG   C N N 93  
GLN CD   C N N 94  
GLN OE1  O N N 95  
GLN NE2  N N N 96  
GLN OXT  O N N 97  
GLN H    H N N 98  
GLN H2   H N N 99  
GLN HA   H N N 100 
GLN HB2  H N N 101 
GLN HB3  H N N 102 
GLN HG2  H N N 103 
GLN HG3  H N N 104 
GLN HE21 H N N 105 
GLN HE22 H N N 106 
GLN HXT  H N N 107 
GLU N    N N N 108 
GLU CA   C N S 109 
GLU C    C N N 110 
GLU O    O N N 111 
GLU CB   C N N 112 
GLU CG   C N N 113 
GLU CD   C N N 114 
GLU OE1  O N N 115 
GLU OE2  O N N 116 
GLU OXT  O N N 117 
GLU H    H N N 118 
GLU H2   H N N 119 
GLU HA   H N N 120 
GLU HB2  H N N 121 
GLU HB3  H N N 122 
GLU HG2  H N N 123 
GLU HG3  H N N 124 
GLU HE2  H N N 125 
GLU HXT  H N N 126 
GLY N    N N N 127 
GLY CA   C N N 128 
GLY C    C N N 129 
GLY O    O N N 130 
GLY OXT  O N N 131 
GLY H    H N N 132 
GLY H2   H N N 133 
GLY HA2  H N N 134 
GLY HA3  H N N 135 
GLY HXT  H N N 136 
HIS N    N N N 137 
HIS CA   C N S 138 
HIS C    C N N 139 
HIS O    O N N 140 
HIS CB   C N N 141 
HIS CG   C Y N 142 
HIS ND1  N Y N 143 
HIS CD2  C Y N 144 
HIS CE1  C Y N 145 
HIS NE2  N Y N 146 
HIS OXT  O N N 147 
HIS H    H N N 148 
HIS H2   H N N 149 
HIS HA   H N N 150 
HIS HB2  H N N 151 
HIS HB3  H N N 152 
HIS HD1  H N N 153 
HIS HD2  H N N 154 
HIS HE1  H N N 155 
HIS HE2  H N N 156 
HIS HXT  H N N 157 
HOH O    O N N 158 
HOH H1   H N N 159 
HOH H2   H N N 160 
ILE N    N N N 161 
ILE CA   C N S 162 
ILE C    C N N 163 
ILE O    O N N 164 
ILE CB   C N S 165 
ILE CG1  C N N 166 
ILE CG2  C N N 167 
ILE CD1  C N N 168 
ILE OXT  O N N 169 
ILE H    H N N 170 
ILE H2   H N N 171 
ILE HA   H N N 172 
ILE HB   H N N 173 
ILE HG12 H N N 174 
ILE HG13 H N N 175 
ILE HG21 H N N 176 
ILE HG22 H N N 177 
ILE HG23 H N N 178 
ILE HD11 H N N 179 
ILE HD12 H N N 180 
ILE HD13 H N N 181 
ILE HXT  H N N 182 
LEU N    N N N 183 
LEU CA   C N S 184 
LEU C    C N N 185 
LEU O    O N N 186 
LEU CB   C N N 187 
LEU CG   C N N 188 
LEU CD1  C N N 189 
LEU CD2  C N N 190 
LEU OXT  O N N 191 
LEU H    H N N 192 
LEU H2   H N N 193 
LEU HA   H N N 194 
LEU HB2  H N N 195 
LEU HB3  H N N 196 
LEU HG   H N N 197 
LEU HD11 H N N 198 
LEU HD12 H N N 199 
LEU HD13 H N N 200 
LEU HD21 H N N 201 
LEU HD22 H N N 202 
LEU HD23 H N N 203 
LEU HXT  H N N 204 
LYS N    N N N 205 
LYS CA   C N S 206 
LYS C    C N N 207 
LYS O    O N N 208 
LYS CB   C N N 209 
LYS CG   C N N 210 
LYS CD   C N N 211 
LYS CE   C N N 212 
LYS NZ   N N N 213 
LYS OXT  O N N 214 
LYS H    H N N 215 
LYS H2   H N N 216 
LYS HA   H N N 217 
LYS HB2  H N N 218 
LYS HB3  H N N 219 
LYS HG2  H N N 220 
LYS HG3  H N N 221 
LYS HD2  H N N 222 
LYS HD3  H N N 223 
LYS HE2  H N N 224 
LYS HE3  H N N 225 
LYS HZ1  H N N 226 
LYS HZ2  H N N 227 
LYS HZ3  H N N 228 
LYS HXT  H N N 229 
MET N    N N N 230 
MET CA   C N S 231 
MET C    C N N 232 
MET O    O N N 233 
MET CB   C N N 234 
MET CG   C N N 235 
MET SD   S N N 236 
MET CE   C N N 237 
MET OXT  O N N 238 
MET H    H N N 239 
MET H2   H N N 240 
MET HA   H N N 241 
MET HB2  H N N 242 
MET HB3  H N N 243 
MET HG2  H N N 244 
MET HG3  H N N 245 
MET HE1  H N N 246 
MET HE2  H N N 247 
MET HE3  H N N 248 
MET HXT  H N N 249 
PHE N    N N N 250 
PHE CA   C N S 251 
PHE C    C N N 252 
PHE O    O N N 253 
PHE CB   C N N 254 
PHE CG   C Y N 255 
PHE CD1  C Y N 256 
PHE CD2  C Y N 257 
PHE CE1  C Y N 258 
PHE CE2  C Y N 259 
PHE CZ   C Y N 260 
PHE OXT  O N N 261 
PHE H    H N N 262 
PHE H2   H N N 263 
PHE HA   H N N 264 
PHE HB2  H N N 265 
PHE HB3  H N N 266 
PHE HD1  H N N 267 
PHE HD2  H N N 268 
PHE HE1  H N N 269 
PHE HE2  H N N 270 
PHE HZ   H N N 271 
PHE HXT  H N N 272 
PRO N    N N N 273 
PRO CA   C N S 274 
PRO C    C N N 275 
PRO O    O N N 276 
PRO CB   C N N 277 
PRO CG   C N N 278 
PRO CD   C N N 279 
PRO OXT  O N N 280 
PRO H    H N N 281 
PRO HA   H N N 282 
PRO HB2  H N N 283 
PRO HB3  H N N 284 
PRO HG2  H N N 285 
PRO HG3  H N N 286 
PRO HD2  H N N 287 
PRO HD3  H N N 288 
PRO HXT  H N N 289 
SER N    N N N 290 
SER CA   C N S 291 
SER C    C N N 292 
SER O    O N N 293 
SER CB   C N N 294 
SER OG   O N N 295 
SER OXT  O N N 296 
SER H    H N N 297 
SER H2   H N N 298 
SER HA   H N N 299 
SER HB2  H N N 300 
SER HB3  H N N 301 
SER HG   H N N 302 
SER HXT  H N N 303 
THR N    N N N 304 
THR CA   C N S 305 
THR C    C N N 306 
THR O    O N N 307 
THR CB   C N R 308 
THR OG1  O N N 309 
THR CG2  C N N 310 
THR OXT  O N N 311 
THR H    H N N 312 
THR H2   H N N 313 
THR HA   H N N 314 
THR HB   H N N 315 
THR HG1  H N N 316 
THR HG21 H N N 317 
THR HG22 H N N 318 
THR HG23 H N N 319 
THR HXT  H N N 320 
TRP N    N N N 321 
TRP CA   C N S 322 
TRP C    C N N 323 
TRP O    O N N 324 
TRP CB   C N N 325 
TRP CG   C Y N 326 
TRP CD1  C Y N 327 
TRP CD2  C Y N 328 
TRP NE1  N Y N 329 
TRP CE2  C Y N 330 
TRP CE3  C Y N 331 
TRP CZ2  C Y N 332 
TRP CZ3  C Y N 333 
TRP CH2  C Y N 334 
TRP OXT  O N N 335 
TRP H    H N N 336 
TRP H2   H N N 337 
TRP HA   H N N 338 
TRP HB2  H N N 339 
TRP HB3  H N N 340 
TRP HD1  H N N 341 
TRP HE1  H N N 342 
TRP HE3  H N N 343 
TRP HZ2  H N N 344 
TRP HZ3  H N N 345 
TRP HH2  H N N 346 
TRP HXT  H N N 347 
TYR N    N N N 348 
TYR CA   C N S 349 
TYR C    C N N 350 
TYR O    O N N 351 
TYR CB   C N N 352 
TYR CG   C Y N 353 
TYR CD1  C Y N 354 
TYR CD2  C Y N 355 
TYR CE1  C Y N 356 
TYR CE2  C Y N 357 
TYR CZ   C Y N 358 
TYR OH   O N N 359 
TYR OXT  O N N 360 
TYR H    H N N 361 
TYR H2   H N N 362 
TYR HA   H N N 363 
TYR HB2  H N N 364 
TYR HB3  H N N 365 
TYR HD1  H N N 366 
TYR HD2  H N N 367 
TYR HE1  H N N 368 
TYR HE2  H N N 369 
TYR HH   H N N 370 
TYR HXT  H N N 371 
VAL N    N N N 372 
VAL CA   C N S 373 
VAL C    C N N 374 
VAL O    O N N 375 
VAL CB   C N N 376 
VAL CG1  C N N 377 
VAL CG2  C N N 378 
VAL OXT  O N N 379 
VAL H    H N N 380 
VAL H2   H N N 381 
VAL HA   H N N 382 
VAL HB   H N N 383 
VAL HG11 H N N 384 
VAL HG12 H N N 385 
VAL HG13 H N N 386 
VAL HG21 H N N 387 
VAL HG22 H N N 388 
VAL HG23 H N N 389 
VAL HXT  H N N 390 
# 
loop_
_chem_comp_bond.comp_id 
_chem_comp_bond.atom_id_1 
_chem_comp_bond.atom_id_2 
_chem_comp_bond.value_order 
_chem_comp_bond.pdbx_aromatic_flag 
_chem_comp_bond.pdbx_stereo_config 
_chem_comp_bond.pdbx_ordinal 
ALA N   CA   sing N N 1   
ALA N   H    sing N N 2   
ALA N   H2   sing N N 3   
ALA CA  C    sing N N 4   
ALA CA  CB   sing N N 5   
ALA CA  HA   sing N N 6   
ALA C   O    doub N N 7   
ALA C   OXT  sing N N 8   
ALA CB  HB1  sing N N 9   
ALA CB  HB2  sing N N 10  
ALA CB  HB3  sing N N 11  
ALA OXT HXT  sing N N 12  
ARG N   CA   sing N N 13  
ARG N   H    sing N N 14  
ARG N   H2   sing N N 15  
ARG CA  C    sing N N 16  
ARG CA  CB   sing N N 17  
ARG CA  HA   sing N N 18  
ARG C   O    doub N N 19  
ARG C   OXT  sing N N 20  
ARG CB  CG   sing N N 21  
ARG CB  HB2  sing N N 22  
ARG CB  HB3  sing N N 23  
ARG CG  CD   sing N N 24  
ARG CG  HG2  sing N N 25  
ARG CG  HG3  sing N N 26  
ARG CD  NE   sing N N 27  
ARG CD  HD2  sing N N 28  
ARG CD  HD3  sing N N 29  
ARG NE  CZ   sing N N 30  
ARG NE  HE   sing N N 31  
ARG CZ  NH1  sing N N 32  
ARG CZ  NH2  doub N N 33  
ARG NH1 HH11 sing N N 34  
ARG NH1 HH12 sing N N 35  
ARG NH2 HH21 sing N N 36  
ARG NH2 HH22 sing N N 37  
ARG OXT HXT  sing N N 38  
ASN N   CA   sing N N 39  
ASN N   H    sing N N 40  
ASN N   H2   sing N N 41  
ASN CA  C    sing N N 42  
ASN CA  CB   sing N N 43  
ASN CA  HA   sing N N 44  
ASN C   O    doub N N 45  
ASN C   OXT  sing N N 46  
ASN CB  CG   sing N N 47  
ASN CB  HB2  sing N N 48  
ASN CB  HB3  sing N N 49  
ASN CG  OD1  doub N N 50  
ASN CG  ND2  sing N N 51  
ASN ND2 HD21 sing N N 52  
ASN ND2 HD22 sing N N 53  
ASN OXT HXT  sing N N 54  
ASP N   CA   sing N N 55  
ASP N   H    sing N N 56  
ASP N   H2   sing N N 57  
ASP CA  C    sing N N 58  
ASP CA  CB   sing N N 59  
ASP CA  HA   sing N N 60  
ASP C   O    doub N N 61  
ASP C   OXT  sing N N 62  
ASP CB  CG   sing N N 63  
ASP CB  HB2  sing N N 64  
ASP CB  HB3  sing N N 65  
ASP CG  OD1  doub N N 66  
ASP CG  OD2  sing N N 67  
ASP OD2 HD2  sing N N 68  
ASP OXT HXT  sing N N 69  
CYS N   CA   sing N N 70  
CYS N   H    sing N N 71  
CYS N   H2   sing N N 72  
CYS CA  C    sing N N 73  
CYS CA  CB   sing N N 74  
CYS CA  HA   sing N N 75  
CYS C   O    doub N N 76  
CYS C   OXT  sing N N 77  
CYS CB  SG   sing N N 78  
CYS CB  HB2  sing N N 79  
CYS CB  HB3  sing N N 80  
CYS SG  HG   sing N N 81  
CYS OXT HXT  sing N N 82  
GLN N   CA   sing N N 83  
GLN N   H    sing N N 84  
GLN N   H2   sing N N 85  
GLN CA  C    sing N N 86  
GLN CA  CB   sing N N 87  
GLN CA  HA   sing N N 88  
GLN C   O    doub N N 89  
GLN C   OXT  sing N N 90  
GLN CB  CG   sing N N 91  
GLN CB  HB2  sing N N 92  
GLN CB  HB3  sing N N 93  
GLN CG  CD   sing N N 94  
GLN CG  HG2  sing N N 95  
GLN CG  HG3  sing N N 96  
GLN CD  OE1  doub N N 97  
GLN CD  NE2  sing N N 98  
GLN NE2 HE21 sing N N 99  
GLN NE2 HE22 sing N N 100 
GLN OXT HXT  sing N N 101 
GLU N   CA   sing N N 102 
GLU N   H    sing N N 103 
GLU N   H2   sing N N 104 
GLU CA  C    sing N N 105 
GLU CA  CB   sing N N 106 
GLU CA  HA   sing N N 107 
GLU C   O    doub N N 108 
GLU C   OXT  sing N N 109 
GLU CB  CG   sing N N 110 
GLU CB  HB2  sing N N 111 
GLU CB  HB3  sing N N 112 
GLU CG  CD   sing N N 113 
GLU CG  HG2  sing N N 114 
GLU CG  HG3  sing N N 115 
GLU CD  OE1  doub N N 116 
GLU CD  OE2  sing N N 117 
GLU OE2 HE2  sing N N 118 
GLU OXT HXT  sing N N 119 
GLY N   CA   sing N N 120 
GLY N   H    sing N N 121 
GLY N   H2   sing N N 122 
GLY CA  C    sing N N 123 
GLY CA  HA2  sing N N 124 
GLY CA  HA3  sing N N 125 
GLY C   O    doub N N 126 
GLY C   OXT  sing N N 127 
GLY OXT HXT  sing N N 128 
HIS N   CA   sing N N 129 
HIS N   H    sing N N 130 
HIS N   H2   sing N N 131 
HIS CA  C    sing N N 132 
HIS CA  CB   sing N N 133 
HIS CA  HA   sing N N 134 
HIS C   O    doub N N 135 
HIS C   OXT  sing N N 136 
HIS CB  CG   sing N N 137 
HIS CB  HB2  sing N N 138 
HIS CB  HB3  sing N N 139 
HIS CG  ND1  sing Y N 140 
HIS CG  CD2  doub Y N 141 
HIS ND1 CE1  doub Y N 142 
HIS ND1 HD1  sing N N 143 
HIS CD2 NE2  sing Y N 144 
HIS CD2 HD2  sing N N 145 
HIS CE1 NE2  sing Y N 146 
HIS CE1 HE1  sing N N 147 
HIS NE2 HE2  sing N N 148 
HIS OXT HXT  sing N N 149 
HOH O   H1   sing N N 150 
HOH O   H2   sing N N 151 
ILE N   CA   sing N N 152 
ILE N   H    sing N N 153 
ILE N   H2   sing N N 154 
ILE CA  C    sing N N 155 
ILE CA  CB   sing N N 156 
ILE CA  HA   sing N N 157 
ILE C   O    doub N N 158 
ILE C   OXT  sing N N 159 
ILE CB  CG1  sing N N 160 
ILE CB  CG2  sing N N 161 
ILE CB  HB   sing N N 162 
ILE CG1 CD1  sing N N 163 
ILE CG1 HG12 sing N N 164 
ILE CG1 HG13 sing N N 165 
ILE CG2 HG21 sing N N 166 
ILE CG2 HG22 sing N N 167 
ILE CG2 HG23 sing N N 168 
ILE CD1 HD11 sing N N 169 
ILE CD1 HD12 sing N N 170 
ILE CD1 HD13 sing N N 171 
ILE OXT HXT  sing N N 172 
LEU N   CA   sing N N 173 
LEU N   H    sing N N 174 
LEU N   H2   sing N N 175 
LEU CA  C    sing N N 176 
LEU CA  CB   sing N N 177 
LEU CA  HA   sing N N 178 
LEU C   O    doub N N 179 
LEU C   OXT  sing N N 180 
LEU CB  CG   sing N N 181 
LEU CB  HB2  sing N N 182 
LEU CB  HB3  sing N N 183 
LEU CG  CD1  sing N N 184 
LEU CG  CD2  sing N N 185 
LEU CG  HG   sing N N 186 
LEU CD1 HD11 sing N N 187 
LEU CD1 HD12 sing N N 188 
LEU CD1 HD13 sing N N 189 
LEU CD2 HD21 sing N N 190 
LEU CD2 HD22 sing N N 191 
LEU CD2 HD23 sing N N 192 
LEU OXT HXT  sing N N 193 
LYS N   CA   sing N N 194 
LYS N   H    sing N N 195 
LYS N   H2   sing N N 196 
LYS CA  C    sing N N 197 
LYS CA  CB   sing N N 198 
LYS CA  HA   sing N N 199 
LYS C   O    doub N N 200 
LYS C   OXT  sing N N 201 
LYS CB  CG   sing N N 202 
LYS CB  HB2  sing N N 203 
LYS CB  HB3  sing N N 204 
LYS CG  CD   sing N N 205 
LYS CG  HG2  sing N N 206 
LYS CG  HG3  sing N N 207 
LYS CD  CE   sing N N 208 
LYS CD  HD2  sing N N 209 
LYS CD  HD3  sing N N 210 
LYS CE  NZ   sing N N 211 
LYS CE  HE2  sing N N 212 
LYS CE  HE3  sing N N 213 
LYS NZ  HZ1  sing N N 214 
LYS NZ  HZ2  sing N N 215 
LYS NZ  HZ3  sing N N 216 
LYS OXT HXT  sing N N 217 
MET N   CA   sing N N 218 
MET N   H    sing N N 219 
MET N   H2   sing N N 220 
MET CA  C    sing N N 221 
MET CA  CB   sing N N 222 
MET CA  HA   sing N N 223 
MET C   O    doub N N 224 
MET C   OXT  sing N N 225 
MET CB  CG   sing N N 226 
MET CB  HB2  sing N N 227 
MET CB  HB3  sing N N 228 
MET CG  SD   sing N N 229 
MET CG  HG2  sing N N 230 
MET CG  HG3  sing N N 231 
MET SD  CE   sing N N 232 
MET CE  HE1  sing N N 233 
MET CE  HE2  sing N N 234 
MET CE  HE3  sing N N 235 
MET OXT HXT  sing N N 236 
PHE N   CA   sing N N 237 
PHE N   H    sing N N 238 
PHE N   H2   sing N N 239 
PHE CA  C    sing N N 240 
PHE CA  CB   sing N N 241 
PHE CA  HA   sing N N 242 
PHE C   O    doub N N 243 
PHE C   OXT  sing N N 244 
PHE CB  CG   sing N N 245 
PHE CB  HB2  sing N N 246 
PHE CB  HB3  sing N N 247 
PHE CG  CD1  doub Y N 248 
PHE CG  CD2  sing Y N 249 
PHE CD1 CE1  sing Y N 250 
PHE CD1 HD1  sing N N 251 
PHE CD2 CE2  doub Y N 252 
PHE CD2 HD2  sing N N 253 
PHE CE1 CZ   doub Y N 254 
PHE CE1 HE1  sing N N 255 
PHE CE2 CZ   sing Y N 256 
PHE CE2 HE2  sing N N 257 
PHE CZ  HZ   sing N N 258 
PHE OXT HXT  sing N N 259 
PRO N   CA   sing N N 260 
PRO N   CD   sing N N 261 
PRO N   H    sing N N 262 
PRO CA  C    sing N N 263 
PRO CA  CB   sing N N 264 
PRO CA  HA   sing N N 265 
PRO C   O    doub N N 266 
PRO C   OXT  sing N N 267 
PRO CB  CG   sing N N 268 
PRO CB  HB2  sing N N 269 
PRO CB  HB3  sing N N 270 
PRO CG  CD   sing N N 271 
PRO CG  HG2  sing N N 272 
PRO CG  HG3  sing N N 273 
PRO CD  HD2  sing N N 274 
PRO CD  HD3  sing N N 275 
PRO OXT HXT  sing N N 276 
SER N   CA   sing N N 277 
SER N   H    sing N N 278 
SER N   H2   sing N N 279 
SER CA  C    sing N N 280 
SER CA  CB   sing N N 281 
SER CA  HA   sing N N 282 
SER C   O    doub N N 283 
SER C   OXT  sing N N 284 
SER CB  OG   sing N N 285 
SER CB  HB2  sing N N 286 
SER CB  HB3  sing N N 287 
SER OG  HG   sing N N 288 
SER OXT HXT  sing N N 289 
THR N   CA   sing N N 290 
THR N   H    sing N N 291 
THR N   H2   sing N N 292 
THR CA  C    sing N N 293 
THR CA  CB   sing N N 294 
THR CA  HA   sing N N 295 
THR C   O    doub N N 296 
THR C   OXT  sing N N 297 
THR CB  OG1  sing N N 298 
THR CB  CG2  sing N N 299 
THR CB  HB   sing N N 300 
THR OG1 HG1  sing N N 301 
THR CG2 HG21 sing N N 302 
THR CG2 HG22 sing N N 303 
THR CG2 HG23 sing N N 304 
THR OXT HXT  sing N N 305 
TRP N   CA   sing N N 306 
TRP N   H    sing N N 307 
TRP N   H2   sing N N 308 
TRP CA  C    sing N N 309 
TRP CA  CB   sing N N 310 
TRP CA  HA   sing N N 311 
TRP C   O    doub N N 312 
TRP C   OXT  sing N N 313 
TRP CB  CG   sing N N 314 
TRP CB  HB2  sing N N 315 
TRP CB  HB3  sing N N 316 
TRP CG  CD1  doub Y N 317 
TRP CG  CD2  sing Y N 318 
TRP CD1 NE1  sing Y N 319 
TRP CD1 HD1  sing N N 320 
TRP CD2 CE2  doub Y N 321 
TRP CD2 CE3  sing Y N 322 
TRP NE1 CE2  sing Y N 323 
TRP NE1 HE1  sing N N 324 
TRP CE2 CZ2  sing Y N 325 
TRP CE3 CZ3  doub Y N 326 
TRP CE3 HE3  sing N N 327 
TRP CZ2 CH2  doub Y N 328 
TRP CZ2 HZ2  sing N N 329 
TRP CZ3 CH2  sing Y N 330 
TRP CZ3 HZ3  sing N N 331 
TRP CH2 HH2  sing N N 332 
TRP OXT HXT  sing N N 333 
TYR N   CA   sing N N 334 
TYR N   H    sing N N 335 
TYR N   H2   sing N N 336 
TYR CA  C    sing N N 337 
TYR CA  CB   sing N N 338 
TYR CA  HA   sing N N 339 
TYR C   O    doub N N 340 
TYR C   OXT  sing N N 341 
TYR CB  CG   sing N N 342 
TYR CB  HB2  sing N N 343 
TYR CB  HB3  sing N N 344 
TYR CG  CD1  doub Y N 345 
TYR CG  CD2  sing Y N 346 
TYR CD1 CE1  sing Y N 347 
TYR CD1 HD1  sing N N 348 
TYR CD2 CE2  doub Y N 349 
TYR CD2 HD2  sing N N 350 
TYR CE1 CZ   doub Y N 351 
TYR CE1 HE1  sing N N 352 
TYR CE2 CZ   sing Y N 353 
TYR CE2 HE2  sing N N 354 
TYR CZ  OH   sing N N 355 
TYR OH  HH   sing N N 356 
TYR OXT HXT  sing N N 357 
VAL N   CA   sing N N 358 
VAL N   H    sing N N 359 
VAL N   H2   sing N N 360 
VAL CA  C    sing N N 361 
VAL CA  CB   sing N N 362 
VAL CA  HA   sing N N 363 
VAL C   O    doub N N 364 
VAL C   OXT  sing N N 365 
VAL CB  CG1  sing N N 366 
VAL CB  CG2  sing N N 367 
VAL CB  HB   sing N N 368 
VAL CG1 HG11 sing N N 369 
VAL CG1 HG12 sing N N 370 
VAL CG1 HG13 sing N N 371 
VAL CG2 HG21 sing N N 372 
VAL CG2 HG22 sing N N 373 
VAL CG2 HG23 sing N N 374 
VAL OXT HXT  sing N N 375 
# 
_atom_sites.entry_id                    2HIQ 
_atom_sites.fract_transf_matrix[1][1]   -0.00146489 
_atom_sites.fract_transf_matrix[1][2]   -0.01349053 
_atom_sites.fract_transf_matrix[1][3]   0.00076042 
_atom_sites.fract_transf_matrix[2][1]   0.00816163 
_atom_sites.fract_transf_matrix[2][2]   -0.00727795 
_atom_sites.fract_transf_matrix[2][3]   0.00807060 
_atom_sites.fract_transf_matrix[3][1]   -0.00673354 
_atom_sites.fract_transf_matrix[3][2]   0.00117471 
_atom_sites.fract_transf_matrix[3][3]   0.00786883 
_atom_sites.fract_transf_vector[1]      0.782423 
_atom_sites.fract_transf_vector[2]      0.333997 
_atom_sites.fract_transf_vector[3]      0.465586 
# 
loop_
_atom_type.symbol 
C 
N 
O 
S 
# 
loop_
_atom_site.group_PDB 
_atom_site.id 
_atom_site.type_symbol 
_atom_site.label_atom_id 
_atom_site.label_alt_id 
_atom_site.label_comp_id 
_atom_site.label_asym_id 
_atom_site.label_entity_id 
_atom_site.label_seq_id 
_atom_site.pdbx_PDB_ins_code 
_atom_site.Cartn_x 
_atom_site.Cartn_y 
_atom_site.Cartn_z 
_atom_site.occupancy 
_atom_site.B_iso_or_equiv 
_atom_site.pdbx_formal_charge 
_atom_site.auth_seq_id 
_atom_site.auth_comp_id 
_atom_site.auth_asym_id 
_atom_site.auth_atom_id 
_atom_site.pdbx_PDB_model_num 
ATOM   1    N N   . ALA A 1 9   ? 4.534   2.239   -13.412 1.00 24.08 ? 9   ALA A N   1 
ATOM   2    C CA  . ALA A 1 9   ? 4.697   1.043   -12.538 1.00 25.15 ? 9   ALA A CA  1 
ATOM   3    C C   . ALA A 1 9   ? 3.352   0.604   -11.969 1.00 24.29 ? 9   ALA A C   1 
ATOM   4    O O   . ALA A 1 9   ? 2.366   1.334   -12.045 1.00 25.54 ? 9   ALA A O   1 
ATOM   5    C CB  . ALA A 1 9   ? 5.676   1.340   -11.405 1.00 24.31 ? 9   ALA A CB  1 
ATOM   6    N N   . THR A 1 10  ? 3.314   -0.590  -11.392 1.00 24.21 ? 10  THR A N   1 
ATOM   7    C CA  . THR A 1 10  ? 2.074   -1.100  -10.829 1.00 21.12 ? 10  THR A CA  1 
ATOM   8    C C   . THR A 1 10  ? 2.235   -1.397  -9.352  1.00 20.54 ? 10  THR A C   1 
ATOM   9    O O   . THR A 1 10  ? 3.231   -1.987  -8.945  1.00 21.49 ? 10  THR A O   1 
ATOM   10   C CB  . THR A 1 10  ? 1.629   -2.382  -11.548 1.00 23.79 ? 10  THR A CB  1 
ATOM   11   O OG1 . THR A 1 10  ? 1.277   -2.072  -12.901 1.00 24.38 ? 10  THR A OG1 1 
ATOM   12   C CG2 . THR A 1 10  ? 0.423   -3.004  -10.845 1.00 26.03 ? 10  THR A CG2 1 
ATOM   13   N N   . LEU A 1 11  ? 1.259   -0.986  -8.552  1.00 21.13 ? 11  LEU A N   1 
ATOM   14   C CA  . LEU A 1 11  ? 1.326   -1.235  -7.126  1.00 21.24 ? 11  LEU A CA  1 
ATOM   15   C C   . LEU A 1 11  ? 0.296   -2.280  -6.757  1.00 21.86 ? 11  LEU A C   1 
ATOM   16   O O   . LEU A 1 11  ? -0.866  -2.204  -7.162  1.00 21.59 ? 11  LEU A O   1 
ATOM   17   C CB  . LEU A 1 11  ? 1.079   0.052   -6.328  1.00 20.77 ? 11  LEU A CB  1 
ATOM   18   C CG  . LEU A 1 11  ? 1.229   -0.097  -4.806  1.00 19.02 ? 11  LEU A CG  1 
ATOM   19   C CD1 . LEU A 1 11  ? 1.633   1.222   -4.196  1.00 21.41 ? 11  LEU A CD1 1 
ATOM   20   C CD2 . LEU A 1 11  ? -0.075  -0.603  -4.205  1.00 17.94 ? 11  LEU A CD2 1 
ATOM   21   N N   . LEU A 1 12  ? 0.736   -3.282  -6.006  1.00 21.51 ? 12  LEU A N   1 
ATOM   22   C CA  . LEU A 1 12  ? -0.155  -4.335  -5.560  1.00 20.96 ? 12  LEU A CA  1 
ATOM   23   C C   . LEU A 1 12  ? -0.323  -4.179  -4.052  1.00 20.42 ? 12  LEU A C   1 
ATOM   24   O O   . LEU A 1 12  ? 0.658   -4.116  -3.322  1.00 19.72 ? 12  LEU A O   1 
ATOM   25   C CB  . LEU A 1 12  ? 0.462   -5.703  -5.879  1.00 20.20 ? 12  LEU A CB  1 
ATOM   26   C CG  . LEU A 1 12  ? -0.237  -6.959  -5.353  1.00 22.41 ? 12  LEU A CG  1 
ATOM   27   C CD1 . LEU A 1 12  ? -1.639  -7.071  -5.950  1.00 22.21 ? 12  LEU A CD1 1 
ATOM   28   C CD2 . LEU A 1 12  ? 0.594   -8.193  -5.733  1.00 21.10 ? 12  LEU A CD2 1 
ATOM   29   N N   . GLN A 1 13  ? -1.558  -4.076  -3.586  1.00 21.08 ? 13  GLN A N   1 
ATOM   30   C CA  . GLN A 1 13  ? -1.784  -3.987  -2.154  1.00 23.37 ? 13  GLN A CA  1 
ATOM   31   C C   . GLN A 1 13  ? -2.620  -5.197  -1.776  1.00 22.60 ? 13  GLN A C   1 
ATOM   32   O O   . GLN A 1 13  ? -3.640  -5.484  -2.408  1.00 23.72 ? 13  GLN A O   1 
ATOM   33   C CB  . GLN A 1 13  ? -2.487  -2.686  -1.758  1.00 22.92 ? 13  GLN A CB  1 
ATOM   34   C CG  . GLN A 1 13  ? -3.841  -2.438  -2.383  1.00 26.66 ? 13  GLN A CG  1 
ATOM   35   C CD  . GLN A 1 13  ? -4.399  -1.082  -1.962  1.00 27.87 ? 13  GLN A CD  1 
ATOM   36   O OE1 . GLN A 1 13  ? -3.715  -0.060  -2.066  1.00 30.06 ? 13  GLN A OE1 1 
ATOM   37   N NE2 . GLN A 1 13  ? -5.635  -1.069  -1.488  1.00 26.13 ? 13  GLN A NE2 1 
ATOM   38   N N   . LEU A 1 14  ? -2.159  -5.907  -0.754  1.00 21.61 ? 14  LEU A N   1 
ATOM   39   C CA  . LEU A 1 14  ? -2.809  -7.121  -0.288  1.00 24.17 ? 14  LEU A CA  1 
ATOM   40   C C   . LEU A 1 14  ? -2.815  -7.238  1.211   1.00 22.36 ? 14  LEU A C   1 
ATOM   41   O O   . LEU A 1 14  ? -1.862  -6.845  1.874   1.00 22.17 ? 14  LEU A O   1 
ATOM   42   C CB  . LEU A 1 14  ? -2.061  -8.354  -0.778  1.00 29.60 ? 14  LEU A CB  1 
ATOM   43   C CG  . LEU A 1 14  ? -2.469  -9.186  -1.971  1.00 36.42 ? 14  LEU A CG  1 
ATOM   44   C CD1 . LEU A 1 14  ? -2.107  -8.440  -3.228  1.00 39.06 ? 14  LEU A CD1 1 
ATOM   45   C CD2 . LEU A 1 14  ? -1.716  -10.518 -1.924  1.00 37.76 ? 14  LEU A CD2 1 
ATOM   46   N N   . HIS A 1 15  ? -3.888  -7.810  1.741   1.00 23.19 ? 15  HIS A N   1 
ATOM   47   C CA  . HIS A 1 15  ? -3.973  -8.064  3.166   1.00 22.21 ? 15  HIS A CA  1 
ATOM   48   C C   . HIS A 1 15  ? -4.933  -9.229  3.364   1.00 21.86 ? 15  HIS A C   1 
ATOM   49   O O   . HIS A 1 15  ? -5.670  -9.607  2.451   1.00 21.08 ? 15  HIS A O   1 
ATOM   50   C CB  . HIS A 1 15  ? -4.406  -6.808  3.943   1.00 23.77 ? 15  HIS A CB  1 
ATOM   51   C CG  . HIS A 1 15  ? -5.836  -6.415  3.744   1.00 25.55 ? 15  HIS A CG  1 
ATOM   52   N ND1 . HIS A 1 15  ? -6.870  -6.986  4.453   1.00 29.16 ? 15  HIS A ND1 1 
ATOM   53   C CD2 . HIS A 1 15  ? -6.398  -5.477  2.947   1.00 25.88 ? 15  HIS A CD2 1 
ATOM   54   C CE1 . HIS A 1 15  ? -8.010  -6.412  4.105   1.00 28.05 ? 15  HIS A CE1 1 
ATOM   55   N NE2 . HIS A 1 15  ? -7.749  -5.494  3.192   1.00 29.09 ? 15  HIS A NE2 1 
ATOM   56   N N   . PHE A 1 16  ? -4.914  -9.807  4.555   1.00 23.09 ? 16  PHE A N   1 
ATOM   57   C CA  . PHE A 1 16  ? -5.762  -10.955 4.832   1.00 24.29 ? 16  PHE A CA  1 
ATOM   58   C C   . PHE A 1 16  ? -5.744  -11.267 6.313   1.00 23.47 ? 16  PHE A C   1 
ATOM   59   O O   . PHE A 1 16  ? -4.902  -10.759 7.056   1.00 22.21 ? 16  PHE A O   1 
ATOM   60   C CB  . PHE A 1 16  ? -5.246  -12.156 4.032   1.00 22.38 ? 16  PHE A CB  1 
ATOM   61   C CG  . PHE A 1 16  ? -3.747  -12.290 4.068   1.00 25.20 ? 16  PHE A CG  1 
ATOM   62   C CD1 . PHE A 1 16  ? -3.107  -12.798 5.195   1.00 23.32 ? 16  PHE A CD1 1 
ATOM   63   C CD2 . PHE A 1 16  ? -2.968  -11.832 3.008   1.00 23.92 ? 16  PHE A CD2 1 
ATOM   64   C CE1 . PHE A 1 16  ? -1.718  -12.843 5.272   1.00 22.29 ? 16  PHE A CE1 1 
ATOM   65   C CE2 . PHE A 1 16  ? -1.576  -11.871 3.076   1.00 24.22 ? 16  PHE A CE2 1 
ATOM   66   C CZ  . PHE A 1 16  ? -0.950  -12.378 4.213   1.00 21.24 ? 16  PHE A CZ  1 
ATOM   67   N N   . ALA A 1 17  ? -6.688  -12.102 6.734   1.00 25.09 ? 17  ALA A N   1 
ATOM   68   C CA  . ALA A 1 17  ? -6.787  -12.519 8.125   1.00 25.80 ? 17  ALA A CA  1 
ATOM   69   C C   . ALA A 1 17  ? -5.522  -13.315 8.420   1.00 27.35 ? 17  ALA A C   1 
ATOM   70   O O   . ALA A 1 17  ? -5.092  -14.130 7.604   1.00 27.82 ? 17  ALA A O   1 
ATOM   71   C CB  . ALA A 1 17  ? -8.020  -13.387 8.315   1.00 26.54 ? 17  ALA A CB  1 
ATOM   72   N N   . PHE A 1 18  ? -4.929  -13.070 9.581   1.00 27.58 ? 18  PHE A N   1 
ATOM   73   C CA  . PHE A 1 18  ? -3.697  -13.741 9.966   1.00 28.97 ? 18  PHE A CA  1 
ATOM   74   C C   . PHE A 1 18  ? -3.627  -13.787 11.481  1.00 29.96 ? 18  PHE A C   1 
ATOM   75   O O   . PHE A 1 18  ? -3.893  -12.786 12.144  1.00 29.31 ? 18  PHE A O   1 
ATOM   76   C CB  . PHE A 1 18  ? -2.502  -12.959 9.422   1.00 27.51 ? 18  PHE A CB  1 
ATOM   77   C CG  . PHE A 1 18  ? -1.227  -13.745 9.376   1.00 27.38 ? 18  PHE A CG  1 
ATOM   78   C CD1 . PHE A 1 18  ? -1.130  -14.877 8.577   1.00 28.47 ? 18  PHE A CD1 1 
ATOM   79   C CD2 . PHE A 1 18  ? -0.118  -13.346 10.113  1.00 27.90 ? 18  PHE A CD2 1 
ATOM   80   C CE1 . PHE A 1 18  ? 0.056   -15.606 8.505   1.00 27.94 ? 18  PHE A CE1 1 
ATOM   81   C CE2 . PHE A 1 18  ? 1.077   -14.067 10.051  1.00 29.42 ? 18  PHE A CE2 1 
ATOM   82   C CZ  . PHE A 1 18  ? 1.160   -15.200 9.244   1.00 28.88 ? 18  PHE A CZ  1 
ATOM   83   N N   . ASN A 1 19  ? -3.264  -14.941 12.033  1.00 32.30 ? 19  ASN A N   1 
ATOM   84   C CA  . ASN A 1 19  ? -3.190  -15.084 13.486  1.00 33.89 ? 19  ASN A CA  1 
ATOM   85   C C   . ASN A 1 19  ? -1.771  -15.211 14.023  1.00 34.18 ? 19  ASN A C   1 
ATOM   86   O O   . ASN A 1 19  ? -1.557  -15.696 15.135  1.00 34.03 ? 19  ASN A O   1 
ATOM   87   C CB  . ASN A 1 19  ? -4.028  -16.285 13.929  1.00 36.60 ? 19  ASN A CB  1 
ATOM   88   C CG  . ASN A 1 19  ? -5.505  -16.098 13.646  1.00 38.85 ? 19  ASN A CG  1 
ATOM   89   O OD1 . ASN A 1 19  ? -6.301  -17.022 13.799  1.00 43.33 ? 19  ASN A OD1 1 
ATOM   90   N ND2 . ASN A 1 19  ? -5.876  -14.898 13.236  1.00 42.34 ? 19  ASN A ND2 1 
ATOM   91   N N   . GLY A 1 20  ? -0.799  -14.767 13.234  1.00 32.72 ? 20  GLY A N   1 
ATOM   92   C CA  . GLY A 1 20  ? 0.580   -14.834 13.676  1.00 31.34 ? 20  GLY A CA  1 
ATOM   93   C C   . GLY A 1 20  ? 1.410   -15.873 12.949  1.00 31.58 ? 20  GLY A C   1 
ATOM   94   O O   . GLY A 1 20  ? 0.885   -16.641 12.145  1.00 31.24 ? 20  GLY A O   1 
ATOM   95   N N   . PRO A 1 21  ? 2.723   -15.916 13.210  1.00 31.57 ? 21  PRO A N   1 
ATOM   96   C CA  . PRO A 1 21  ? 3.418   -15.039 14.156  1.00 31.94 ? 21  PRO A CA  1 
ATOM   97   C C   . PRO A 1 21  ? 3.527   -13.589 13.664  1.00 32.54 ? 21  PRO A C   1 
ATOM   98   O O   . PRO A 1 21  ? 3.335   -13.311 12.481  1.00 32.07 ? 21  PRO A O   1 
ATOM   99   C CB  . PRO A 1 21  ? 4.781   -15.708 14.295  1.00 31.89 ? 21  PRO A CB  1 
ATOM   100  C CG  . PRO A 1 21  ? 4.999   -16.284 12.934  1.00 32.03 ? 21  PRO A CG  1 
ATOM   101  C CD  . PRO A 1 21  ? 3.654   -16.888 12.613  1.00 32.05 ? 21  PRO A CD  1 
ATOM   102  N N   . PHE A 1 22  ? 3.830   -12.678 14.587  1.00 32.46 ? 22  PHE A N   1 
ATOM   103  C CA  . PHE A 1 22  ? 3.982   -11.257 14.277  1.00 31.88 ? 22  PHE A CA  1 
ATOM   104  C C   . PHE A 1 22  ? 5.349   -10.801 14.770  1.00 32.78 ? 22  PHE A C   1 
ATOM   105  O O   . PHE A 1 22  ? 6.053   -11.553 15.442  1.00 33.62 ? 22  PHE A O   1 
ATOM   106  C CB  . PHE A 1 22  ? 2.892   -10.433 14.979  1.00 30.73 ? 22  PHE A CB  1 
ATOM   107  C CG  . PHE A 1 22  ? 1.500   -10.731 14.499  1.00 29.81 ? 22  PHE A CG  1 
ATOM   108  C CD1 . PHE A 1 22  ? 1.066   -10.281 13.259  1.00 29.92 ? 22  PHE A CD1 1 
ATOM   109  C CD2 . PHE A 1 22  ? 0.634   -11.496 15.271  1.00 28.83 ? 22  PHE A CD2 1 
ATOM   110  C CE1 . PHE A 1 22  ? -0.209  -10.588 12.797  1.00 29.52 ? 22  PHE A CE1 1 
ATOM   111  C CE2 . PHE A 1 22  ? -0.644  -11.806 14.814  1.00 29.66 ? 22  PHE A CE2 1 
ATOM   112  C CZ  . PHE A 1 22  ? -1.063  -11.352 13.574  1.00 29.87 ? 22  PHE A CZ  1 
ATOM   113  N N   . GLY A 1 23  ? 5.724   -9.572  14.432  1.00 32.98 ? 23  GLY A N   1 
ATOM   114  C CA  . GLY A 1 23  ? 7.001   -9.030  14.870  1.00 33.58 ? 23  GLY A CA  1 
ATOM   115  C C   . GLY A 1 23  ? 8.240   -9.807  14.465  1.00 35.59 ? 23  GLY A C   1 
ATOM   116  O O   . GLY A 1 23  ? 8.289   -10.388 13.382  1.00 35.13 ? 23  GLY A O   1 
ATOM   117  N N   . ASP A 1 24  ? 9.252   -9.807  15.332  1.00 35.64 ? 24  ASP A N   1 
ATOM   118  C CA  . ASP A 1 24  ? 10.498  -10.510 15.046  1.00 36.64 ? 24  ASP A CA  1 
ATOM   119  C C   . ASP A 1 24  ? 10.273  -11.996 14.793  1.00 35.12 ? 24  ASP A C   1 
ATOM   120  O O   . ASP A 1 24  ? 11.044  -12.629 14.077  1.00 35.70 ? 24  ASP A O   1 
ATOM   121  C CB  . ASP A 1 24  ? 11.500  -10.327 16.188  1.00 40.08 ? 24  ASP A CB  1 
ATOM   122  C CG  . ASP A 1 24  ? 11.894  -8.873  16.389  1.00 44.13 ? 24  ASP A CG  1 
ATOM   123  O OD1 . ASP A 1 24  ? 12.156  -8.176  15.381  1.00 44.82 ? 24  ASP A OD1 1 
ATOM   124  O OD2 . ASP A 1 24  ? 11.948  -8.428  17.556  1.00 47.07 ? 24  ASP A OD2 1 
ATOM   125  N N   . ALA A 1 25  ? 9.220   -12.550 15.384  1.00 32.80 ? 25  ALA A N   1 
ATOM   126  C CA  . ALA A 1 25  ? 8.908   -13.954 15.184  1.00 32.43 ? 25  ALA A CA  1 
ATOM   127  C C   . ALA A 1 25  ? 8.459   -14.165 13.741  1.00 31.80 ? 25  ALA A C   1 
ATOM   128  O O   . ALA A 1 25  ? 8.756   -15.196 13.135  1.00 31.13 ? 25  ALA A O   1 
ATOM   129  C CB  . ALA A 1 25  ? 7.814   -14.398 16.145  1.00 31.44 ? 25  ALA A CB  1 
ATOM   130  N N   . MET A 1 26  ? 7.740   -13.190 13.191  1.00 30.93 ? 26  MET A N   1 
ATOM   131  C CA  . MET A 1 26  ? 7.265   -13.290 11.813  1.00 29.73 ? 26  MET A CA  1 
ATOM   132  C C   . MET A 1 26  ? 8.452   -13.171 10.864  1.00 29.34 ? 26  MET A C   1 
ATOM   133  O O   . MET A 1 26  ? 8.544   -13.896 9.876   1.00 28.82 ? 26  MET A O   1 
ATOM   134  C CB  . MET A 1 26  ? 6.252   -12.180 11.513  1.00 29.66 ? 26  MET A CB  1 
ATOM   135  C CG  . MET A 1 26  ? 5.612   -12.267 10.128  1.00 30.53 ? 26  MET A CG  1 
ATOM   136  S SD  . MET A 1 26  ? 4.606   -10.789 9.747   1.00 27.92 ? 26  MET A SD  1 
ATOM   137  C CE  . MET A 1 26  ? 3.025   -11.341 10.196  1.00 27.11 ? 26  MET A CE  1 
ATOM   138  N N   . ALA A 1 27  ? 9.360   -12.252 11.174  1.00 29.51 ? 27  ALA A N   1 
ATOM   139  C CA  . ALA A 1 27  ? 10.542  -12.041 10.350  1.00 31.03 ? 27  ALA A CA  1 
ATOM   140  C C   . ALA A 1 27  ? 11.389  -13.309 10.274  1.00 32.84 ? 27  ALA A C   1 
ATOM   141  O O   . ALA A 1 27  ? 11.959  -13.629 9.231   1.00 33.33 ? 27  ALA A O   1 
ATOM   142  C CB  . ALA A 1 27  ? 11.374  -10.900 10.903  1.00 29.58 ? 27  ALA A CB  1 
ATOM   143  N N   . GLU A 1 28  ? 11.471  -14.025 11.385  1.00 33.99 ? 28  GLU A N   1 
ATOM   144  C CA  . GLU A 1 28  ? 12.250  -15.253 11.431  1.00 35.18 ? 28  GLU A CA  1 
ATOM   145  C C   . GLU A 1 28  ? 11.557  -16.368 10.657  1.00 33.79 ? 28  GLU A C   1 
ATOM   146  O O   . GLU A 1 28  ? 12.188  -17.100 9.901   1.00 35.47 ? 28  GLU A O   1 
ATOM   147  C CB  . GLU A 1 28  ? 12.444  -15.696 12.881  1.00 38.25 ? 28  GLU A CB  1 
ATOM   148  C CG  . GLU A 1 28  ? 13.174  -17.019 13.025  1.00 44.02 ? 28  GLU A CG  1 
ATOM   149  C CD  . GLU A 1 28  ? 12.819  -17.732 14.314  1.00 47.42 ? 28  GLU A CD  1 
ATOM   150  O OE1 . GLU A 1 28  ? 13.100  -17.180 15.400  1.00 50.02 ? 28  GLU A OE1 1 
ATOM   151  O OE2 . GLU A 1 28  ? 12.252  -18.843 14.240  1.00 48.46 ? 28  GLU A OE2 1 
ATOM   152  N N   . GLN A 1 29  ? 10.249  -16.484 10.841  1.00 32.41 ? 29  GLN A N   1 
ATOM   153  C CA  . GLN A 1 29  ? 9.487   -17.531 10.182  1.00 32.28 ? 29  GLN A CA  1 
ATOM   154  C C   . GLN A 1 29  ? 9.316   -17.324 8.680   1.00 31.60 ? 29  GLN A C   1 
ATOM   155  O O   . GLN A 1 29  ? 9.437   -18.267 7.900   1.00 31.55 ? 29  GLN A O   1 
ATOM   156  C CB  . GLN A 1 29  ? 8.109   -17.644 10.829  1.00 32.39 ? 29  GLN A CB  1 
ATOM   157  C CG  . GLN A 1 29  ? 7.377   -18.942 10.526  1.00 34.55 ? 29  GLN A CG  1 
ATOM   158  C CD  . GLN A 1 29  ? 8.106   -20.156 11.098  1.00 35.54 ? 29  GLN A CD  1 
ATOM   159  O OE1 . GLN A 1 29  ? 8.682   -20.091 12.187  1.00 36.93 ? 29  GLN A OE1 1 
ATOM   160  N NE2 . GLN A 1 29  ? 8.067   -21.270 10.374  1.00 33.50 ? 29  GLN A NE2 1 
ATOM   161  N N   . LEU A 1 30  ? 9.043   -16.091 8.270   1.00 29.89 ? 30  LEU A N   1 
ATOM   162  C CA  . LEU A 1 30  ? 8.824   -15.822 6.857   1.00 27.81 ? 30  LEU A CA  1 
ATOM   163  C C   . LEU A 1 30  ? 10.033  -15.329 6.068   1.00 26.32 ? 30  LEU A C   1 
ATOM   164  O O   . LEU A 1 30  ? 9.902   -14.903 4.919   1.00 25.85 ? 30  LEU A O   1 
ATOM   165  C CB  . LEU A 1 30  ? 7.650   -14.849 6.703   1.00 26.95 ? 30  LEU A CB  1 
ATOM   166  C CG  . LEU A 1 30  ? 6.320   -15.396 7.247   1.00 27.28 ? 30  LEU A CG  1 
ATOM   167  C CD1 . LEU A 1 30  ? 5.199   -14.390 6.993   1.00 25.98 ? 30  LEU A CD1 1 
ATOM   168  C CD2 . LEU A 1 30  ? 5.992   -16.724 6.575   1.00 27.62 ? 30  LEU A CD2 1 
ATOM   169  N N   . LYS A 1 31  ? 11.212  -15.403 6.671   1.00 25.41 ? 31  LYS A N   1 
ATOM   170  C CA  . LYS A 1 31  ? 12.425  -14.966 5.988   1.00 26.15 ? 31  LYS A CA  1 
ATOM   171  C C   . LYS A 1 31  ? 12.611  -15.662 4.626   1.00 27.03 ? 31  LYS A C   1 
ATOM   172  O O   . LYS A 1 31  ? 12.909  -15.006 3.624   1.00 25.05 ? 31  LYS A O   1 
ATOM   173  C CB  . LYS A 1 31  ? 13.636  -15.216 6.896   1.00 29.21 ? 31  LYS A CB  1 
ATOM   174  C CG  . LYS A 1 31  ? 14.986  -14.828 6.318   1.00 31.23 ? 31  LYS A CG  1 
ATOM   175  C CD  . LYS A 1 31  ? 16.065  -15.083 7.357   1.00 34.66 ? 31  LYS A CD  1 
ATOM   176  C CE  . LYS A 1 31  ? 17.461  -14.858 6.805   1.00 37.87 ? 31  LYS A CE  1 
ATOM   177  N NZ  . LYS A 1 31  ? 17.688  -13.436 6.418   1.00 41.62 ? 31  LYS A NZ  1 
ATOM   178  N N   . PRO A 1 32  ? 12.437  -17.001 4.571   1.00 26.15 ? 32  PRO A N   1 
ATOM   179  C CA  . PRO A 1 32  ? 12.599  -17.728 3.302   1.00 25.07 ? 32  PRO A CA  1 
ATOM   180  C C   . PRO A 1 32  ? 11.603  -17.243 2.253   1.00 23.53 ? 32  PRO A C   1 
ATOM   181  O O   . PRO A 1 32  ? 11.918  -17.146 1.065   1.00 21.95 ? 32  PRO A O   1 
ATOM   182  C CB  . PRO A 1 32  ? 12.338  -19.181 3.694   1.00 27.39 ? 32  PRO A CB  1 
ATOM   183  C CG  . PRO A 1 32  ? 12.749  -19.227 5.134   1.00 27.69 ? 32  PRO A CG  1 
ATOM   184  C CD  . PRO A 1 32  ? 12.178  -17.941 5.678   1.00 27.83 ? 32  PRO A CD  1 
ATOM   185  N N   . LEU A 1 33  ? 10.389  -16.953 2.703   1.00 23.48 ? 33  LEU A N   1 
ATOM   186  C CA  . LEU A 1 33  ? 9.362   -16.467 1.799   1.00 23.68 ? 33  LEU A CA  1 
ATOM   187  C C   . LEU A 1 33  ? 9.789   -15.117 1.225   1.00 22.68 ? 33  LEU A C   1 
ATOM   188  O O   . LEU A 1 33  ? 9.667   -14.877 0.025   1.00 21.64 ? 33  LEU A O   1 
ATOM   189  C CB  . LEU A 1 33  ? 8.040   -16.328 2.549   1.00 24.86 ? 33  LEU A CB  1 
ATOM   190  C CG  . LEU A 1 33  ? 6.845   -15.845 1.737   1.00 27.13 ? 33  LEU A CG  1 
ATOM   191  C CD1 . LEU A 1 33  ? 6.561   -16.799 0.584   1.00 28.13 ? 33  LEU A CD1 1 
ATOM   192  C CD2 . LEU A 1 33  ? 5.650   -15.742 2.662   1.00 26.88 ? 33  LEU A CD2 1 
ATOM   193  N N   . ALA A 1 34  ? 10.296  -14.240 2.087   1.00 20.76 ? 34  ALA A N   1 
ATOM   194  C CA  . ALA A 1 34  ? 10.732  -12.917 1.656   1.00 20.82 ? 34  ALA A CA  1 
ATOM   195  C C   . ALA A 1 34  ? 11.848  -13.006 0.624   1.00 21.11 ? 34  ALA A C   1 
ATOM   196  O O   . ALA A 1 34  ? 11.839  -12.293 -0.384  1.00 20.28 ? 34  ALA A O   1 
ATOM   197  C CB  . ALA A 1 34  ? 11.198  -12.095 2.859   1.00 20.53 ? 34  ALA A CB  1 
ATOM   198  N N   . GLU A 1 35  ? 12.816  -13.882 0.865   1.00 20.80 ? 35  GLU A N   1 
ATOM   199  C CA  . GLU A 1 35  ? 13.920  -14.028 -0.073  1.00 20.48 ? 35  GLU A CA  1 
ATOM   200  C C   . GLU A 1 35  ? 13.446  -14.521 -1.444  1.00 20.67 ? 35  GLU A C   1 
ATOM   201  O O   . GLU A 1 35  ? 14.001  -14.121 -2.471  1.00 21.12 ? 35  GLU A O   1 
ATOM   202  C CB  . GLU A 1 35  ? 14.979  -14.977 0.508   1.00 23.99 ? 35  GLU A CB  1 
ATOM   203  C CG  . GLU A 1 35  ? 15.557  -14.487 1.837   1.00 29.01 ? 35  GLU A CG  1 
ATOM   204  C CD  . GLU A 1 35  ? 16.548  -15.460 2.453   1.00 35.00 ? 35  GLU A CD  1 
ATOM   205  O OE1 . GLU A 1 35  ? 16.218  -16.663 2.558   1.00 37.63 ? 35  GLU A OE1 1 
ATOM   206  O OE2 . GLU A 1 35  ? 17.650  -15.018 2.851   1.00 39.09 ? 35  GLU A OE2 1 
ATOM   207  N N   . SER A 1 36  ? 12.411  -15.364 -1.472  1.00 18.48 ? 36  SER A N   1 
ATOM   208  C CA  . SER A 1 36  ? 11.915  -15.889 -2.751  1.00 18.42 ? 36  SER A CA  1 
ATOM   209  C C   . SER A 1 36  ? 11.221  -14.815 -3.589  1.00 18.85 ? 36  SER A C   1 
ATOM   210  O O   . SER A 1 36  ? 11.205  -14.884 -4.823  1.00 16.43 ? 36  SER A O   1 
ATOM   211  C CB  . SER A 1 36  ? 10.946  -17.054 -2.520  1.00 18.33 ? 36  SER A CB  1 
ATOM   212  O OG  . SER A 1 36  ? 9.660   -16.590 -2.138  1.00 17.40 ? 36  SER A OG  1 
ATOM   213  N N   . ILE A 1 37  ? 10.641  -13.824 -2.923  1.00 17.94 ? 37  ILE A N   1 
ATOM   214  C CA  . ILE A 1 37  ? 9.964   -12.756 -3.647  1.00 16.92 ? 37  ILE A CA  1 
ATOM   215  C C   . ILE A 1 37  ? 10.987  -11.975 -4.472  1.00 17.24 ? 37  ILE A C   1 
ATOM   216  O O   . ILE A 1 37  ? 10.682  -11.491 -5.562  1.00 16.74 ? 37  ILE A O   1 
ATOM   217  C CB  . ILE A 1 37  ? 9.212   -11.821 -2.664  1.00 18.32 ? 37  ILE A CB  1 
ATOM   218  C CG1 . ILE A 1 37  ? 8.103   -12.619 -1.964  1.00 17.76 ? 37  ILE A CG1 1 
ATOM   219  C CG2 . ILE A 1 37  ? 8.605   -10.625 -3.413  1.00 17.60 ? 37  ILE A CG2 1 
ATOM   220  C CD1 . ILE A 1 37  ? 7.442   -11.884 -0.793  1.00 21.15 ? 37  ILE A CD1 1 
ATOM   221  N N   . ASN A 1 38  ? 12.214  -11.872 -3.971  1.00 18.21 ? 38  ASN A N   1 
ATOM   222  C CA  . ASN A 1 38  ? 13.245  -11.144 -4.709  1.00 19.54 ? 38  ASN A CA  1 
ATOM   223  C C   . ASN A 1 38  ? 13.575  -11.766 -6.072  1.00 21.73 ? 38  ASN A C   1 
ATOM   224  O O   . ASN A 1 38  ? 14.135  -11.091 -6.939  1.00 22.14 ? 38  ASN A O   1 
ATOM   225  C CB  . ASN A 1 38  ? 14.521  -11.010 -3.875  1.00 19.32 ? 38  ASN A CB  1 
ATOM   226  C CG  . ASN A 1 38  ? 14.364  -10.021 -2.725  1.00 20.82 ? 38  ASN A CG  1 
ATOM   227  O OD1 . ASN A 1 38  ? 13.635  -9.029  -2.836  1.00 20.61 ? 38  ASN A OD1 1 
ATOM   228  N ND2 . ASN A 1 38  ? 15.057  -10.278 -1.625  1.00 22.26 ? 38  ASN A ND2 1 
ATOM   229  N N   . GLN A 1 39  ? 13.216  -13.035 -6.267  1.00 20.49 ? 39  GLN A N   1 
ATOM   230  C CA  . GLN A 1 39  ? 13.474  -13.735 -7.523  1.00 20.07 ? 39  GLN A CA  1 
ATOM   231  C C   . GLN A 1 39  ? 12.316  -13.635 -8.505  1.00 20.64 ? 39  GLN A C   1 
ATOM   232  O O   . GLN A 1 39  ? 12.362  -14.224 -9.583  1.00 20.57 ? 39  GLN A O   1 
ATOM   233  C CB  . GLN A 1 39  ? 13.754  -15.217 -7.257  1.00 20.60 ? 39  GLN A CB  1 
ATOM   234  C CG  . GLN A 1 39  ? 15.053  -15.506 -6.532  1.00 22.78 ? 39  GLN A CG  1 
ATOM   235  C CD  . GLN A 1 39  ? 16.262  -15.029 -7.310  1.00 25.76 ? 39  GLN A CD  1 
ATOM   236  O OE1 . GLN A 1 39  ? 16.327  -15.177 -8.532  1.00 30.16 ? 39  GLN A OE1 1 
ATOM   237  N NE2 . GLN A 1 39  ? 17.235  -14.470 -6.607  1.00 28.22 ? 39  GLN A NE2 1 
ATOM   238  N N   . GLU A 1 40  ? 11.272  -12.903 -8.133  1.00 19.75 ? 40  GLU A N   1 
ATOM   239  C CA  . GLU A 1 40  ? 10.107  -12.768 -9.003  1.00 18.37 ? 40  GLU A CA  1 
ATOM   240  C C   . GLU A 1 40  ? 10.332  -11.728 -10.104 1.00 20.94 ? 40  GLU A C   1 
ATOM   241  O O   . GLU A 1 40  ? 10.783  -10.613 -9.842  1.00 22.44 ? 40  GLU A O   1 
ATOM   242  C CB  . GLU A 1 40  ? 8.876   -12.402 -8.168  1.00 18.59 ? 40  GLU A CB  1 
ATOM   243  C CG  . GLU A 1 40  ? 8.507   -13.444 -7.092  1.00 16.81 ? 40  GLU A CG  1 
ATOM   244  C CD  . GLU A 1 40  ? 7.980   -14.757 -7.680  1.00 20.44 ? 40  GLU A CD  1 
ATOM   245  O OE1 . GLU A 1 40  ? 7.698   -14.804 -8.898  1.00 20.58 ? 40  GLU A OE1 1 
ATOM   246  O OE2 . GLU A 1 40  ? 7.835   -15.740 -6.920  1.00 20.47 ? 40  GLU A OE2 1 
ATOM   247  N N   . PRO A 1 41  ? 10.033  -12.091 -11.358 1.00 22.26 ? 41  PRO A N   1 
ATOM   248  C CA  . PRO A 1 41  ? 10.230  -11.137 -12.457 1.00 21.19 ? 41  PRO A CA  1 
ATOM   249  C C   . PRO A 1 41  ? 9.329   -9.897  -12.330 1.00 21.23 ? 41  PRO A C   1 
ATOM   250  O O   . PRO A 1 41  ? 8.148   -9.996  -11.993 1.00 20.56 ? 41  PRO A O   1 
ATOM   251  C CB  . PRO A 1 41  ? 9.933   -11.978 -13.704 1.00 20.97 ? 41  PRO A CB  1 
ATOM   252  C CG  . PRO A 1 41  ? 8.962   -13.012 -13.210 1.00 21.44 ? 41  PRO A CG  1 
ATOM   253  C CD  . PRO A 1 41  ? 9.497   -13.378 -11.845 1.00 19.94 ? 41  PRO A CD  1 
ATOM   254  N N   . GLY A 1 42  ? 9.907   -8.727  -12.583 1.00 21.39 ? 42  GLY A N   1 
ATOM   255  C CA  . GLY A 1 42  ? 9.145   -7.495  -12.496 1.00 19.52 ? 42  GLY A CA  1 
ATOM   256  C C   . GLY A 1 42  ? 9.025   -6.930  -11.093 1.00 20.89 ? 42  GLY A C   1 
ATOM   257  O O   . GLY A 1 42  ? 8.552   -5.810  -10.912 1.00 20.82 ? 42  GLY A O   1 
ATOM   258  N N   . PHE A 1 43  ? 9.462   -7.690  -10.097 1.00 17.99 ? 43  PHE A N   1 
ATOM   259  C CA  . PHE A 1 43  ? 9.380   -7.240  -8.716  1.00 20.20 ? 43  PHE A CA  1 
ATOM   260  C C   . PHE A 1 43  ? 10.427  -6.176  -8.371  1.00 20.80 ? 43  PHE A C   1 
ATOM   261  O O   . PHE A 1 43  ? 11.607  -6.339  -8.683  1.00 21.26 ? 43  PHE A O   1 
ATOM   262  C CB  . PHE A 1 43  ? 9.541   -8.430  -7.774  1.00 20.04 ? 43  PHE A CB  1 
ATOM   263  C CG  . PHE A 1 43  ? 9.555   -8.047  -6.334  1.00 21.13 ? 43  PHE A CG  1 
ATOM   264  C CD1 . PHE A 1 43  ? 8.402   -7.571  -5.720  1.00 20.45 ? 43  PHE A CD1 1 
ATOM   265  C CD2 . PHE A 1 43  ? 10.729  -8.117  -5.600  1.00 19.30 ? 43  PHE A CD2 1 
ATOM   266  C CE1 . PHE A 1 43  ? 8.417   -7.168  -4.390  1.00 21.13 ? 43  PHE A CE1 1 
ATOM   267  C CE2 . PHE A 1 43  ? 10.755  -7.717  -4.274  1.00 20.58 ? 43  PHE A CE2 1 
ATOM   268  C CZ  . PHE A 1 43  ? 9.593   -7.239  -3.665  1.00 17.32 ? 43  PHE A CZ  1 
ATOM   269  N N   . LEU A 1 44  ? 9.989   -5.096  -7.719  1.00 19.59 ? 44  LEU A N   1 
ATOM   270  C CA  . LEU A 1 44  ? 10.884  -4.000  -7.322  1.00 21.18 ? 44  LEU A CA  1 
ATOM   271  C C   . LEU A 1 44  ? 11.090  -3.948  -5.804  1.00 21.41 ? 44  LEU A C   1 
ATOM   272  O O   . LEU A 1 44  ? 12.223  -3.965  -5.322  1.00 22.08 ? 44  LEU A O   1 
ATOM   273  C CB  . LEU A 1 44  ? 10.333  -2.659  -7.820  1.00 19.45 ? 44  LEU A CB  1 
ATOM   274  C CG  . LEU A 1 44  ? 10.217  -2.525  -9.345  1.00 20.74 ? 44  LEU A CG  1 
ATOM   275  C CD1 . LEU A 1 44  ? 9.620   -1.177  -9.697  1.00 22.25 ? 44  LEU A CD1 1 
ATOM   276  C CD2 . LEU A 1 44  ? 11.593  -2.686  -9.984  1.00 22.70 ? 44  LEU A CD2 1 
ATOM   277  N N   . TRP A 1 45  ? 10.006  -3.848  -5.048  1.00 21.18 ? 45  TRP A N   1 
ATOM   278  C CA  . TRP A 1 45  ? 10.132  -3.854  -3.594  1.00 22.23 ? 45  TRP A CA  1 
ATOM   279  C C   . TRP A 1 45  ? 8.829   -4.207  -2.916  1.00 21.49 ? 45  TRP A C   1 
ATOM   280  O O   . TRP A 1 45  ? 7.771   -4.210  -3.543  1.00 20.77 ? 45  TRP A O   1 
ATOM   281  C CB  . TRP A 1 45  ? 10.642  -2.508  -3.051  1.00 23.49 ? 45  TRP A CB  1 
ATOM   282  C CG  . TRP A 1 45  ? 9.880   -1.287  -3.488  1.00 24.71 ? 45  TRP A CG  1 
ATOM   283  C CD1 . TRP A 1 45  ? 10.262  -0.376  -4.432  1.00 25.63 ? 45  TRP A CD1 1 
ATOM   284  C CD2 . TRP A 1 45  ? 8.621   -0.826  -2.973  1.00 25.72 ? 45  TRP A CD2 1 
ATOM   285  N NE1 . TRP A 1 45  ? 9.323   0.626   -4.535  1.00 25.19 ? 45  TRP A NE1 1 
ATOM   286  C CE2 . TRP A 1 45  ? 8.304   0.374   -3.652  1.00 26.58 ? 45  TRP A CE2 1 
ATOM   287  C CE3 . TRP A 1 45  ? 7.732   -1.311  -2.004  1.00 26.19 ? 45  TRP A CE3 1 
ATOM   288  C CZ2 . TRP A 1 45  ? 7.135   1.096   -3.394  1.00 26.34 ? 45  TRP A CZ2 1 
ATOM   289  C CZ3 . TRP A 1 45  ? 6.568   -0.593  -1.744  1.00 26.33 ? 45  TRP A CZ3 1 
ATOM   290  C CH2 . TRP A 1 45  ? 6.280   0.598   -2.438  1.00 28.93 ? 45  TRP A CH2 1 
ATOM   291  N N   . LYS A 1 46  ? 8.915   -4.534  -1.633  1.00 21.34 ? 46  LYS A N   1 
ATOM   292  C CA  . LYS A 1 46  ? 7.725   -4.856  -0.886  1.00 22.03 ? 46  LYS A CA  1 
ATOM   293  C C   . LYS A 1 46  ? 7.811   -4.355  0.532   1.00 21.04 ? 46  LYS A C   1 
ATOM   294  O O   . LYS A 1 46  ? 8.867   -4.419  1.158   1.00 21.09 ? 46  LYS A O   1 
ATOM   295  C CB  . LYS A 1 46  ? 7.479   -6.359  -0.838  1.00 24.66 ? 46  LYS A CB  1 
ATOM   296  C CG  . LYS A 1 46  ? 6.078   -6.638  -0.376  1.00 28.43 ? 46  LYS A CG  1 
ATOM   297  C CD  . LYS A 1 46  ? 6.013   -7.427  0.889   1.00 31.89 ? 46  LYS A CD  1 
ATOM   298  C CE  . LYS A 1 46  ? 6.051   -8.889  0.572   1.00 30.91 ? 46  LYS A CE  1 
ATOM   299  N NZ  . LYS A 1 46  ? 4.964   -9.597  1.304   1.00 31.21 ? 46  LYS A NZ  1 
ATOM   300  N N   . VAL A 1 47  ? 6.693   -3.834  1.025   1.00 21.78 ? 47  VAL A N   1 
ATOM   301  C CA  . VAL A 1 47  ? 6.614   -3.376  2.402   1.00 20.67 ? 47  VAL A CA  1 
ATOM   302  C C   . VAL A 1 47  ? 5.683   -4.367  3.070   1.00 20.10 ? 47  VAL A C   1 
ATOM   303  O O   . VAL A 1 47  ? 4.537   -4.523  2.653   1.00 22.48 ? 47  VAL A O   1 
ATOM   304  C CB  . VAL A 1 47  ? 5.992   -1.965  2.533   1.00 22.27 ? 47  VAL A CB  1 
ATOM   305  C CG1 . VAL A 1 47  ? 5.792   -1.638  4.016   1.00 21.02 ? 47  VAL A CG1 1 
ATOM   306  C CG2 . VAL A 1 47  ? 6.896   -0.922  1.894   1.00 22.37 ? 47  VAL A CG2 1 
ATOM   307  N N   . TRP A 1 48  ? 6.183   -5.054  4.092   1.00 19.74 ? 48  TRP A N   1 
ATOM   308  C CA  . TRP A 1 48  ? 5.378   -6.035  4.805   1.00 19.84 ? 48  TRP A CA  1 
ATOM   309  C C   . TRP A 1 48  ? 4.525   -5.363  5.861   1.00 20.06 ? 48  TRP A C   1 
ATOM   310  O O   . TRP A 1 48  ? 5.035   -4.637  6.709   1.00 22.29 ? 48  TRP A O   1 
ATOM   311  C CB  . TRP A 1 48  ? 6.264   -7.070  5.487   1.00 18.69 ? 48  TRP A CB  1 
ATOM   312  C CG  . TRP A 1 48  ? 6.980   -7.960  4.540   1.00 20.20 ? 48  TRP A CG  1 
ATOM   313  C CD1 . TRP A 1 48  ? 7.999   -7.621  3.703   1.00 19.15 ? 48  TRP A CD1 1 
ATOM   314  C CD2 . TRP A 1 48  ? 6.733   -9.356  4.334   1.00 19.26 ? 48  TRP A CD2 1 
ATOM   315  N NE1 . TRP A 1 48  ? 8.407   -8.722  2.986   1.00 21.37 ? 48  TRP A NE1 1 
ATOM   316  C CE2 . TRP A 1 48  ? 7.644   -9.800  3.351   1.00 21.79 ? 48  TRP A CE2 1 
ATOM   317  C CE3 . TRP A 1 48  ? 5.825   -10.272 4.880   1.00 21.67 ? 48  TRP A CE3 1 
ATOM   318  C CZ2 . TRP A 1 48  ? 7.684   -11.129 2.910   1.00 21.91 ? 48  TRP A CZ2 1 
ATOM   319  C CZ3 . TRP A 1 48  ? 5.861   -11.596 4.439   1.00 24.58 ? 48  TRP A CZ3 1 
ATOM   320  C CH2 . TRP A 1 48  ? 6.784   -12.009 3.460   1.00 22.70 ? 48  TRP A CH2 1 
ATOM   321  N N   . THR A 1 49  ? 3.231   -5.625  5.819   1.00 19.68 ? 49  THR A N   1 
ATOM   322  C CA  . THR A 1 49  ? 2.315   -5.036  6.772   1.00 20.44 ? 49  THR A CA  1 
ATOM   323  C C   . THR A 1 49  ? 1.772   -6.099  7.717   1.00 23.34 ? 49  THR A C   1 
ATOM   324  O O   . THR A 1 49  ? 1.653   -7.269  7.354   1.00 20.23 ? 49  THR A O   1 
ATOM   325  C CB  . THR A 1 49  ? 1.139   -4.381  6.036   1.00 20.94 ? 49  THR A CB  1 
ATOM   326  O OG1 . THR A 1 49  ? 0.417   -5.382  5.302   1.00 21.23 ? 49  THR A OG1 1 
ATOM   327  C CG2 . THR A 1 49  ? 1.649   -3.323  5.071   1.00 19.48 ? 49  THR A CG2 1 
ATOM   328  N N   . GLU A 1 50  ? 1.456   -5.689  8.938   1.00 21.90 ? 50  GLU A N   1 
ATOM   329  C CA  . GLU A 1 50  ? 0.912   -6.607  9.925   1.00 26.01 ? 50  GLU A CA  1 
ATOM   330  C C   . GLU A 1 50  ? 0.130   -5.836  10.973  1.00 26.13 ? 50  GLU A C   1 
ATOM   331  O O   . GLU A 1 50  ? 0.384   -4.655  11.214  1.00 26.92 ? 50  GLU A O   1 
ATOM   332  C CB  . GLU A 1 50  ? 2.037   -7.409  10.611  1.00 27.11 ? 50  GLU A CB  1 
ATOM   333  C CG  . GLU A 1 50  ? 3.193   -6.562  11.141  1.00 31.06 ? 50  GLU A CG  1 
ATOM   334  C CD  . GLU A 1 50  ? 4.182   -7.342  12.011  1.00 33.32 ? 50  GLU A CD  1 
ATOM   335  O OE1 . GLU A 1 50  ? 5.393   -7.057  11.938  1.00 35.61 ? 50  GLU A OE1 1 
ATOM   336  O OE2 . GLU A 1 50  ? 3.752   -8.221  12.781  1.00 34.80 ? 50  GLU A OE2 1 
ATOM   337  N N   . SER A 1 51  ? -0.843  -6.508  11.568  1.00 27.08 ? 51  SER A N   1 
ATOM   338  C CA  . SER A 1 51  ? -1.649  -5.923  12.624  1.00 27.83 ? 51  SER A CA  1 
ATOM   339  C C   . SER A 1 51  ? -2.087  -7.043  13.548  1.00 28.79 ? 51  SER A C   1 
ATOM   340  O O   . SER A 1 51  ? -3.094  -7.707  13.304  1.00 28.57 ? 51  SER A O   1 
ATOM   341  C CB  . SER A 1 51  ? -2.874  -5.216  12.059  1.00 28.46 ? 51  SER A CB  1 
ATOM   342  O OG  . SER A 1 51  ? -3.632  -4.643  13.117  1.00 31.89 ? 51  SER A OG  1 
ATOM   343  N N   . GLU A 1 52  ? -1.310  -7.262  14.600  1.00 32.07 ? 52  GLU A N   1 
ATOM   344  C CA  . GLU A 1 52  ? -1.622  -8.303  15.567  1.00 35.48 ? 52  GLU A CA  1 
ATOM   345  C C   . GLU A 1 52  ? -2.967  -7.983  16.207  1.00 36.51 ? 52  GLU A C   1 
ATOM   346  O O   . GLU A 1 52  ? -3.770  -8.876  16.474  1.00 36.57 ? 52  GLU A O   1 
ATOM   347  C CB  . GLU A 1 52  ? -0.542  -8.361  16.641  1.00 38.53 ? 52  GLU A CB  1 
ATOM   348  C CG  . GLU A 1 52  ? -0.679  -9.539  17.586  1.00 42.20 ? 52  GLU A CG  1 
ATOM   349  C CD  . GLU A 1 52  ? 0.418   -9.569  18.624  1.00 44.74 ? 52  GLU A CD  1 
ATOM   350  O OE1 . GLU A 1 52  ? 1.557   -9.167  18.299  1.00 47.29 ? 52  GLU A OE1 1 
ATOM   351  O OE2 . GLU A 1 52  ? 0.149   -10.006 19.763  1.00 49.09 ? 52  GLU A OE2 1 
ATOM   352  N N   . LYS A 1 53  ? -3.197  -6.692  16.434  1.00 38.45 ? 53  LYS A N   1 
ATOM   353  C CA  . LYS A 1 53  ? -4.425  -6.196  17.039  1.00 40.14 ? 53  LYS A CA  1 
ATOM   354  C C   . LYS A 1 53  ? -5.667  -6.610  16.260  1.00 38.82 ? 53  LYS A C   1 
ATOM   355  O O   . LYS A 1 53  ? -6.660  -7.041  16.847  1.00 39.52 ? 53  LYS A O   1 
ATOM   356  C CB  . LYS A 1 53  ? -4.354  -4.668  17.146  1.00 42.95 ? 53  LYS A CB  1 
ATOM   357  C CG  . LYS A 1 53  ? -5.619  -3.996  17.658  1.00 48.08 ? 53  LYS A CG  1 
ATOM   358  C CD  . LYS A 1 53  ? -5.380  -2.506  17.907  1.00 51.09 ? 53  LYS A CD  1 
ATOM   359  C CE  . LYS A 1 53  ? -4.920  -1.793  16.639  1.00 52.62 ? 53  LYS A CE  1 
ATOM   360  N NZ  . LYS A 1 53  ? -4.474  -0.399  16.906  1.00 52.96 ? 53  LYS A NZ  1 
ATOM   361  N N   . ASN A 1 54  ? -5.615  -6.491  14.938  1.00 37.81 ? 54  ASN A N   1 
ATOM   362  C CA  . ASN A 1 54  ? -6.764  -6.855  14.109  1.00 36.10 ? 54  ASN A CA  1 
ATOM   363  C C   . ASN A 1 54  ? -6.618  -8.234  13.481  1.00 34.72 ? 54  ASN A C   1 
ATOM   364  O O   . ASN A 1 54  ? -7.469  -8.656  12.698  1.00 32.69 ? 54  ASN A O   1 
ATOM   365  C CB  . ASN A 1 54  ? -6.972  -5.818  13.004  1.00 37.62 ? 54  ASN A CB  1 
ATOM   366  C CG  . ASN A 1 54  ? -7.070  -4.411  13.544  1.00 40.23 ? 54  ASN A CG  1 
ATOM   367  O OD1 . ASN A 1 54  ? -7.841  -4.144  14.468  1.00 41.31 ? 54  ASN A OD1 1 
ATOM   368  N ND2 . ASN A 1 54  ? -6.296  -3.498  12.969  1.00 40.00 ? 54  ASN A ND2 1 
ATOM   369  N N   . HIS A 1 55  ? -5.540  -8.932  13.825  1.00 33.46 ? 55  HIS A N   1 
ATOM   370  C CA  . HIS A 1 55  ? -5.295  -10.262 13.275  1.00 33.27 ? 55  HIS A CA  1 
ATOM   371  C C   . HIS A 1 55  ? -5.296  -10.210 11.743  1.00 30.76 ? 55  HIS A C   1 
ATOM   372  O O   . HIS A 1 55  ? -6.132  -10.828 11.079  1.00 27.18 ? 55  HIS A O   1 
ATOM   373  C CB  . HIS A 1 55  ? -6.371  -11.237 13.762  1.00 37.46 ? 55  HIS A CB  1 
ATOM   374  C CG  . HIS A 1 55  ? -6.279  -11.562 15.221  1.00 43.18 ? 55  HIS A CG  1 
ATOM   375  N ND1 . HIS A 1 55  ? -5.256  -12.321 15.749  1.00 45.64 ? 55  HIS A ND1 1 
ATOM   376  C CD2 . HIS A 1 55  ? -7.073  -11.219 16.262  1.00 45.79 ? 55  HIS A CD2 1 
ATOM   377  C CE1 . HIS A 1 55  ? -5.424  -12.430 17.055  1.00 48.17 ? 55  HIS A CE1 1 
ATOM   378  N NE2 . HIS A 1 55  ? -6.517  -11.770 17.392  1.00 47.68 ? 55  HIS A NE2 1 
ATOM   379  N N   . GLU A 1 56  ? -4.369  -9.442  11.187  1.00 29.62 ? 56  GLU A N   1 
ATOM   380  C CA  . GLU A 1 56  ? -4.261  -9.332  9.742   1.00 29.46 ? 56  GLU A CA  1 
ATOM   381  C C   . GLU A 1 56  ? -2.841  -9.044  9.321   1.00 27.35 ? 56  GLU A C   1 
ATOM   382  O O   . GLU A 1 56  ? -2.030  -8.539  10.098  1.00 27.74 ? 56  GLU A O   1 
ATOM   383  C CB  . GLU A 1 56  ? -5.208  -8.253  9.188   1.00 32.21 ? 56  GLU A CB  1 
ATOM   384  C CG  . GLU A 1 56  ? -5.481  -7.091  10.124  1.00 38.29 ? 56  GLU A CG  1 
ATOM   385  C CD  . GLU A 1 56  ? -6.392  -6.031  9.508   1.00 39.12 ? 56  GLU A CD  1 
ATOM   386  O OE1 . GLU A 1 56  ? -7.438  -6.400  8.924   1.00 37.51 ? 56  GLU A OE1 1 
ATOM   387  O OE2 . GLU A 1 56  ? -6.063  -4.829  9.622   1.00 43.64 ? 56  GLU A OE2 1 
ATOM   388  N N   . ALA A 1 57  ? -2.531  -9.400  8.084   1.00 24.58 ? 57  ALA A N   1 
ATOM   389  C CA  . ALA A 1 57  ? -1.205  -9.167  7.558   1.00 22.48 ? 57  ALA A CA  1 
ATOM   390  C C   . ALA A 1 57  ? -1.337  -9.000  6.060   1.00 21.46 ? 57  ALA A C   1 
ATOM   391  O O   . ALA A 1 57  ? -2.392  -9.270  5.479   1.00 21.51 ? 57  ALA A O   1 
ATOM   392  C CB  . ALA A 1 57  ? -0.303  -10.346 7.871   1.00 21.64 ? 57  ALA A CB  1 
ATOM   393  N N   . GLY A 1 58  ? -0.254  -8.569  5.439   1.00 21.72 ? 58  GLY A N   1 
ATOM   394  C CA  . GLY A 1 58  ? -0.272  -8.388  4.008   1.00 21.05 ? 58  GLY A CA  1 
ATOM   395  C C   . GLY A 1 58  ? 0.995   -7.737  3.527   1.00 20.33 ? 58  GLY A C   1 
ATOM   396  O O   . GLY A 1 58  ? 2.055   -7.893  4.133   1.00 20.23 ? 58  GLY A O   1 
ATOM   397  N N   . GLY A 1 59  ? 0.881   -7.003  2.427   1.00 19.06 ? 59  GLY A N   1 
ATOM   398  C CA  . GLY A 1 59  ? 2.029   -6.323  1.879   1.00 18.45 ? 59  GLY A CA  1 
ATOM   399  C C   . GLY A 1 59  ? 1.671   -5.395  0.737   1.00 16.16 ? 59  GLY A C   1 
ATOM   400  O O   . GLY A 1 59  ? 0.637   -5.541  0.085   1.00 17.10 ? 59  GLY A O   1 
ATOM   401  N N   . ILE A 1 60  ? 2.536   -4.412  0.529   1.00 16.81 ? 60  ILE A N   1 
ATOM   402  C CA  . ILE A 1 60  ? 2.381   -3.455  -0.553  1.00 16.87 ? 60  ILE A CA  1 
ATOM   403  C C   . ILE A 1 60  ? 3.548   -3.803  -1.463  1.00 17.01 ? 60  ILE A C   1 
ATOM   404  O O   . ILE A 1 60  ? 4.696   -3.807  -1.021  1.00 18.99 ? 60  ILE A O   1 
ATOM   405  C CB  . ILE A 1 60  ? 2.551   -1.993  -0.071  1.00 18.66 ? 60  ILE A CB  1 
ATOM   406  C CG1 . ILE A 1 60  ? 1.517   -1.671  1.004   1.00 18.05 ? 60  ILE A CG1 1 
ATOM   407  C CG2 . ILE A 1 60  ? 2.446   -1.036  -1.264  1.00 14.95 ? 60  ILE A CG2 1 
ATOM   408  C CD1 . ILE A 1 60  ? 0.089   -1.927  0.592   1.00 20.11 ? 60  ILE A CD1 1 
ATOM   409  N N   . TYR A 1 61  ? 3.254   -4.103  -2.722  1.00 16.45 ? 61  TYR A N   1 
ATOM   410  C CA  . TYR A 1 61  ? 4.282   -4.487  -3.675  1.00 16.98 ? 61  TYR A CA  1 
ATOM   411  C C   . TYR A 1 61  ? 4.361   -3.532  -4.858  1.00 17.97 ? 61  TYR A C   1 
ATOM   412  O O   . TYR A 1 61  ? 3.331   -3.084  -5.360  1.00 19.07 ? 61  TYR A O   1 
ATOM   413  C CB  . TYR A 1 61  ? 3.977   -5.860  -4.281  1.00 17.23 ? 61  TYR A CB  1 
ATOM   414  C CG  . TYR A 1 61  ? 3.953   -7.071  -3.374  1.00 17.94 ? 61  TYR A CG  1 
ATOM   415  C CD1 . TYR A 1 61  ? 4.923   -8.070  -3.499  1.00 21.74 ? 61  TYR A CD1 1 
ATOM   416  C CD2 . TYR A 1 61  ? 2.898   -7.284  -2.481  1.00 19.06 ? 61  TYR A CD2 1 
ATOM   417  C CE1 . TYR A 1 61  ? 4.844   -9.259  -2.770  1.00 19.71 ? 61  TYR A CE1 1 
ATOM   418  C CE2 . TYR A 1 61  ? 2.808   -8.466  -1.739  1.00 18.36 ? 61  TYR A CE2 1 
ATOM   419  C CZ  . TYR A 1 61  ? 3.788   -9.453  -1.895  1.00 21.94 ? 61  TYR A CZ  1 
ATOM   420  O OH  . TYR A 1 61  ? 3.698   -10.625 -1.169  1.00 18.77 ? 61  TYR A OH  1 
ATOM   421  N N   . LEU A 1 62  ? 5.572   -3.244  -5.319  1.00 19.25 ? 62  LEU A N   1 
ATOM   422  C CA  . LEU A 1 62  ? 5.730   -2.412  -6.504  1.00 19.90 ? 62  LEU A CA  1 
ATOM   423  C C   . LEU A 1 62  ? 6.317   -3.330  -7.576  1.00 19.11 ? 62  LEU A C   1 
ATOM   424  O O   . LEU A 1 62  ? 7.346   -3.971  -7.358  1.00 20.21 ? 62  LEU A O   1 
ATOM   425  C CB  . LEU A 1 62  ? 6.683   -1.239  -6.252  1.00 20.02 ? 62  LEU A CB  1 
ATOM   426  C CG  . LEU A 1 62  ? 6.691   -0.212  -7.397  1.00 23.02 ? 62  LEU A CG  1 
ATOM   427  C CD1 . LEU A 1 62  ? 5.307   0.409   -7.539  1.00 22.72 ? 62  LEU A CD1 1 
ATOM   428  C CD2 . LEU A 1 62  ? 7.731   0.873   -7.137  1.00 24.76 ? 62  LEU A CD2 1 
ATOM   429  N N   . PHE A 1 63  ? 5.640   -3.408  -8.718  1.00 20.27 ? 63  PHE A N   1 
ATOM   430  C CA  . PHE A 1 63  ? 6.081   -4.213  -9.854  1.00 19.02 ? 63  PHE A CA  1 
ATOM   431  C C   . PHE A 1 63  ? 6.287   -3.255  -11.019 1.00 21.98 ? 63  PHE A C   1 
ATOM   432  O O   . PHE A 1 63  ? 5.661   -2.195  -11.086 1.00 22.12 ? 63  PHE A O   1 
ATOM   433  C CB  . PHE A 1 63  ? 5.022   -5.241  -10.242 1.00 17.54 ? 63  PHE A CB  1 
ATOM   434  C CG  . PHE A 1 63  ? 5.032   -6.476  -9.389  1.00 19.43 ? 63  PHE A CG  1 
ATOM   435  C CD1 . PHE A 1 63  ? 5.844   -7.565  -9.714  1.00 18.68 ? 63  PHE A CD1 1 
ATOM   436  C CD2 . PHE A 1 63  ? 4.251   -6.541  -8.240  1.00 16.60 ? 63  PHE A CD2 1 
ATOM   437  C CE1 . PHE A 1 63  ? 5.872   -8.703  -8.899  1.00 18.05 ? 63  PHE A CE1 1 
ATOM   438  C CE2 . PHE A 1 63  ? 4.270   -7.666  -7.417  1.00 19.98 ? 63  PHE A CE2 1 
ATOM   439  C CZ  . PHE A 1 63  ? 5.080   -8.750  -7.746  1.00 19.36 ? 63  PHE A CZ  1 
ATOM   440  N N   . THR A 1 64  ? 7.153   -3.649  -11.941 1.00 22.14 ? 64  THR A N   1 
ATOM   441  C CA  . THR A 1 64  ? 7.469   -2.858  -13.117 1.00 24.58 ? 64  THR A CA  1 
ATOM   442  C C   . THR A 1 64  ? 6.275   -2.712  -14.071 1.00 24.22 ? 64  THR A C   1 
ATOM   443  O O   . THR A 1 64  ? 6.125   -1.689  -14.737 1.00 23.02 ? 64  THR A O   1 
ATOM   444  C CB  . THR A 1 64  ? 8.660   -3.500  -13.864 1.00 25.36 ? 64  THR A CB  1 
ATOM   445  O OG1 . THR A 1 64  ? 8.983   -2.722  -15.019 1.00 34.55 ? 64  THR A OG1 1 
ATOM   446  C CG2 . THR A 1 64  ? 8.307   -4.904  -14.295 1.00 25.26 ? 64  THR A CG2 1 
ATOM   447  N N   . ASP A 1 65  ? 5.434   -3.741  -14.134 1.00 22.46 ? 65  ASP A N   1 
ATOM   448  C CA  . ASP A 1 65  ? 4.266   -3.724  -15.004 1.00 23.31 ? 65  ASP A CA  1 
ATOM   449  C C   . ASP A 1 65  ? 3.102   -4.510  -14.402 1.00 22.55 ? 65  ASP A C   1 
ATOM   450  O O   . ASP A 1 65  ? 3.281   -5.292  -13.466 1.00 21.71 ? 65  ASP A O   1 
ATOM   451  C CB  . ASP A 1 65  ? 4.608   -4.317  -16.374 1.00 26.65 ? 65  ASP A CB  1 
ATOM   452  C CG  . ASP A 1 65  ? 5.142   -5.734  -16.278 1.00 30.61 ? 65  ASP A CG  1 
ATOM   453  O OD1 . ASP A 1 65  ? 6.368   -5.896  -16.138 1.00 34.26 ? 65  ASP A OD1 1 
ATOM   454  O OD2 . ASP A 1 65  ? 4.336   -6.684  -16.324 1.00 32.24 ? 65  ASP A OD2 1 
ATOM   455  N N   . GLU A 1 66  ? 1.909   -4.318  -14.957 1.00 22.08 ? 66  GLU A N   1 
ATOM   456  C CA  . GLU A 1 66  ? 0.728   -4.998  -14.449 1.00 25.00 ? 66  GLU A CA  1 
ATOM   457  C C   . GLU A 1 66  ? 0.733   -6.511  -14.644 1.00 25.20 ? 66  GLU A C   1 
ATOM   458  O O   . GLU A 1 66  ? 0.295   -7.255  -13.765 1.00 24.98 ? 66  GLU A O   1 
ATOM   459  C CB  . GLU A 1 66  ? -0.537  -4.417  -15.080 1.00 26.75 ? 66  GLU A CB  1 
ATOM   460  C CG  . GLU A 1 66  ? -1.803  -5.124  -14.614 1.00 33.96 ? 66  GLU A CG  1 
ATOM   461  C CD  . GLU A 1 66  ? -3.063  -4.546  -15.220 1.00 37.37 ? 66  GLU A CD  1 
ATOM   462  O OE1 . GLU A 1 66  ? -3.697  -3.691  -14.570 1.00 39.19 ? 66  GLU A OE1 1 
ATOM   463  O OE2 . GLU A 1 66  ? -3.407  -4.947  -16.350 1.00 40.12 ? 66  GLU A OE2 1 
ATOM   464  N N   . LYS A 1 67  ? 1.215   -6.974  -15.791 1.00 23.65 ? 67  LYS A N   1 
ATOM   465  C CA  . LYS A 1 67  ? 1.239   -8.411  -16.067 1.00 24.73 ? 67  LYS A CA  1 
ATOM   466  C C   . LYS A 1 67  ? 2.061   -9.155  -15.013 1.00 22.10 ? 67  LYS A C   1 
ATOM   467  O O   . LYS A 1 67  ? 1.659   -10.211 -14.533 1.00 21.26 ? 67  LYS A O   1 
ATOM   468  C CB  . LYS A 1 67  ? 1.815   -8.652  -17.467 1.00 27.67 ? 67  LYS A CB  1 
ATOM   469  C CG  . LYS A 1 67  ? 1.648   -10.061 -17.994 1.00 33.29 ? 67  LYS A CG  1 
ATOM   470  C CD  . LYS A 1 67  ? 2.048   -10.112 -19.457 1.00 37.80 ? 67  LYS A CD  1 
ATOM   471  C CE  . LYS A 1 67  ? 1.917   -11.514 -20.029 1.00 42.69 ? 67  LYS A CE  1 
ATOM   472  N NZ  . LYS A 1 67  ? 2.332   -11.544 -21.466 1.00 44.01 ? 67  LYS A NZ  1 
ATOM   473  N N   . SER A 1 68  ? 3.214   -8.595  -14.655 1.00 19.89 ? 68  SER A N   1 
ATOM   474  C CA  . SER A 1 68  ? 4.083   -9.202  -13.653 1.00 20.25 ? 68  SER A CA  1 
ATOM   475  C C   . SER A 1 68  ? 3.378   -9.237  -12.297 1.00 20.48 ? 68  SER A C   1 
ATOM   476  O O   . SER A 1 68  ? 3.457   -10.221 -11.561 1.00 19.96 ? 68  SER A O   1 
ATOM   477  C CB  . SER A 1 68  ? 5.384   -8.406  -13.538 1.00 18.47 ? 68  SER A CB  1 
ATOM   478  O OG  . SER A 1 68  ? 6.114   -8.467  -14.756 1.00 22.95 ? 68  SER A OG  1 
ATOM   479  N N   . ALA A 1 69  ? 2.670   -8.156  -11.977 1.00 20.08 ? 69  ALA A N   1 
ATOM   480  C CA  . ALA A 1 69  ? 1.959   -8.048  -10.710 1.00 18.62 ? 69  ALA A CA  1 
ATOM   481  C C   . ALA A 1 69  ? 0.792   -9.025  -10.601 1.00 18.48 ? 69  ALA A C   1 
ATOM   482  O O   . ALA A 1 69  ? 0.578   -9.624  -9.546  1.00 18.99 ? 69  ALA A O   1 
ATOM   483  C CB  . ALA A 1 69  ? 1.456   -6.608  -10.513 1.00 18.18 ? 69  ALA A CB  1 
ATOM   484  N N   . LEU A 1 70  ? 0.025   -9.177  -11.674 1.00 17.76 ? 70  LEU A N   1 
ATOM   485  C CA  . LEU A 1 70  ? -1.115  -10.089 -11.648 1.00 20.28 ? 70  LEU A CA  1 
ATOM   486  C C   . LEU A 1 70  ? -0.657  -11.541 -11.543 1.00 19.93 ? 70  LEU A C   1 
ATOM   487  O O   . LEU A 1 70  ? -1.298  -12.352 -10.870 1.00 21.62 ? 70  LEU A O   1 
ATOM   488  C CB  . LEU A 1 70  ? -1.984  -9.914  -12.900 1.00 21.21 ? 70  LEU A CB  1 
ATOM   489  C CG  . LEU A 1 70  ? -2.687  -8.562  -13.079 1.00 23.61 ? 70  LEU A CG  1 
ATOM   490  C CD1 . LEU A 1 70  ? -3.414  -8.528  -14.406 1.00 24.81 ? 70  LEU A CD1 1 
ATOM   491  C CD2 . LEU A 1 70  ? -3.648  -8.325  -11.926 1.00 23.47 ? 70  LEU A CD2 1 
ATOM   492  N N   . ALA A 1 71  ? 0.441   -11.873 -12.212 1.00 19.28 ? 71  ALA A N   1 
ATOM   493  C CA  . ALA A 1 71  ? 0.956   -13.240 -12.168 1.00 18.96 ? 71  ALA A CA  1 
ATOM   494  C C   . ALA A 1 71  ? 1.359   -13.582 -10.739 1.00 19.33 ? 71  ALA A C   1 
ATOM   495  O O   . ALA A 1 71  ? 1.068   -14.672 -10.244 1.00 18.66 ? 71  ALA A O   1 
ATOM   496  C CB  . ALA A 1 71  ? 2.156   -13.393 -13.115 1.00 17.37 ? 71  ALA A CB  1 
ATOM   497  N N   . TYR A 1 72  ? 2.027   -12.645 -10.071 1.00 18.14 ? 72  TYR A N   1 
ATOM   498  C CA  . TYR A 1 72  ? 2.452   -12.868 -8.695  1.00 18.33 ? 72  TYR A CA  1 
ATOM   499  C C   . TYR A 1 72  ? 1.244   -12.992 -7.769  1.00 18.41 ? 72  TYR A C   1 
ATOM   500  O O   . TYR A 1 72  ? 1.210   -13.852 -6.889  1.00 20.02 ? 72  TYR A O   1 
ATOM   501  C CB  . TYR A 1 72  ? 3.331   -11.719 -8.197  1.00 16.23 ? 72  TYR A CB  1 
ATOM   502  C CG  . TYR A 1 72  ? 3.703   -11.893 -6.740  1.00 18.84 ? 72  TYR A CG  1 
ATOM   503  C CD1 . TYR A 1 72  ? 4.765   -12.724 -6.364  1.00 17.86 ? 72  TYR A CD1 1 
ATOM   504  C CD2 . TYR A 1 72  ? 2.933   -11.307 -5.729  1.00 17.81 ? 72  TYR A CD2 1 
ATOM   505  C CE1 . TYR A 1 72  ? 5.048   -12.973 -5.023  1.00 17.14 ? 72  TYR A CE1 1 
ATOM   506  C CE2 . TYR A 1 72  ? 3.202   -11.556 -4.387  1.00 17.72 ? 72  TYR A CE2 1 
ATOM   507  C CZ  . TYR A 1 72  ? 4.264   -12.392 -4.044  1.00 16.22 ? 72  TYR A CZ  1 
ATOM   508  O OH  . TYR A 1 72  ? 4.527   -12.650 -2.723  1.00 16.45 ? 72  TYR A OH  1 
ATOM   509  N N   . LEU A 1 73  ? 0.259   -12.119 -7.962  1.00 18.86 ? 73  LEU A N   1 
ATOM   510  C CA  . LEU A 1 73  ? -0.945  -12.131 -7.134  1.00 20.76 ? 73  LEU A CA  1 
ATOM   511  C C   . LEU A 1 73  ? -1.662  -13.477 -7.175  1.00 19.83 ? 73  LEU A C   1 
ATOM   512  O O   . LEU A 1 73  ? -2.010  -14.046 -6.135  1.00 19.11 ? 73  LEU A O   1 
ATOM   513  C CB  . LEU A 1 73  ? -1.913  -11.030 -7.576  1.00 19.36 ? 73  LEU A CB  1 
ATOM   514  C CG  . LEU A 1 73  ? -3.291  -11.031 -6.907  1.00 21.15 ? 73  LEU A CG  1 
ATOM   515  C CD1 . LEU A 1 73  ? -3.149  -10.969 -5.386  1.00 20.33 ? 73  LEU A CD1 1 
ATOM   516  C CD2 . LEU A 1 73  ? -4.091  -9.844  -7.419  1.00 22.06 ? 73  LEU A CD2 1 
ATOM   517  N N   . GLU A 1 74  ? -1.888  -13.982 -8.378  1.00 19.53 ? 74  GLU A N   1 
ATOM   518  C CA  . GLU A 1 74  ? -2.563  -15.258 -8.527  1.00 23.36 ? 74  GLU A CA  1 
ATOM   519  C C   . GLU A 1 74  ? -1.751  -16.353 -7.828  1.00 21.85 ? 74  GLU A C   1 
ATOM   520  O O   . GLU A 1 74  ? -2.302  -17.156 -7.072  1.00 22.58 ? 74  GLU A O   1 
ATOM   521  C CB  . GLU A 1 74  ? -2.732  -15.579 -10.008 1.00 26.97 ? 74  GLU A CB  1 
ATOM   522  C CG  . GLU A 1 74  ? -3.559  -16.814 -10.287 1.00 36.19 ? 74  GLU A CG  1 
ATOM   523  C CD  . GLU A 1 74  ? -3.923  -16.923 -11.751 1.00 42.42 ? 74  GLU A CD  1 
ATOM   524  O OE1 . GLU A 1 74  ? -4.642  -16.026 -12.250 1.00 46.77 ? 74  GLU A OE1 1 
ATOM   525  O OE2 . GLU A 1 74  ? -3.488  -17.895 -12.408 1.00 47.20 ? 74  GLU A OE2 1 
ATOM   526  N N   . LYS A 1 75  ? -0.443  -16.374 -8.063  1.00 20.73 ? 75  LYS A N   1 
ATOM   527  C CA  . LYS A 1 75  ? 0.419   -17.381 -7.441  1.00 20.61 ? 75  LYS A CA  1 
ATOM   528  C C   . LYS A 1 75  ? 0.462   -17.273 -5.922  1.00 19.05 ? 75  LYS A C   1 
ATOM   529  O O   . LYS A 1 75  ? 0.389   -18.280 -5.209  1.00 19.67 ? 75  LYS A O   1 
ATOM   530  C CB  . LYS A 1 75  ? 1.853   -17.271 -7.959  1.00 21.02 ? 75  LYS A CB  1 
ATOM   531  C CG  . LYS A 1 75  ? 2.759   -18.348 -7.390  1.00 22.73 ? 75  LYS A CG  1 
ATOM   532  C CD  . LYS A 1 75  ? 4.157   -17.839 -7.223  1.00 34.05 ? 75  LYS A CD  1 
ATOM   533  C CE  . LYS A 1 75  ? 4.204   -16.750 -6.200  1.00 33.22 ? 75  LYS A CE  1 
ATOM   534  N NZ  . LYS A 1 75  ? 5.546   -16.148 -6.201  1.00 41.41 ? 75  LYS A NZ  1 
ATOM   535  N N   . HIS A 1 76  ? 0.597   -16.053 -5.420  1.00 18.09 ? 76  HIS A N   1 
ATOM   536  C CA  . HIS A 1 76  ? 0.677   -15.841 -3.977  1.00 18.40 ? 76  HIS A CA  1 
ATOM   537  C C   . HIS A 1 76  ? -0.646  -16.169 -3.284  1.00 17.17 ? 76  HIS A C   1 
ATOM   538  O O   . HIS A 1 76  ? -0.659  -16.644 -2.149  1.00 17.14 ? 76  HIS A O   1 
ATOM   539  C CB  . HIS A 1 76  ? 1.114   -14.398 -3.685  1.00 17.80 ? 76  HIS A CB  1 
ATOM   540  C CG  . HIS A 1 76  ? 1.468   -14.149 -2.255  1.00 19.94 ? 76  HIS A CG  1 
ATOM   541  N ND1 . HIS A 1 76  ? 2.360   -14.938 -1.560  1.00 20.96 ? 76  HIS A ND1 1 
ATOM   542  C CD2 . HIS A 1 76  ? 1.070   -13.183 -1.392  1.00 19.27 ? 76  HIS A CD2 1 
ATOM   543  C CE1 . HIS A 1 76  ? 2.497   -14.468 -0.333  1.00 20.97 ? 76  HIS A CE1 1 
ATOM   544  N NE2 . HIS A 1 76  ? 1.724   -13.403 -0.203  1.00 20.00 ? 76  HIS A NE2 1 
ATOM   545  N N   . THR A 1 77  ? -1.758  -15.915 -3.970  1.00 18.16 ? 77  THR A N   1 
ATOM   546  C CA  . THR A 1 77  ? -3.074  -16.222 -3.421  1.00 20.93 ? 77  THR A CA  1 
ATOM   547  C C   . THR A 1 77  ? -3.166  -17.744 -3.218  1.00 21.39 ? 77  THR A C   1 
ATOM   548  O O   . THR A 1 77  ? -3.690  -18.213 -2.201  1.00 19.74 ? 77  THR A O   1 
ATOM   549  C CB  . THR A 1 77  ? -4.208  -15.724 -4.362  1.00 20.67 ? 77  THR A CB  1 
ATOM   550  O OG1 . THR A 1 77  ? -4.205  -14.292 -4.376  1.00 22.99 ? 77  THR A OG1 1 
ATOM   551  C CG2 . THR A 1 77  ? -5.577  -16.205 -3.884  1.00 22.08 ? 77  THR A CG2 1 
ATOM   552  N N   . ALA A 1 78  ? -2.634  -18.510 -4.168  1.00 21.45 ? 78  ALA A N   1 
ATOM   553  C CA  . ALA A 1 78  ? -2.647  -19.972 -4.054  1.00 21.53 ? 78  ALA A CA  1 
ATOM   554  C C   . ALA A 1 78  ? -1.755  -20.384 -2.883  1.00 20.37 ? 78  ALA A C   1 
ATOM   555  O O   . ALA A 1 78  ? -2.157  -21.172 -2.030  1.00 21.17 ? 78  ALA A O   1 
ATOM   556  C CB  . ALA A 1 78  ? -2.143  -20.610 -5.351  1.00 21.61 ? 78  ALA A CB  1 
ATOM   557  N N   . ARG A 1 79  ? -0.558  -19.815 -2.837  1.00 19.29 ? 79  ARG A N   1 
ATOM   558  C CA  . ARG A 1 79  ? 0.399   -20.105 -1.784  1.00 21.47 ? 79  ARG A CA  1 
ATOM   559  C C   . ARG A 1 79  ? -0.150  -19.805 -0.392  1.00 22.73 ? 79  ARG A C   1 
ATOM   560  O O   . ARG A 1 79  ? 0.073   -20.562 0.561   1.00 22.62 ? 79  ARG A O   1 
ATOM   561  C CB  . ARG A 1 79  ? 1.662   -19.287 -2.031  1.00 19.94 ? 79  ARG A CB  1 
ATOM   562  C CG  . ARG A 1 79  ? 2.685   -19.342 -0.928  1.00 23.38 ? 79  ARG A CG  1 
ATOM   563  C CD  . ARG A 1 79  ? 4.048   -18.977 -1.481  1.00 24.00 ? 79  ARG A CD  1 
ATOM   564  N NE  . ARG A 1 79  ? 4.122   -17.600 -1.951  1.00 22.66 ? 79  ARG A NE  1 
ATOM   565  C CZ  . ARG A 1 79  ? 5.151   -17.122 -2.642  1.00 22.37 ? 79  ARG A CZ  1 
ATOM   566  N NH1 . ARG A 1 79  ? 6.159   -17.926 -2.940  1.00 17.94 ? 79  ARG A NH1 1 
ATOM   567  N NH2 . ARG A 1 79  ? 5.200   -15.843 -3.000  1.00 20.66 ? 79  ARG A NH2 1 
ATOM   568  N N   . LEU A 1 80  ? -0.854  -18.687 -0.282  1.00 22.21 ? 80  LEU A N   1 
ATOM   569  C CA  . LEU A 1 80  ? -1.445  -18.250 0.980   1.00 23.77 ? 80  LEU A CA  1 
ATOM   570  C C   . LEU A 1 80  ? -2.373  -19.299 1.567   1.00 25.41 ? 80  LEU A C   1 
ATOM   571  O O   . LEU A 1 80  ? -2.559  -19.367 2.786   1.00 26.37 ? 80  LEU A O   1 
ATOM   572  C CB  . LEU A 1 80  ? -2.208  -16.943 0.768   1.00 22.84 ? 80  LEU A CB  1 
ATOM   573  C CG  . LEU A 1 80  ? -1.601  -15.657 1.351   1.00 26.72 ? 80  LEU A CG  1 
ATOM   574  C CD1 . LEU A 1 80  ? -0.174  -15.862 1.804   1.00 23.46 ? 80  LEU A CD1 1 
ATOM   575  C CD2 . LEU A 1 80  ? -1.699  -14.549 0.313   1.00 23.02 ? 80  LEU A CD2 1 
ATOM   576  N N   . LYS A 1 81  ? -2.972  -20.104 0.703   1.00 26.29 ? 81  LYS A N   1 
ATOM   577  C CA  . LYS A 1 81  ? -3.857  -21.153 1.182   1.00 30.47 ? 81  LYS A CA  1 
ATOM   578  C C   . LYS A 1 81  ? -3.075  -22.146 2.042   1.00 31.87 ? 81  LYS A C   1 
ATOM   579  O O   . LYS A 1 81  ? -3.635  -22.765 2.946   1.00 32.57 ? 81  LYS A O   1 
ATOM   580  C CB  . LYS A 1 81  ? -4.518  -21.881 0.013   1.00 29.87 ? 81  LYS A CB  1 
ATOM   581  C CG  . LYS A 1 81  ? -5.516  -21.029 -0.743  1.00 32.77 ? 81  LYS A CG  1 
ATOM   582  C CD  . LYS A 1 81  ? -6.354  -21.887 -1.678  1.00 37.05 ? 81  LYS A CD  1 
ATOM   583  C CE  . LYS A 1 81  ? -7.433  -21.066 -2.364  1.00 41.41 ? 81  LYS A CE  1 
ATOM   584  N NZ  . LYS A 1 81  ? -8.312  -20.361 -1.375  1.00 44.59 ? 81  LYS A NZ  1 
ATOM   585  N N   . ASN A 1 82  ? -1.779  -22.287 1.777   1.00 32.14 ? 82  ASN A N   1 
ATOM   586  C CA  . ASN A 1 82  ? -0.970  -23.215 2.558   1.00 32.54 ? 82  ASN A CA  1 
ATOM   587  C C   . ASN A 1 82  ? -0.692  -22.687 3.952   1.00 32.55 ? 82  ASN A C   1 
ATOM   588  O O   . ASN A 1 82  ? -0.130  -23.392 4.792   1.00 32.64 ? 82  ASN A O   1 
ATOM   589  C CB  . ASN A 1 82  ? 0.341   -23.527 1.837   1.00 33.18 ? 82  ASN A CB  1 
ATOM   590  C CG  . ASN A 1 82  ? 0.109   -24.212 0.499   1.00 34.20 ? 82  ASN A CG  1 
ATOM   591  O OD1 . ASN A 1 82  ? -0.869  -24.944 0.329   1.00 34.74 ? 82  ASN A OD1 1 
ATOM   592  N ND2 . ASN A 1 82  ? 1.009   -23.986 -0.452  1.00 32.80 ? 82  ASN A ND2 1 
ATOM   593  N N   . LEU A 1 83  ? -1.081  -21.438 4.194   1.00 31.33 ? 83  LEU A N   1 
ATOM   594  C CA  . LEU A 1 83  ? -0.912  -20.834 5.507   1.00 30.77 ? 83  LEU A CA  1 
ATOM   595  C C   . LEU A 1 83  ? -2.285  -20.702 6.154   1.00 29.74 ? 83  LEU A C   1 
ATOM   596  O O   . LEU A 1 83  ? -2.436  -20.059 7.193   1.00 30.22 ? 83  LEU A O   1 
ATOM   597  C CB  . LEU A 1 83  ? -0.259  -19.456 5.402   1.00 32.79 ? 83  LEU A CB  1 
ATOM   598  C CG  . LEU A 1 83  ? 1.166   -19.423 4.851   1.00 33.70 ? 83  LEU A CG  1 
ATOM   599  C CD1 . LEU A 1 83  ? 1.126   -19.059 3.374   1.00 36.15 ? 83  LEU A CD1 1 
ATOM   600  C CD2 . LEU A 1 83  ? 1.988   -18.400 5.620   1.00 35.81 ? 83  LEU A CD2 1 
ATOM   601  N N   . GLY A 1 84  ? -3.280  -21.324 5.528   1.00 29.63 ? 84  GLY A N   1 
ATOM   602  C CA  . GLY A 1 84  ? -4.636  -21.281 6.047   1.00 30.85 ? 84  GLY A CA  1 
ATOM   603  C C   . GLY A 1 84  ? -5.482  -20.104 5.583   1.00 30.63 ? 84  GLY A C   1 
ATOM   604  O O   . GLY A 1 84  ? -6.619  -19.935 6.030   1.00 29.97 ? 84  GLY A O   1 
ATOM   605  N N   . VAL A 1 85  ? -4.939  -19.292 4.680   1.00 29.74 ? 85  VAL A N   1 
ATOM   606  C CA  . VAL A 1 85  ? -5.667  -18.131 4.173   1.00 28.29 ? 85  VAL A CA  1 
ATOM   607  C C   . VAL A 1 85  ? -6.646  -18.515 3.072   1.00 27.87 ? 85  VAL A C   1 
ATOM   608  O O   . VAL A 1 85  ? -6.245  -18.944 1.992   1.00 28.46 ? 85  VAL A O   1 
ATOM   609  C CB  . VAL A 1 85  ? -4.694  -17.071 3.628   1.00 28.08 ? 85  VAL A CB  1 
ATOM   610  C CG1 . VAL A 1 85  ? -5.466  -15.867 3.105   1.00 24.74 ? 85  VAL A CG1 1 
ATOM   611  C CG2 . VAL A 1 85  ? -3.727  -16.656 4.716   1.00 26.99 ? 85  VAL A CG2 1 
ATOM   612  N N   . GLU A 1 86  ? -7.936  -18.354 3.342   1.00 29.17 ? 86  GLU A N   1 
ATOM   613  C CA  . GLU A 1 86  ? -8.950  -18.701 2.357   1.00 33.41 ? 86  GLU A CA  1 
ATOM   614  C C   . GLU A 1 86  ? -9.367  -17.529 1.472   1.00 33.77 ? 86  GLU A C   1 
ATOM   615  O O   . GLU A 1 86  ? -9.772  -17.732 0.329   1.00 34.72 ? 86  GLU A O   1 
ATOM   616  C CB  . GLU A 1 86  ? -10.191 -19.254 3.049   1.00 36.48 ? 86  GLU A CB  1 
ATOM   617  C CG  . GLU A 1 86  ? -10.094 -20.700 3.481   1.00 40.35 ? 86  GLU A CG  1 
ATOM   618  C CD  . GLU A 1 86  ? -11.339 -21.138 4.227   1.00 43.98 ? 86  GLU A CD  1 
ATOM   619  O OE1 . GLU A 1 86  ? -11.579 -20.601 5.334   1.00 44.45 ? 86  GLU A OE1 1 
ATOM   620  O OE2 . GLU A 1 86  ? -12.076 -22.010 3.706   1.00 45.95 ? 86  GLU A OE2 1 
ATOM   621  N N   . GLU A 1 87  ? -9.274  -16.313 2.000   1.00 33.51 ? 87  GLU A N   1 
ATOM   622  C CA  . GLU A 1 87  ? -9.658  -15.119 1.251   1.00 35.12 ? 87  GLU A CA  1 
ATOM   623  C C   . GLU A 1 87  ? -8.546  -14.074 1.268   1.00 33.26 ? 87  GLU A C   1 
ATOM   624  O O   . GLU A 1 87  ? -7.967  -13.785 2.313   1.00 32.84 ? 87  GLU A O   1 
ATOM   625  C CB  . GLU A 1 87  ? -10.927 -14.494 1.853   1.00 39.36 ? 87  GLU A CB  1 
ATOM   626  C CG  . GLU A 1 87  ? -12.114 -15.444 2.047   1.00 48.32 ? 87  GLU A CG  1 
ATOM   627  C CD  . GLU A 1 87  ? -12.733 -15.913 0.738   1.00 53.34 ? 87  GLU A CD  1 
ATOM   628  O OE1 . GLU A 1 87  ? -12.042 -16.613 -0.035  1.00 56.39 ? 87  GLU A OE1 1 
ATOM   629  O OE2 . GLU A 1 87  ? -13.915 -15.576 0.478   1.00 56.80 ? 87  GLU A OE2 1 
ATOM   630  N N   . VAL A 1 88  ? -8.256  -13.499 0.110   1.00 31.26 ? 88  VAL A N   1 
ATOM   631  C CA  . VAL A 1 88  ? -7.236  -12.466 0.018   1.00 29.40 ? 88  VAL A CA  1 
ATOM   632  C C   . VAL A 1 88  ? -7.909  -11.185 -0.487  1.00 28.39 ? 88  VAL A C   1 
ATOM   633  O O   . VAL A 1 88  ? -8.679  -11.221 -1.445  1.00 28.50 ? 88  VAL A O   1 
ATOM   634  C CB  . VAL A 1 88  ? -6.103  -12.885 -0.961  1.00 31.18 ? 88  VAL A CB  1 
ATOM   635  C CG1 . VAL A 1 88  ? -5.210  -11.694 -1.277  1.00 31.41 ? 88  VAL A CG1 1 
ATOM   636  C CG2 . VAL A 1 88  ? -5.264  -14.007 -0.343  1.00 30.28 ? 88  VAL A CG2 1 
ATOM   637  N N   . VAL A 1 89  ? -7.640  -10.063 0.172   1.00 25.13 ? 89  VAL A N   1 
ATOM   638  C CA  . VAL A 1 89  ? -8.207  -8.782  -0.245  1.00 24.36 ? 89  VAL A CA  1 
ATOM   639  C C   . VAL A 1 89  ? -7.096  -8.051  -0.979  1.00 22.78 ? 89  VAL A C   1 
ATOM   640  O O   . VAL A 1 89  ? -6.094  -7.667  -0.373  1.00 22.68 ? 89  VAL A O   1 
ATOM   641  C CB  . VAL A 1 89  ? -8.648  -7.936  0.965   1.00 24.18 ? 89  VAL A CB  1 
ATOM   642  C CG1 . VAL A 1 89  ? -9.157  -6.567  0.491   1.00 25.35 ? 89  VAL A CG1 1 
ATOM   643  C CG2 . VAL A 1 89  ? -9.745  -8.661  1.730   1.00 24.43 ? 89  VAL A CG2 1 
ATOM   644  N N   . ALA A 1 90  ? -7.262  -7.850  -2.279  1.00 24.08 ? 90  ALA A N   1 
ATOM   645  C CA  . ALA A 1 90  ? -6.211  -7.195  -3.042  1.00 23.71 ? 90  ALA A CA  1 
ATOM   646  C C   . ALA A 1 90  ? -6.693  -6.222  -4.110  1.00 24.86 ? 90  ALA A C   1 
ATOM   647  O O   . ALA A 1 90  ? -7.783  -6.371  -4.661  1.00 23.37 ? 90  ALA A O   1 
ATOM   648  C CB  . ALA A 1 90  ? -5.329  -8.258  -3.691  1.00 24.30 ? 90  ALA A CB  1 
ATOM   649  N N   . LYS A 1 91  ? -5.860  -5.228  -4.394  1.00 24.26 ? 91  LYS A N   1 
ATOM   650  C CA  . LYS A 1 91  ? -6.162  -4.254  -5.427  1.00 25.59 ? 91  LYS A CA  1 
ATOM   651  C C   . LYS A 1 91  ? -4.896  -4.005  -6.223  1.00 24.21 ? 91  LYS A C   1 
ATOM   652  O O   . LYS A 1 91  ? -3.789  -4.032  -5.682  1.00 23.44 ? 91  LYS A O   1 
ATOM   653  C CB  . LYS A 1 91  ? -6.682  -2.949  -4.818  1.00 26.31 ? 91  LYS A CB  1 
ATOM   654  C CG  . LYS A 1 91  ? -7.929  -3.151  -3.978  1.00 31.60 ? 91  LYS A CG  1 
ATOM   655  C CD  . LYS A 1 91  ? -8.784  -1.903  -3.919  1.00 35.98 ? 91  LYS A CD  1 
ATOM   656  C CE  . LYS A 1 91  ? -9.454  -1.613  -5.253  1.00 36.25 ? 91  LYS A CE  1 
ATOM   657  N NZ  . LYS A 1 91  ? -10.605 -2.511  -5.538  1.00 37.07 ? 91  LYS A NZ  1 
ATOM   658  N N   . VAL A 1 92  ? -5.072  -3.796  -7.520  1.00 25.35 ? 92  VAL A N   1 
ATOM   659  C CA  . VAL A 1 92  ? -3.963  -3.529  -8.419  1.00 25.97 ? 92  VAL A CA  1 
ATOM   660  C C   . VAL A 1 92  ? -4.174  -2.101  -8.910  1.00 25.37 ? 92  VAL A C   1 
ATOM   661  O O   . VAL A 1 92  ? -5.266  -1.752  -9.366  1.00 27.70 ? 92  VAL A O   1 
ATOM   662  C CB  . VAL A 1 92  ? -3.978  -4.501  -9.615  1.00 26.50 ? 92  VAL A CB  1 
ATOM   663  C CG1 . VAL A 1 92  ? -2.762  -4.276  -10.488 1.00 29.30 ? 92  VAL A CG1 1 
ATOM   664  C CG2 . VAL A 1 92  ? -4.019  -5.932  -9.113  1.00 28.27 ? 92  VAL A CG2 1 
ATOM   665  N N   . PHE A 1 93  ? -3.137  -1.280  -8.798  1.00 25.61 ? 93  PHE A N   1 
ATOM   666  C CA  . PHE A 1 93  ? -3.209  0.123   -9.203  1.00 26.04 ? 93  PHE A CA  1 
ATOM   667  C C   . PHE A 1 93  ? -2.012  0.568   -10.027 1.00 26.35 ? 93  PHE A C   1 
ATOM   668  O O   . PHE A 1 93  ? -0.945  -0.042  -9.988  1.00 27.40 ? 93  PHE A O   1 
ATOM   669  C CB  . PHE A 1 93  ? -3.246  1.037   -7.973  1.00 23.63 ? 93  PHE A CB  1 
ATOM   670  C CG  . PHE A 1 93  ? -4.504  0.941   -7.158  1.00 26.91 ? 93  PHE A CG  1 
ATOM   671  C CD1 . PHE A 1 93  ? -5.731  1.327   -7.690  1.00 27.41 ? 93  PHE A CD1 1 
ATOM   672  C CD2 . PHE A 1 93  ? -4.453  0.520   -5.834  1.00 24.84 ? 93  PHE A CD2 1 
ATOM   673  C CE1 . PHE A 1 93  ? -6.886  1.297   -6.909  1.00 29.53 ? 93  PHE A CE1 1 
ATOM   674  C CE2 . PHE A 1 93  ? -5.600  0.488   -5.049  1.00 26.19 ? 93  PHE A CE2 1 
ATOM   675  C CZ  . PHE A 1 93  ? -6.820  0.878   -5.587  1.00 27.98 ? 93  PHE A CZ  1 
ATOM   676  N N   . ASP A 1 94  ? -2.205  1.651   -10.768 1.00 26.22 ? 94  ASP A N   1 
ATOM   677  C CA  . ASP A 1 94  ? -1.132  2.252   -11.528 1.00 26.36 ? 94  ASP A CA  1 
ATOM   678  C C   . ASP A 1 94  ? -0.564  3.267   -10.548 1.00 25.98 ? 94  ASP A C   1 
ATOM   679  O O   . ASP A 1 94  ? -1.291  3.804   -9.717  1.00 24.39 ? 94  ASP A O   1 
ATOM   680  C CB  . ASP A 1 94  ? -1.677  2.978   -12.755 1.00 30.10 ? 94  ASP A CB  1 
ATOM   681  C CG  . ASP A 1 94  ? -1.983  2.038   -13.891 1.00 33.60 ? 94  ASP A CG  1 
ATOM   682  O OD1 . ASP A 1 94  ? -3.106  2.106   -14.434 1.00 36.57 ? 94  ASP A OD1 1 
ATOM   683  O OD2 . ASP A 1 94  ? -1.098  1.229   -14.239 1.00 36.14 ? 94  ASP A OD2 1 
ATOM   684  N N   . VAL A 1 95  ? 0.732   3.515   -10.617 1.00 24.72 ? 95  VAL A N   1 
ATOM   685  C CA  . VAL A 1 95  ? 1.335   4.489   -9.727  1.00 25.43 ? 95  VAL A CA  1 
ATOM   686  C C   . VAL A 1 95  ? 1.468   5.809   -10.479 1.00 26.69 ? 95  VAL A C   1 
ATOM   687  O O   . VAL A 1 95  ? 1.837   5.813   -11.654 1.00 25.28 ? 95  VAL A O   1 
ATOM   688  C CB  . VAL A 1 95  ? 2.748   4.050   -9.284  1.00 25.45 ? 95  VAL A CB  1 
ATOM   689  C CG1 . VAL A 1 95  ? 3.445   5.196   -8.553  1.00 26.82 ? 95  VAL A CG1 1 
ATOM   690  C CG2 . VAL A 1 95  ? 2.659   2.829   -8.367  1.00 24.76 ? 95  VAL A CG2 1 
ATOM   691  N N   . ASN A 1 96  ? 1.167   6.928   -9.821  1.00 26.61 ? 96  ASN A N   1 
ATOM   692  C CA  . ASN A 1 96  ? 1.327   8.222   -10.485 1.00 26.07 ? 96  ASN A CA  1 
ATOM   693  C C   . ASN A 1 96  ? 2.741   8.652   -10.122 1.00 26.80 ? 96  ASN A C   1 
ATOM   694  O O   . ASN A 1 96  ? 3.009   9.058   -8.993  1.00 27.38 ? 96  ASN A O   1 
ATOM   695  C CB  . ASN A 1 96  ? 0.293   9.239   -9.978  1.00 26.22 ? 96  ASN A CB  1 
ATOM   696  C CG  . ASN A 1 96  ? 0.287   10.518  -10.803 1.00 25.06 ? 96  ASN A CG  1 
ATOM   697  O OD1 . ASN A 1 96  ? 1.210   11.323  -10.713 1.00 26.53 ? 96  ASN A OD1 1 
ATOM   698  N ND2 . ASN A 1 96  ? -0.740  10.689  -11.634 1.00 21.49 ? 96  ASN A ND2 1 
ATOM   699  N N   . GLU A 1 97  ? 3.653   8.541   -11.081 1.00 27.91 ? 97  GLU A N   1 
ATOM   700  C CA  . GLU A 1 97  ? 5.059   8.866   -10.846 1.00 30.40 ? 97  GLU A CA  1 
ATOM   701  C C   . GLU A 1 97  ? 5.338   10.306  -10.420 1.00 27.89 ? 97  GLU A C   1 
ATOM   702  O O   . GLU A 1 97  ? 5.996   10.539  -9.410  1.00 27.13 ? 97  GLU A O   1 
ATOM   703  C CB  . GLU A 1 97  ? 5.885   8.518   -12.090 1.00 33.98 ? 97  GLU A CB  1 
ATOM   704  C CG  . GLU A 1 97  ? 7.374   8.374   -11.818 1.00 41.72 ? 97  GLU A CG  1 
ATOM   705  C CD  . GLU A 1 97  ? 7.674   7.314   -10.760 1.00 47.02 ? 97  GLU A CD  1 
ATOM   706  O OE1 . GLU A 1 97  ? 7.286   6.137   -10.962 1.00 46.96 ? 97  GLU A OE1 1 
ATOM   707  O OE2 . GLU A 1 97  ? 8.291   7.661   -9.724  1.00 50.19 ? 97  GLU A OE2 1 
ATOM   708  N N   . PRO A 1 98  ? 4.843   11.291  -11.188 1.00 28.26 ? 98  PRO A N   1 
ATOM   709  C CA  . PRO A 1 98  ? 5.075   12.700  -10.840 1.00 28.82 ? 98  PRO A CA  1 
ATOM   710  C C   . PRO A 1 98  ? 4.736   13.022  -9.383  1.00 28.54 ? 98  PRO A C   1 
ATOM   711  O O   . PRO A 1 98  ? 5.556   13.576  -8.650  1.00 30.39 ? 98  PRO A O   1 
ATOM   712  C CB  . PRO A 1 98  ? 4.183   13.446  -11.829 1.00 29.00 ? 98  PRO A CB  1 
ATOM   713  C CG  . PRO A 1 98  ? 4.206   12.551  -13.032 1.00 29.74 ? 98  PRO A CG  1 
ATOM   714  C CD  . PRO A 1 98  ? 4.028   11.182  -12.411 1.00 28.35 ? 98  PRO A CD  1 
ATOM   715  N N   . LEU A 1 99  ? 3.527   12.660  -8.966  1.00 28.38 ? 99  LEU A N   1 
ATOM   716  C CA  . LEU A 1 99  ? 3.079   12.907  -7.602  1.00 28.08 ? 99  LEU A CA  1 
ATOM   717  C C   . LEU A 1 99  ? 3.864   12.084  -6.584  1.00 29.16 ? 99  LEU A C   1 
ATOM   718  O O   . LEU A 1 99  ? 4.231   12.583  -5.519  1.00 29.95 ? 99  LEU A O   1 
ATOM   719  C CB  . LEU A 1 99  ? 1.575   12.617  -7.495  1.00 27.66 ? 99  LEU A CB  1 
ATOM   720  C CG  . LEU A 1 99  ? 0.712   13.544  -8.374  1.00 26.01 ? 99  LEU A CG  1 
ATOM   721  C CD1 . LEU A 1 99  ? -0.747  13.082  -8.410  1.00 25.53 ? 99  LEU A CD1 1 
ATOM   722  C CD2 . LEU A 1 99  ? 0.816   14.965  -7.844  1.00 26.02 ? 99  LEU A CD2 1 
ATOM   723  N N   . SER A 1 100 ? 4.137   10.823  -6.907  1.00 29.45 ? 100 SER A N   1 
ATOM   724  C CA  . SER A 1 100 ? 4.890   9.975   -5.989  1.00 30.25 ? 100 SER A CA  1 
ATOM   725  C C   . SER A 1 100 ? 6.312   10.505  -5.791  1.00 31.53 ? 100 SER A C   1 
ATOM   726  O O   . SER A 1 100 ? 6.866   10.421  -4.694  1.00 31.93 ? 100 SER A O   1 
ATOM   727  C CB  . SER A 1 100 ? 4.920   8.539   -6.514  1.00 28.98 ? 100 SER A CB  1 
ATOM   728  O OG  . SER A 1 100 ? 3.601   8.005   -6.569  1.00 28.95 ? 100 SER A OG  1 
ATOM   729  N N   . GLN A 1 101 ? 6.905   11.066  -6.845  1.00 33.97 ? 101 GLN A N   1 
ATOM   730  C CA  . GLN A 1 101 ? 8.259   11.609  -6.729  1.00 36.38 ? 101 GLN A CA  1 
ATOM   731  C C   . GLN A 1 101 ? 8.323   12.794  -5.774  1.00 35.00 ? 101 GLN A C   1 
ATOM   732  O O   . GLN A 1 101 ? 9.308   12.980  -5.057  1.00 34.23 ? 101 GLN A O   1 
ATOM   733  C CB  . GLN A 1 101 ? 8.794   12.015  -8.100  1.00 41.12 ? 101 GLN A CB  1 
ATOM   734  C CG  . GLN A 1 101 ? 9.678   10.946  -8.725  1.00 48.11 ? 101 GLN A CG  1 
ATOM   735  C CD  . GLN A 1 101 ? 10.086  11.288  -10.141 1.00 53.07 ? 101 GLN A CD  1 
ATOM   736  O OE1 . GLN A 1 101 ? 9.256   11.293  -11.057 1.00 54.89 ? 101 GLN A OE1 1 
ATOM   737  N NE2 . GLN A 1 101 ? 11.370  11.583  -10.332 1.00 55.60 ? 101 GLN A NE2 1 
ATOM   738  N N   . ILE A 1 102 ? 7.266   13.597  -5.764  1.00 33.64 ? 102 ILE A N   1 
ATOM   739  C CA  . ILE A 1 102 ? 7.212   14.750  -4.880  1.00 32.56 ? 102 ILE A CA  1 
ATOM   740  C C   . ILE A 1 102 ? 7.145   14.310  -3.420  1.00 32.47 ? 102 ILE A C   1 
ATOM   741  O O   . ILE A 1 102 ? 7.768   14.917  -2.551  1.00 33.18 ? 102 ILE A O   1 
ATOM   742  C CB  . ILE A 1 102 ? 5.979   15.622  -5.200  1.00 32.99 ? 102 ILE A CB  1 
ATOM   743  C CG1 . ILE A 1 102 ? 6.138   16.242  -6.589  1.00 32.01 ? 102 ILE A CG1 1 
ATOM   744  C CG2 . ILE A 1 102 ? 5.789   16.691  -4.125  1.00 30.80 ? 102 ILE A CG2 1 
ATOM   745  C CD1 . ILE A 1 102 ? 4.988   17.133  -7.007  1.00 32.42 ? 102 ILE A CD1 1 
ATOM   746  N N   . ASN A 1 103 ? 6.393   13.246  -3.160  1.00 33.64 ? 103 ASN A N   1 
ATOM   747  C CA  . ASN A 1 103 ? 6.221   12.741  -1.803  1.00 34.21 ? 103 ASN A CA  1 
ATOM   748  C C   . ASN A 1 103 ? 7.144   11.591  -1.413  1.00 36.78 ? 103 ASN A C   1 
ATOM   749  O O   . ASN A 1 103 ? 6.734   10.676  -0.698  1.00 33.29 ? 103 ASN A O   1 
ATOM   750  C CB  . ASN A 1 103 ? 4.768   12.320  -1.593  1.00 31.51 ? 103 ASN A CB  1 
ATOM   751  C CG  . ASN A 1 103 ? 3.821   13.497  -1.616  1.00 31.84 ? 103 ASN A CG  1 
ATOM   752  O OD1 . ASN A 1 103 ? 4.027   14.479  -0.901  1.00 32.97 ? 103 ASN A OD1 1 
ATOM   753  N ND2 . ASN A 1 103 ? 2.775   13.407  -2.427  1.00 28.44 ? 103 ASN A ND2 1 
ATOM   754  N N   . GLN A 1 104 ? 8.390   11.643  -1.869  1.00 40.33 ? 104 GLN A N   1 
ATOM   755  C CA  . GLN A 1 104 ? 9.349   10.599  -1.545  1.00 45.45 ? 104 GLN A CA  1 
ATOM   756  C C   . GLN A 1 104 ? 10.768  11.128  -1.380  1.00 49.00 ? 104 GLN A C   1 
ATOM   757  O O   . GLN A 1 104 ? 10.977  12.345  -1.593  1.00 51.00 ? 104 GLN A O   1 
ATOM   758  C CB  . GLN A 1 104 ? 9.301   9.515   -2.620  1.00 46.03 ? 104 GLN A CB  1 
ATOM   759  C CG  . GLN A 1 104 ? 8.172   8.525   -2.395  1.00 49.94 ? 104 GLN A CG  1 
ATOM   760  C CD  . GLN A 1 104 ? 7.791   7.756   -3.643  1.00 52.14 ? 104 GLN A CD  1 
ATOM   761  O OE1 . GLN A 1 104 ? 8.640   7.166   -4.318  1.00 55.20 ? 104 GLN A OE1 1 
ATOM   762  N NE2 . GLN A 1 104 ? 6.499   7.748   -3.951  1.00 50.34 ? 104 GLN A NE2 1 
ATOM   763  N N   . ALA B 1 9   ? 7.051   2.716   12.899  1.00 39.64 ? 9   ALA B N   1 
ATOM   764  C CA  . ALA B 1 9   ? 6.547   3.119   11.550  1.00 38.94 ? 9   ALA B CA  1 
ATOM   765  C C   . ALA B 1 9   ? 5.169   2.532   11.268  1.00 37.60 ? 9   ALA B C   1 
ATOM   766  O O   . ALA B 1 9   ? 4.967   1.320   11.344  1.00 38.52 ? 9   ALA B O   1 
ATOM   767  C CB  . ALA B 1 9   ? 7.526   2.676   10.476  1.00 39.04 ? 9   ALA B CB  1 
ATOM   768  N N   . THR B 1 10  ? 4.223   3.404   10.938  1.00 36.22 ? 10  THR B N   1 
ATOM   769  C CA  . THR B 1 10  ? 2.860   2.981   10.643  1.00 32.60 ? 10  THR B CA  1 
ATOM   770  C C   . THR B 1 10  ? 2.528   3.230   9.179   1.00 31.84 ? 10  THR B C   1 
ATOM   771  O O   . THR B 1 10  ? 2.808   4.301   8.641   1.00 32.29 ? 10  THR B O   1 
ATOM   772  C CB  . THR B 1 10  ? 1.844   3.737   11.515  1.00 33.29 ? 10  THR B CB  1 
ATOM   773  O OG1 . THR B 1 10  ? 2.083   3.434   12.893  1.00 34.23 ? 10  THR B OG1 1 
ATOM   774  C CG2 . THR B 1 10  ? 0.422   3.331   11.154  1.00 33.24 ? 10  THR B CG2 1 
ATOM   775  N N   . LEU B 1 11  ? 1.932   2.231   8.539   1.00 30.37 ? 11  LEU B N   1 
ATOM   776  C CA  . LEU B 1 11  ? 1.566   2.350   7.140   1.00 28.62 ? 11  LEU B CA  1 
ATOM   777  C C   . LEU B 1 11  ? 0.072   2.554   6.995   1.00 28.66 ? 11  LEU B C   1 
ATOM   778  O O   . LEU B 1 11  ? -0.738  1.898   7.652   1.00 28.47 ? 11  LEU B O   1 
ATOM   779  C CB  . LEU B 1 11  ? 1.998   1.102   6.361   1.00 27.73 ? 11  LEU B CB  1 
ATOM   780  C CG  . LEU B 1 11  ? 1.782   1.124   4.840   1.00 26.94 ? 11  LEU B CG  1 
ATOM   781  C CD1 . LEU B 1 11  ? 2.822   0.249   4.174   1.00 27.62 ? 11  LEU B CD1 1 
ATOM   782  C CD2 . LEU B 1 11  ? 0.379   0.663   4.491   1.00 24.84 ? 11  LEU B CD2 1 
ATOM   783  N N   . LEU B 1 12  ? -0.288  3.477   6.118   1.00 26.26 ? 12  LEU B N   1 
ATOM   784  C CA  . LEU B 1 12  ? -1.679  3.768   5.874   1.00 25.51 ? 12  LEU B CA  1 
ATOM   785  C C   . LEU B 1 12  ? -1.963  3.390   4.428   1.00 25.33 ? 12  LEU B C   1 
ATOM   786  O O   . LEU B 1 12  ? -1.250  3.822   3.522   1.00 25.79 ? 12  LEU B O   1 
ATOM   787  C CB  . LEU B 1 12  ? -1.917  5.264   6.093   1.00 28.02 ? 12  LEU B CB  1 
ATOM   788  C CG  . LEU B 1 12  ? -3.308  5.863   5.941   1.00 30.01 ? 12  LEU B CG  1 
ATOM   789  C CD1 . LEU B 1 12  ? -4.265  5.255   6.976   1.00 34.37 ? 12  LEU B CD1 1 
ATOM   790  C CD2 . LEU B 1 12  ? -3.211  7.376   6.156   1.00 29.51 ? 12  LEU B CD2 1 
ATOM   791  N N   . GLN B 1 13  ? -2.956  2.538   4.204   1.00 24.38 ? 13  GLN B N   1 
ATOM   792  C CA  . GLN B 1 13  ? -3.300  2.214   2.833   1.00 24.54 ? 13  GLN B CA  1 
ATOM   793  C C   . GLN B 1 13  ? -4.723  2.683   2.618   1.00 24.50 ? 13  GLN B C   1 
ATOM   794  O O   . GLN B 1 13  ? -5.631  2.345   3.377   1.00 22.14 ? 13  GLN B O   1 
ATOM   795  C CB  . GLN B 1 13  ? -3.124  0.717   2.502   1.00 26.40 ? 13  GLN B CB  1 
ATOM   796  C CG  . GLN B 1 13  ? -4.045  -0.275  3.176   1.00 29.71 ? 13  GLN B CG  1 
ATOM   797  C CD  . GLN B 1 13  ? -3.884  -1.681  2.580   1.00 31.64 ? 13  GLN B CD  1 
ATOM   798  O OE1 . GLN B 1 13  ? -2.793  -2.257  2.600   1.00 30.58 ? 13  GLN B OE1 1 
ATOM   799  N NE2 . GLN B 1 13  ? -4.971  -2.230  2.051   1.00 29.92 ? 13  GLN B NE2 1 
ATOM   800  N N   . LEU B 1 14  ? -4.891  3.505   1.587   1.00 24.26 ? 14  LEU B N   1 
ATOM   801  C CA  . LEU B 1 14  ? -6.187  4.087   1.256   1.00 25.04 ? 14  LEU B CA  1 
ATOM   802  C C   . LEU B 1 14  ? -6.515  4.046   -0.219  1.00 24.57 ? 14  LEU B C   1 
ATOM   803  O O   . LEU B 1 14  ? -5.629  4.155   -1.058  1.00 23.51 ? 14  LEU B O   1 
ATOM   804  C CB  . LEU B 1 14  ? -6.220  5.558   1.668   1.00 29.93 ? 14  LEU B CB  1 
ATOM   805  C CG  . LEU B 1 14  ? -6.676  5.985   3.054   1.00 35.10 ? 14  LEU B CG  1 
ATOM   806  C CD1 . LEU B 1 14  ? -5.845  5.303   4.105   1.00 33.88 ? 14  LEU B CD1 1 
ATOM   807  C CD2 . LEU B 1 14  ? -6.547  7.506   3.166   1.00 36.14 ? 14  LEU B CD2 1 
ATOM   808  N N   . HIS B 1 15  ? -7.797  3.886   -0.526  1.00 24.88 ? 15  HIS B N   1 
ATOM   809  C CA  . HIS B 1 15  ? -8.269  3.927   -1.900  1.00 25.88 ? 15  HIS B CA  1 
ATOM   810  C C   . HIS B 1 15  ? -9.748  4.289   -1.834  1.00 26.55 ? 15  HIS B C   1 
ATOM   811  O O   . HIS B 1 15  ? -10.368 4.235   -0.765  1.00 25.10 ? 15  HIS B O   1 
ATOM   812  C CB  . HIS B 1 15  ? -8.022  2.601   -2.647  1.00 25.89 ? 15  HIS B CB  1 
ATOM   813  C CG  . HIS B 1 15  ? -8.917  1.475   -2.238  1.00 27.65 ? 15  HIS B CG  1 
ATOM   814  N ND1 . HIS B 1 15  ? -10.169 1.285   -2.786  1.00 29.92 ? 15  HIS B ND1 1 
ATOM   815  C CD2 . HIS B 1 15  ? -8.727  0.454   -1.373  1.00 26.33 ? 15  HIS B CD2 1 
ATOM   816  C CE1 . HIS B 1 15  ? -10.708 0.192   -2.275  1.00 27.41 ? 15  HIS B CE1 1 
ATOM   817  N NE2 . HIS B 1 15  ? -9.854  -0.331  -1.414  1.00 28.91 ? 15  HIS B NE2 1 
ATOM   818  N N   . PHE B 1 16  ? -10.308 4.685   -2.969  1.00 26.00 ? 16  PHE B N   1 
ATOM   819  C CA  . PHE B 1 16  ? -11.699 5.097   -3.014  1.00 25.74 ? 16  PHE B CA  1 
ATOM   820  C C   . PHE B 1 16  ? -12.132 5.291   -4.451  1.00 26.67 ? 16  PHE B C   1 
ATOM   821  O O   . PHE B 1 16  ? -11.297 5.349   -5.359  1.00 26.65 ? 16  PHE B O   1 
ATOM   822  C CB  . PHE B 1 16  ? -11.857 6.409   -2.238  1.00 23.94 ? 16  PHE B CB  1 
ATOM   823  C CG  . PHE B 1 16  ? -10.758 7.404   -2.510  1.00 25.67 ? 16  PHE B CG  1 
ATOM   824  C CD1 . PHE B 1 16  ? -10.757 8.167   -3.675  1.00 25.51 ? 16  PHE B CD1 1 
ATOM   825  C CD2 . PHE B 1 16  ? -9.698  7.544   -1.619  1.00 25.18 ? 16  PHE B CD2 1 
ATOM   826  C CE1 . PHE B 1 16  ? -9.711  9.051   -3.950  1.00 25.69 ? 16  PHE B CE1 1 
ATOM   827  C CE2 . PHE B 1 16  ? -8.646  8.424   -1.884  1.00 23.58 ? 16  PHE B CE2 1 
ATOM   828  C CZ  . PHE B 1 16  ? -8.653  9.178   -3.051  1.00 24.84 ? 16  PHE B CZ  1 
ATOM   829  N N   . ALA B 1 17  ? -13.441 5.375   -4.658  1.00 27.33 ? 17  ALA B N   1 
ATOM   830  C CA  . ALA B 1 17  ? -13.980 5.596   -5.994  1.00 28.70 ? 17  ALA B CA  1 
ATOM   831  C C   . ALA B 1 17  ? -13.483 6.972   -6.422  1.00 29.17 ? 17  ALA B C   1 
ATOM   832  O O   . ALA B 1 17  ? -13.412 7.887   -5.603  1.00 29.07 ? 17  ALA B O   1 
ATOM   833  C CB  . ALA B 1 17  ? -15.505 5.575   -5.953  1.00 28.67 ? 17  ALA B CB  1 
ATOM   834  N N   . PHE B 1 18  ? -13.131 7.118   -7.693  1.00 30.32 ? 18  PHE B N   1 
ATOM   835  C CA  . PHE B 1 18  ? -12.630 8.393   -8.196  1.00 31.52 ? 18  PHE B CA  1 
ATOM   836  C C   . PHE B 1 18  ? -12.960 8.515   -9.683  1.00 33.01 ? 18  PHE B C   1 
ATOM   837  O O   . PHE B 1 18  ? -12.848 7.540   -10.427 1.00 32.76 ? 18  PHE B O   1 
ATOM   838  C CB  . PHE B 1 18  ? -11.115 8.473   -7.980  1.00 31.04 ? 18  PHE B CB  1 
ATOM   839  C CG  . PHE B 1 18  ? -10.567 9.866   -8.038  1.00 31.23 ? 18  PHE B CG  1 
ATOM   840  C CD1 . PHE B 1 18  ? -11.022 10.836  -7.153  1.00 31.44 ? 18  PHE B CD1 1 
ATOM   841  C CD2 . PHE B 1 18  ? -9.613  10.218  -8.991  1.00 31.29 ? 18  PHE B CD2 1 
ATOM   842  C CE1 . PHE B 1 18  ? -10.542 12.141  -7.212  1.00 30.82 ? 18  PHE B CE1 1 
ATOM   843  C CE2 . PHE B 1 18  ? -9.123  11.524  -9.062  1.00 31.70 ? 18  PHE B CE2 1 
ATOM   844  C CZ  . PHE B 1 18  ? -9.590  12.486  -8.170  1.00 32.00 ? 18  PHE B CZ  1 
ATOM   845  N N   . ASN B 1 19  ? -13.376 9.704   -10.117 1.00 33.49 ? 19  ASN B N   1 
ATOM   846  C CA  . ASN B 1 19  ? -13.736 9.913   -11.519 1.00 34.97 ? 19  ASN B CA  1 
ATOM   847  C C   . ASN B 1 19  ? -12.733 10.734  -12.304 1.00 33.48 ? 19  ASN B C   1 
ATOM   848  O O   . ASN B 1 19  ? -12.979 11.076  -13.458 1.00 33.55 ? 19  ASN B O   1 
ATOM   849  C CB  . ASN B 1 19  ? -15.113 10.575  -11.621 1.00 38.91 ? 19  ASN B CB  1 
ATOM   850  C CG  . ASN B 1 19  ? -16.241 9.639   -11.238 1.00 42.53 ? 19  ASN B CG  1 
ATOM   851  O OD1 . ASN B 1 19  ? -17.398 10.054  -11.138 1.00 45.04 ? 19  ASN B OD1 1 
ATOM   852  N ND2 . ASN B 1 19  ? -15.915 8.369   -11.027 1.00 44.25 ? 19  ASN B ND2 1 
ATOM   853  N N   . GLY B 1 20  ? -11.606 11.054  -11.684 1.00 32.53 ? 20  GLY B N   1 
ATOM   854  C CA  . GLY B 1 20  ? -10.603 11.832  -12.383 1.00 32.10 ? 20  GLY B CA  1 
ATOM   855  C C   . GLY B 1 20  ? -10.243 13.115  -11.666 1.00 32.03 ? 20  GLY B C   1 
ATOM   856  O O   . GLY B 1 20  ? -10.917 13.503  -10.718 1.00 31.60 ? 20  GLY B O   1 
ATOM   857  N N   . PRO B 1 21  ? -9.188  13.812  -12.109 1.00 32.35 ? 21  PRO B N   1 
ATOM   858  C CA  . PRO B 1 21  ? -8.308  13.485  -13.238 1.00 32.51 ? 21  PRO B CA  1 
ATOM   859  C C   . PRO B 1 21  ? -7.404  12.279  -12.973 1.00 32.33 ? 21  PRO B C   1 
ATOM   860  O O   . PRO B 1 21  ? -7.258  11.836  -11.834 1.00 32.14 ? 21  PRO B O   1 
ATOM   861  C CB  . PRO B 1 21  ? -7.469  14.754  -13.409 1.00 32.48 ? 21  PRO B CB  1 
ATOM   862  C CG  . PRO B 1 21  ? -8.201  15.807  -12.636 1.00 34.88 ? 21  PRO B CG  1 
ATOM   863  C CD  . PRO B 1 21  ? -8.765  15.067  -11.475 1.00 31.52 ? 21  PRO B CD  1 
ATOM   864  N N   . PHE B 1 22  ? -6.777  11.778  -14.034 1.00 33.40 ? 22  PHE B N   1 
ATOM   865  C CA  . PHE B 1 22  ? -5.858  10.650  -13.942 1.00 32.67 ? 22  PHE B CA  1 
ATOM   866  C C   . PHE B 1 22  ? -4.553  10.981  -14.672 1.00 33.57 ? 22  PHE B C   1 
ATOM   867  O O   . PHE B 1 22  ? -4.464  11.994  -15.365 1.00 33.41 ? 22  PHE B O   1 
ATOM   868  C CB  . PHE B 1 22  ? -6.492  9.399   -14.550 1.00 31.16 ? 22  PHE B CB  1 
ATOM   869  C CG  . PHE B 1 22  ? -7.659  8.870   -13.767 1.00 31.59 ? 22  PHE B CG  1 
ATOM   870  C CD1 . PHE B 1 22  ? -8.965  9.115   -14.176 1.00 32.35 ? 22  PHE B CD1 1 
ATOM   871  C CD2 . PHE B 1 22  ? -7.448  8.134   -12.606 1.00 31.69 ? 22  PHE B CD2 1 
ATOM   872  C CE1 . PHE B 1 22  ? -10.046 8.630   -13.438 1.00 32.67 ? 22  PHE B CE1 1 
ATOM   873  C CE2 . PHE B 1 22  ? -8.518  7.646   -11.863 1.00 29.98 ? 22  PHE B CE2 1 
ATOM   874  C CZ  . PHE B 1 22  ? -9.819  7.895   -12.278 1.00 31.91 ? 22  PHE B CZ  1 
ATOM   875  N N   . GLY B 1 23  ? -3.539  10.137  -14.496 1.00 32.13 ? 23  GLY B N   1 
ATOM   876  C CA  . GLY B 1 23  ? -2.262  10.347  -15.162 1.00 32.76 ? 23  GLY B CA  1 
ATOM   877  C C   . GLY B 1 23  ? -1.635  11.722  -15.023 1.00 33.10 ? 23  GLY B C   1 
ATOM   878  O O   . GLY B 1 23  ? -1.563  12.271  -13.924 1.00 31.06 ? 23  GLY B O   1 
ATOM   879  N N   . ASP B 1 24  ? -1.161  12.285  -16.133 1.00 34.07 ? 24  ASP B N   1 
ATOM   880  C CA  . ASP B 1 24  ? -0.539  13.604  -16.083 1.00 34.96 ? 24  ASP B CA  1 
ATOM   881  C C   . ASP B 1 24  ? -1.546  14.677  -15.694 1.00 32.75 ? 24  ASP B C   1 
ATOM   882  O O   . ASP B 1 24  ? -1.189  15.659  -15.048 1.00 33.68 ? 24  ASP B O   1 
ATOM   883  C CB  . ASP B 1 24  ? 0.098   13.955  -17.426 1.00 39.18 ? 24  ASP B CB  1 
ATOM   884  C CG  . ASP B 1 24  ? 1.232   13.021  -17.786 1.00 43.55 ? 24  ASP B CG  1 
ATOM   885  O OD1 . ASP B 1 24  ? 2.144   12.838  -16.946 1.00 44.56 ? 24  ASP B OD1 1 
ATOM   886  O OD2 . ASP B 1 24  ? 1.208   12.474  -18.911 1.00 46.73 ? 24  ASP B OD2 1 
ATOM   887  N N   . ALA B 1 25  ? -2.801  14.491  -16.091 1.00 30.50 ? 25  ALA B N   1 
ATOM   888  C CA  . ALA B 1 25  ? -3.836  15.451  -15.741 1.00 31.00 ? 25  ALA B CA  1 
ATOM   889  C C   . ALA B 1 25  ? -3.944  15.505  -14.216 1.00 30.45 ? 25  ALA B C   1 
ATOM   890  O O   . ALA B 1 25  ? -4.081  16.582  -13.632 1.00 30.53 ? 25  ALA B O   1 
ATOM   891  C CB  . ALA B 1 25  ? -5.169  15.048  -16.362 1.00 30.24 ? 25  ALA B CB  1 
ATOM   892  N N   . MET B 1 26  ? -3.867  14.337  -13.577 1.00 28.57 ? 26  MET B N   1 
ATOM   893  C CA  . MET B 1 26  ? -3.927  14.246  -12.120 1.00 27.09 ? 26  MET B CA  1 
ATOM   894  C C   . MET B 1 26  ? -2.663  14.848  -11.516 1.00 28.10 ? 26  MET B C   1 
ATOM   895  O O   . MET B 1 26  ? -2.724  15.591  -10.536 1.00 28.18 ? 26  MET B O   1 
ATOM   896  C CB  . MET B 1 26  ? -4.055  12.778  -11.694 1.00 26.57 ? 26  MET B CB  1 
ATOM   897  C CG  . MET B 1 26  ? -3.962  12.533  -10.187 1.00 26.61 ? 26  MET B CG  1 
ATOM   898  S SD  . MET B 1 26  ? -3.946  10.735  -9.760  1.00 21.18 ? 26  MET B SD  1 
ATOM   899  C CE  . MET B 1 26  ? -5.625  10.395  -9.862  1.00 17.93 ? 26  MET B CE  1 
ATOM   900  N N   . ALA B 1 27  ? -1.513  14.534  -12.106 1.00 27.79 ? 27  ALA B N   1 
ATOM   901  C CA  . ALA B 1 27  ? -0.240  15.055  -11.611 1.00 27.94 ? 27  ALA B CA  1 
ATOM   902  C C   . ALA B 1 27  ? -0.229  16.580  -11.631 1.00 29.42 ? 27  ALA B C   1 
ATOM   903  O O   . ALA B 1 27  ? 0.260   17.220  -10.700 1.00 28.64 ? 27  ALA B O   1 
ATOM   904  C CB  . ALA B 1 27  ? 0.911   14.519  -12.456 1.00 28.24 ? 27  ALA B CB  1 
ATOM   905  N N   . GLU B 1 28  ? -0.763  17.161  -12.699 1.00 30.84 ? 28  GLU B N   1 
ATOM   906  C CA  . GLU B 1 28  ? -0.803  18.616  -12.814 1.00 33.54 ? 28  GLU B CA  1 
ATOM   907  C C   . GLU B 1 28  ? -1.763  19.215  -11.791 1.00 32.76 ? 28  GLU B C   1 
ATOM   908  O O   . GLU B 1 28  ? -1.422  20.168  -11.094 1.00 33.57 ? 28  GLU B O   1 
ATOM   909  C CB  . GLU B 1 28  ? -1.245  19.028  -14.216 1.00 33.57 ? 28  GLU B CB  1 
ATOM   910  C CG  . GLU B 1 28  ? -1.144  20.523  -14.461 1.00 38.66 ? 28  GLU B CG  1 
ATOM   911  C CD  . GLU B 1 28  ? -1.676  20.927  -15.821 1.00 40.51 ? 28  GLU B CD  1 
ATOM   912  O OE1 . GLU B 1 28  ? -0.975  21.680  -16.531 1.00 43.38 ? 28  GLU B OE1 1 
ATOM   913  O OE2 . GLU B 1 28  ? -2.795  20.494  -16.175 1.00 39.30 ? 28  GLU B OE2 1 
ATOM   914  N N   . GLN B 1 29  ? -2.958  18.641  -11.703 1.00 33.56 ? 29  GLN B N   1 
ATOM   915  C CA  . GLN B 1 29  ? -3.985  19.119  -10.784 1.00 33.42 ? 29  GLN B CA  1 
ATOM   916  C C   . GLN B 1 29  ? -3.655  19.028  -9.308  1.00 32.76 ? 29  GLN B C   1 
ATOM   917  O O   . GLN B 1 29  ? -3.759  20.021  -8.583  1.00 32.34 ? 29  GLN B O   1 
ATOM   918  C CB  . GLN B 1 29  ? -5.302  18.374  -11.017 1.00 33.29 ? 29  GLN B CB  1 
ATOM   919  C CG  . GLN B 1 29  ? -6.248  19.061  -11.976 1.00 39.72 ? 29  GLN B CG  1 
ATOM   920  C CD  . GLN B 1 29  ? -6.520  20.510  -11.596 1.00 38.72 ? 29  GLN B CD  1 
ATOM   921  O OE1 . GLN B 1 29  ? -7.025  20.808  -10.508 1.00 40.05 ? 29  GLN B OE1 1 
ATOM   922  N NE2 . GLN B 1 29  ? -6.173  21.420  -12.495 1.00 41.64 ? 29  GLN B NE2 1 
ATOM   923  N N   . LEU B 1 30  ? -3.264  17.839  -8.858  1.00 31.05 ? 30  LEU B N   1 
ATOM   924  C CA  . LEU B 1 30  ? -2.986  17.626  -7.440  1.00 31.64 ? 30  LEU B CA  1 
ATOM   925  C C   . LEU B 1 30  ? -1.584  17.948  -6.970  1.00 30.72 ? 30  LEU B C   1 
ATOM   926  O O   . LEU B 1 30  ? -1.255  17.729  -5.806  1.00 30.18 ? 30  LEU B O   1 
ATOM   927  C CB  . LEU B 1 30  ? -3.330  16.183  -7.039  1.00 32.76 ? 30  LEU B CB  1 
ATOM   928  C CG  . LEU B 1 30  ? -4.790  15.727  -7.188  1.00 35.29 ? 30  LEU B CG  1 
ATOM   929  C CD1 . LEU B 1 30  ? -5.731  16.829  -6.701  1.00 36.91 ? 30  LEU B CD1 1 
ATOM   930  C CD2 . LEU B 1 30  ? -5.079  15.403  -8.635  1.00 40.06 ? 30  LEU B CD2 1 
ATOM   931  N N   . LYS B 1 31  ? -0.761  18.479  -7.864  1.00 30.98 ? 31  LYS B N   1 
ATOM   932  C CA  . LYS B 1 31  ? 0.604   18.824  -7.502  1.00 31.74 ? 31  LYS B CA  1 
ATOM   933  C C   . LYS B 1 31  ? 0.659   19.658  -6.217  1.00 32.40 ? 31  LYS B C   1 
ATOM   934  O O   . LYS B 1 31  ? 1.495   19.412  -5.341  1.00 30.81 ? 31  LYS B O   1 
ATOM   935  C CB  . LYS B 1 31  ? 1.270   19.581  -8.645  1.00 34.79 ? 31  LYS B CB  1 
ATOM   936  C CG  . LYS B 1 31  ? 2.703   19.960  -8.364  1.00 37.39 ? 31  LYS B CG  1 
ATOM   937  C CD  . LYS B 1 31  ? 3.321   20.640  -9.566  1.00 40.98 ? 31  LYS B CD  1 
ATOM   938  C CE  . LYS B 1 31  ? 4.773   20.954  -9.301  1.00 44.14 ? 31  LYS B CE  1 
ATOM   939  N NZ  . LYS B 1 31  ? 4.915   21.880  -8.146  1.00 47.70 ? 31  LYS B NZ  1 
ATOM   940  N N   . PRO B 1 32  ? -0.229  20.661  -6.090  1.00 32.27 ? 32  PRO B N   1 
ATOM   941  C CA  . PRO B 1 32  ? -0.235  21.498  -4.885  1.00 31.38 ? 32  PRO B CA  1 
ATOM   942  C C   . PRO B 1 32  ? -0.530  20.660  -3.640  1.00 31.81 ? 32  PRO B C   1 
ATOM   943  O O   . PRO B 1 32  ? 0.004   20.912  -2.563  1.00 30.93 ? 32  PRO B O   1 
ATOM   944  C CB  . PRO B 1 32  ? -1.348  22.504  -5.169  1.00 33.09 ? 32  PRO B CB  1 
ATOM   945  C CG  . PRO B 1 32  ? -1.339  22.612  -6.662  1.00 34.74 ? 32  PRO B CG  1 
ATOM   946  C CD  . PRO B 1 32  ? -1.189  21.174  -7.086  1.00 32.79 ? 32  PRO B CD  1 
ATOM   947  N N   . LEU B 1 33  ? -1.393  19.662  -3.807  1.00 31.34 ? 33  LEU B N   1 
ATOM   948  C CA  . LEU B 1 33  ? -1.769  18.783  -2.709  1.00 32.69 ? 33  LEU B CA  1 
ATOM   949  C C   . LEU B 1 33  ? -0.585  17.922  -2.274  1.00 31.17 ? 33  LEU B C   1 
ATOM   950  O O   . LEU B 1 33  ? -0.367  17.706  -1.082  1.00 30.78 ? 33  LEU B O   1 
ATOM   951  C CB  . LEU B 1 33  ? -2.940  17.898  -3.135  1.00 33.18 ? 33  LEU B CB  1 
ATOM   952  C CG  . LEU B 1 33  ? -3.509  16.921  -2.113  1.00 35.60 ? 33  LEU B CG  1 
ATOM   953  C CD1 . LEU B 1 33  ? -3.910  17.652  -0.837  1.00 36.48 ? 33  LEU B CD1 1 
ATOM   954  C CD2 . LEU B 1 33  ? -4.716  16.222  -2.728  1.00 36.46 ? 33  LEU B CD2 1 
ATOM   955  N N   . ALA B 1 34  ? 0.178   17.432  -3.245  1.00 31.05 ? 34  ALA B N   1 
ATOM   956  C CA  . ALA B 1 34  ? 1.339   16.605  -2.944  1.00 32.01 ? 34  ALA B CA  1 
ATOM   957  C C   . ALA B 1 34  ? 2.358   17.420  -2.155  1.00 32.67 ? 34  ALA B C   1 
ATOM   958  O O   . ALA B 1 34  ? 3.007   16.904  -1.250  1.00 33.37 ? 34  ALA B O   1 
ATOM   959  C CB  . ALA B 1 34  ? 1.965   16.085  -4.234  1.00 30.39 ? 34  ALA B CB  1 
ATOM   960  N N   . GLU B 1 35  ? 2.487   18.699  -2.487  1.00 33.56 ? 35  GLU B N   1 
ATOM   961  C CA  . GLU B 1 35  ? 3.438   19.559  -1.793  1.00 35.47 ? 35  GLU B CA  1 
ATOM   962  C C   . GLU B 1 35  ? 3.031   19.808  -0.341  1.00 34.30 ? 35  GLU B C   1 
ATOM   963  O O   . GLU B 1 35  ? 3.886   19.857  0.540   1.00 35.28 ? 35  GLU B O   1 
ATOM   964  C CB  . GLU B 1 35  ? 3.581   20.889  -2.539  1.00 38.70 ? 35  GLU B CB  1 
ATOM   965  C CG  . GLU B 1 35  ? 3.872   20.715  -4.026  1.00 43.57 ? 35  GLU B CG  1 
ATOM   966  C CD  . GLU B 1 35  ? 4.001   22.035  -4.765  1.00 48.11 ? 35  GLU B CD  1 
ATOM   967  O OE1 . GLU B 1 35  ? 3.097   22.893  -4.630  1.00 49.11 ? 35  GLU B OE1 1 
ATOM   968  O OE2 . GLU B 1 35  ? 5.004   22.207  -5.495  1.00 49.74 ? 35  GLU B OE2 1 
ATOM   969  N N   . SER B 1 36  ? 1.734   19.956  -0.082  1.00 32.95 ? 36  SER B N   1 
ATOM   970  C CA  . SER B 1 36  ? 1.283   20.199  1.289   1.00 33.30 ? 36  SER B CA  1 
ATOM   971  C C   . SER B 1 36  ? 1.415   18.952  2.163   1.00 31.99 ? 36  SER B C   1 
ATOM   972  O O   . SER B 1 36  ? 1.648   19.052  3.370   1.00 31.73 ? 36  SER B O   1 
ATOM   973  C CB  . SER B 1 36  ? -0.171  20.689  1.314   1.00 33.49 ? 36  SER B CB  1 
ATOM   974  O OG  . SER B 1 36  ? -1.072  19.679  0.909   1.00 39.75 ? 36  SER B OG  1 
ATOM   975  N N   . ILE B 1 37  ? 1.261   17.779  1.558   1.00 31.82 ? 37  ILE B N   1 
ATOM   976  C CA  . ILE B 1 37  ? 1.375   16.530  2.308   1.00 31.46 ? 37  ILE B CA  1 
ATOM   977  C C   . ILE B 1 37  ? 2.780   16.397  2.903   1.00 32.23 ? 37  ILE B C   1 
ATOM   978  O O   . ILE B 1 37  ? 2.951   15.882  4.010   1.00 31.74 ? 37  ILE B O   1 
ATOM   979  C CB  . ILE B 1 37  ? 1.055   15.308  1.408   1.00 30.21 ? 37  ILE B CB  1 
ATOM   980  C CG1 . ILE B 1 37  ? -0.420  15.362  0.994   1.00 29.05 ? 37  ILE B CG1 1 
ATOM   981  C CG2 . ILE B 1 37  ? 1.350   14.004  2.157   1.00 29.87 ? 37  ILE B CG2 1 
ATOM   982  C CD1 . ILE B 1 37  ? -0.851  14.267  0.047   1.00 27.82 ? 37  ILE B CD1 1 
ATOM   983  N N   . ASN B 1 38  ? 3.783   16.874  2.174   1.00 34.08 ? 38  ASN B N   1 
ATOM   984  C CA  . ASN B 1 38  ? 5.161   16.810  2.655   1.00 34.92 ? 38  ASN B CA  1 
ATOM   985  C C   . ASN B 1 38  ? 5.307   17.558  3.975   1.00 36.71 ? 38  ASN B C   1 
ATOM   986  O O   . ASN B 1 38  ? 6.244   17.315  4.737   1.00 36.52 ? 38  ASN B O   1 
ATOM   987  C CB  . ASN B 1 38  ? 6.116   17.417  1.625   1.00 35.53 ? 38  ASN B CB  1 
ATOM   988  C CG  . ASN B 1 38  ? 6.399   16.481  0.467   1.00 37.38 ? 38  ASN B CG  1 
ATOM   989  O OD1 . ASN B 1 38  ? 6.874   16.906  -0.588  1.00 37.36 ? 38  ASN B OD1 1 
ATOM   990  N ND2 . ASN B 1 38  ? 6.125   15.195  0.662   1.00 36.35 ? 38  ASN B ND2 1 
ATOM   991  N N   . GLN B 1 39  ? 4.374   18.465  4.250   1.00 36.65 ? 39  GLN B N   1 
ATOM   992  C CA  . GLN B 1 39  ? 4.424   19.256  5.475   1.00 38.71 ? 39  GLN B CA  1 
ATOM   993  C C   . GLN B 1 39  ? 3.682   18.610  6.642   1.00 38.45 ? 39  GLN B C   1 
ATOM   994  O O   . GLN B 1 39  ? 3.789   19.068  7.779   1.00 38.01 ? 39  GLN B O   1 
ATOM   995  C CB  . GLN B 1 39  ? 3.847   20.653  5.218   1.00 40.85 ? 39  GLN B CB  1 
ATOM   996  C CG  . GLN B 1 39  ? 4.370   21.322  3.954   1.00 44.77 ? 39  GLN B CG  1 
ATOM   997  C CD  . GLN B 1 39  ? 5.884   21.283  3.856   1.00 46.94 ? 39  GLN B CD  1 
ATOM   998  O OE1 . GLN B 1 39  ? 6.589   21.673  4.788   1.00 49.98 ? 39  GLN B OE1 1 
ATOM   999  N NE2 . GLN B 1 39  ? 6.393   20.823  2.719   1.00 48.18 ? 39  GLN B NE2 1 
ATOM   1000 N N   . GLU B 1 40  ? 2.935   17.547  6.367   1.00 37.34 ? 40  GLU B N   1 
ATOM   1001 C CA  . GLU B 1 40  ? 2.180   16.880  7.419   1.00 37.30 ? 40  GLU B CA  1 
ATOM   1002 C C   . GLU B 1 40  ? 3.071   16.279  8.504   1.00 37.89 ? 40  GLU B C   1 
ATOM   1003 O O   . GLU B 1 40  ? 4.149   15.755  8.227   1.00 37.13 ? 40  GLU B O   1 
ATOM   1004 C CB  . GLU B 1 40  ? 1.284   15.788  6.824   1.00 36.74 ? 40  GLU B CB  1 
ATOM   1005 C CG  . GLU B 1 40  ? 0.138   16.302  5.957   1.00 35.51 ? 40  GLU B CG  1 
ATOM   1006 C CD  . GLU B 1 40  ? -0.803  17.238  6.708   1.00 35.38 ? 40  GLU B CD  1 
ATOM   1007 O OE1 . GLU B 1 40  ? -0.845  17.167  7.953   1.00 35.90 ? 40  GLU B OE1 1 
ATOM   1008 O OE2 . GLU B 1 40  ? -1.512  18.030  6.051   1.00 34.21 ? 40  GLU B OE2 1 
ATOM   1009 N N   . PRO B 1 41  ? 2.624   16.364  9.764   1.00 37.63 ? 41  PRO B N   1 
ATOM   1010 C CA  . PRO B 1 41  ? 3.358   15.834  10.916  1.00 38.56 ? 41  PRO B CA  1 
ATOM   1011 C C   . PRO B 1 41  ? 3.557   14.318  10.830  1.00 38.44 ? 41  PRO B C   1 
ATOM   1012 O O   . PRO B 1 41  ? 2.615   13.579  10.544  1.00 37.33 ? 41  PRO B O   1 
ATOM   1013 C CB  . PRO B 1 41  ? 2.471   16.223  12.099  1.00 38.32 ? 41  PRO B CB  1 
ATOM   1014 C CG  . PRO B 1 41  ? 1.789   17.468  11.619  1.00 38.77 ? 41  PRO B CG  1 
ATOM   1015 C CD  . PRO B 1 41  ? 1.432   17.111  10.203  1.00 38.07 ? 41  PRO B CD  1 
ATOM   1016 N N   . GLY B 1 42  ? 4.789   13.873  11.075  1.00 38.45 ? 42  GLY B N   1 
ATOM   1017 C CA  . GLY B 1 42  ? 5.105   12.454  11.050  1.00 38.03 ? 42  GLY B CA  1 
ATOM   1018 C C   . GLY B 1 42  ? 5.115   11.795  9.685   1.00 37.78 ? 42  GLY B C   1 
ATOM   1019 O O   . GLY B 1 42  ? 5.275   10.578  9.580   1.00 38.12 ? 42  GLY B O   1 
ATOM   1020 N N   . PHE B 1 43  ? 4.953   12.595  8.638   1.00 36.75 ? 43  PHE B N   1 
ATOM   1021 C CA  . PHE B 1 43  ? 4.930   12.077  7.279   1.00 36.03 ? 43  PHE B CA  1 
ATOM   1022 C C   . PHE B 1 43  ? 6.313   11.675  6.784   1.00 35.83 ? 43  PHE B C   1 
ATOM   1023 O O   . PHE B 1 43  ? 7.283   12.403  6.978   1.00 36.08 ? 43  PHE B O   1 
ATOM   1024 C CB  . PHE B 1 43  ? 4.343   13.120  6.333   1.00 36.21 ? 43  PHE B CB  1 
ATOM   1025 C CG  . PHE B 1 43  ? 4.293   12.670  4.907   1.00 34.60 ? 43  PHE B CG  1 
ATOM   1026 C CD1 . PHE B 1 43  ? 3.341   11.746  4.492   1.00 34.80 ? 43  PHE B CD1 1 
ATOM   1027 C CD2 . PHE B 1 43  ? 5.204   13.159  3.979   1.00 35.20 ? 43  PHE B CD2 1 
ATOM   1028 C CE1 . PHE B 1 43  ? 3.297   11.316  3.173   1.00 33.75 ? 43  PHE B CE1 1 
ATOM   1029 C CE2 . PHE B 1 43  ? 5.170   12.737  2.656   1.00 33.44 ? 43  PHE B CE2 1 
ATOM   1030 C CZ  . PHE B 1 43  ? 4.213   11.814  2.251   1.00 34.26 ? 43  PHE B CZ  1 
ATOM   1031 N N   . LEU B 1 44  ? 6.397   10.512  6.140   1.00 35.71 ? 44  LEU B N   1 
ATOM   1032 C CA  . LEU B 1 44  ? 7.663   10.017  5.607   1.00 34.17 ? 44  LEU B CA  1 
ATOM   1033 C C   . LEU B 1 44  ? 7.630   9.946   4.079   1.00 33.32 ? 44  LEU B C   1 
ATOM   1034 O O   . LEU B 1 44  ? 8.521   10.462  3.405   1.00 33.01 ? 44  LEU B O   1 
ATOM   1035 C CB  . LEU B 1 44  ? 7.985   8.643   6.202   1.00 33.99 ? 44  LEU B CB  1 
ATOM   1036 C CG  . LEU B 1 44  ? 8.272   8.656   7.706   1.00 33.02 ? 44  LEU B CG  1 
ATOM   1037 C CD1 . LEU B 1 44  ? 8.592   7.251   8.190   1.00 34.01 ? 44  LEU B CD1 1 
ATOM   1038 C CD2 . LEU B 1 44  ? 9.428   9.595   7.986   1.00 34.21 ? 44  LEU B CD2 1 
ATOM   1039 N N   . TRP B 1 45  ? 6.610   9.295   3.532   1.00 30.65 ? 45  TRP B N   1 
ATOM   1040 C CA  . TRP B 1 45  ? 6.467   9.214   2.089   1.00 29.58 ? 45  TRP B CA  1 
ATOM   1041 C C   . TRP B 1 45  ? 5.084   8.730   1.693   1.00 28.47 ? 45  TRP B C   1 
ATOM   1042 O O   . TRP B 1 45  ? 4.323   8.216   2.515   1.00 27.30 ? 45  TRP B O   1 
ATOM   1043 C CB  . TRP B 1 45  ? 7.550   8.320   1.448   1.00 32.56 ? 45  TRP B CB  1 
ATOM   1044 C CG  . TRP B 1 45  ? 7.663   6.926   1.991   1.00 33.84 ? 45  TRP B CG  1 
ATOM   1045 C CD1 . TRP B 1 45  ? 8.575   6.465   2.901   1.00 35.26 ? 45  TRP B CD1 1 
ATOM   1046 C CD2 . TRP B 1 45  ? 6.828   5.810   1.662   1.00 34.67 ? 45  TRP B CD2 1 
ATOM   1047 N NE1 . TRP B 1 45  ? 8.358   5.131   3.158   1.00 36.48 ? 45  TRP B NE1 1 
ATOM   1048 C CE2 . TRP B 1 45  ? 7.290   4.704   2.413   1.00 35.35 ? 45  TRP B CE2 1 
ATOM   1049 C CE3 . TRP B 1 45  ? 5.729   5.638   0.809   1.00 34.23 ? 45  TRP B CE3 1 
ATOM   1050 C CZ2 . TRP B 1 45  ? 6.692   3.442   2.333   1.00 35.08 ? 45  TRP B CZ2 1 
ATOM   1051 C CZ3 . TRP B 1 45  ? 5.134   4.384   0.729   1.00 34.53 ? 45  TRP B CZ3 1 
ATOM   1052 C CH2 . TRP B 1 45  ? 5.617   3.302   1.489   1.00 34.69 ? 45  TRP B CH2 1 
ATOM   1053 N N   . LYS B 1 46  ? 4.751   8.934   0.425   1.00 27.08 ? 46  LYS B N   1 
ATOM   1054 C CA  . LYS B 1 46  ? 3.463   8.527   -0.098  1.00 25.05 ? 46  LYS B CA  1 
ATOM   1055 C C   . LYS B 1 46  ? 3.594   8.077   -1.531  1.00 25.89 ? 46  LYS B C   1 
ATOM   1056 O O   . LYS B 1 46  ? 4.325   8.676   -2.319  1.00 26.13 ? 46  LYS B O   1 
ATOM   1057 C CB  . LYS B 1 46  ? 2.451   9.678   -0.056  1.00 25.94 ? 46  LYS B CB  1 
ATOM   1058 C CG  . LYS B 1 46  ? 1.154   9.351   -0.811  1.00 24.99 ? 46  LYS B CG  1 
ATOM   1059 C CD  . LYS B 1 46  ? 0.185   10.531  -0.892  1.00 23.30 ? 46  LYS B CD  1 
ATOM   1060 C CE  . LYS B 1 46  ? -1.098  10.127  -1.606  1.00 23.79 ? 46  LYS B CE  1 
ATOM   1061 N NZ  . LYS B 1 46  ? -2.049  11.255  -1.815  1.00 26.68 ? 46  LYS B NZ  1 
ATOM   1062 N N   . VAL B 1 47  ? 2.883   7.008   -1.859  1.00 24.95 ? 47  VAL B N   1 
ATOM   1063 C CA  . VAL B 1 47  ? 2.864   6.507   -3.218  1.00 24.67 ? 47  VAL B CA  1 
ATOM   1064 C C   . VAL B 1 47  ? 1.431   6.739   -3.667  1.00 23.52 ? 47  VAL B C   1 
ATOM   1065 O O   . VAL B 1 47  ? 0.492   6.264   -3.028  1.00 22.19 ? 47  VAL B O   1 
ATOM   1066 C CB  . VAL B 1 47  ? 3.196   5.001   -3.291  1.00 24.28 ? 47  VAL B CB  1 
ATOM   1067 C CG1 . VAL B 1 47  ? 3.034   4.511   -4.722  1.00 22.68 ? 47  VAL B CG1 1 
ATOM   1068 C CG2 . VAL B 1 47  ? 4.625   4.754   -2.815  1.00 24.91 ? 47  VAL B CG2 1 
ATOM   1069 N N   . TRP B 1 48  ? 1.266   7.510   -4.739  1.00 23.60 ? 48  TRP B N   1 
ATOM   1070 C CA  . TRP B 1 48  ? -0.058  7.801   -5.265  1.00 23.32 ? 48  TRP B CA  1 
ATOM   1071 C C   . TRP B 1 48  ? -0.487  6.665   -6.172  1.00 23.63 ? 48  TRP B C   1 
ATOM   1072 O O   . TRP B 1 48  ? 0.261   6.252   -7.054  1.00 25.11 ? 48  TRP B O   1 
ATOM   1073 C CB  . TRP B 1 48  ? -0.062  9.110   -6.064  1.00 22.60 ? 48  TRP B CB  1 
ATOM   1074 C CG  . TRP B 1 48  ? 0.211   10.337  -5.241  1.00 22.94 ? 48  TRP B CG  1 
ATOM   1075 C CD1 . TRP B 1 48  ? 1.384   10.667  -4.622  1.00 22.70 ? 48  TRP B CD1 1 
ATOM   1076 C CD2 . TRP B 1 48  ? -0.712  11.390  -4.934  1.00 23.71 ? 48  TRP B CD2 1 
ATOM   1077 N NE1 . TRP B 1 48  ? 1.250   11.858  -3.950  1.00 23.84 ? 48  TRP B NE1 1 
ATOM   1078 C CE2 . TRP B 1 48  ? -0.028  12.325  -4.126  1.00 24.71 ? 48  TRP B CE2 1 
ATOM   1079 C CE3 . TRP B 1 48  ? -2.053  11.633  -5.262  1.00 23.82 ? 48  TRP B CE3 1 
ATOM   1080 C CZ2 . TRP B 1 48  ? -0.639  13.491  -3.643  1.00 24.75 ? 48  TRP B CZ2 1 
ATOM   1081 C CZ3 . TRP B 1 48  ? -2.660  12.791  -4.781  1.00 24.93 ? 48  TRP B CZ3 1 
ATOM   1082 C CH2 . TRP B 1 48  ? -1.952  13.703  -3.982  1.00 24.74 ? 48  TRP B CH2 1 
ATOM   1083 N N   . THR B 1 49  ? -1.691  6.164   -5.955  1.00 23.20 ? 49  THR B N   1 
ATOM   1084 C CA  . THR B 1 49  ? -2.210  5.070   -6.754  1.00 24.09 ? 49  THR B CA  1 
ATOM   1085 C C   . THR B 1 49  ? -3.428  5.544   -7.526  1.00 25.43 ? 49  THR B C   1 
ATOM   1086 O O   . THR B 1 49  ? -4.149  6.437   -7.076  1.00 24.65 ? 49  THR B O   1 
ATOM   1087 C CB  . THR B 1 49  ? -2.621  3.896   -5.858  1.00 24.93 ? 49  THR B CB  1 
ATOM   1088 O OG1 . THR B 1 49  ? -3.562  4.364   -4.885  1.00 23.23 ? 49  THR B OG1 1 
ATOM   1089 C CG2 . THR B 1 49  ? -1.414  3.322   -5.150  1.00 23.71 ? 49  THR B CG2 1 
ATOM   1090 N N   . GLU B 1 50  ? -3.660  4.942   -8.683  1.00 24.83 ? 50  GLU B N   1 
ATOM   1091 C CA  . GLU B 1 50  ? -4.801  5.320   -9.499  1.00 27.52 ? 50  GLU B CA  1 
ATOM   1092 C C   . GLU B 1 50  ? -5.155  4.221   -10.478 1.00 28.10 ? 50  GLU B C   1 
ATOM   1093 O O   . GLU B 1 50  ? -4.289  3.475   -10.923 1.00 27.80 ? 50  GLU B O   1 
ATOM   1094 C CB  . GLU B 1 50  ? -4.494  6.599   -10.285 1.00 28.76 ? 50  GLU B CB  1 
ATOM   1095 C CG  . GLU B 1 50  ? -3.288  6.476   -11.201 1.00 31.54 ? 50  GLU B CG  1 
ATOM   1096 C CD  . GLU B 1 50  ? -3.183  7.608   -12.215 1.00 34.38 ? 50  GLU B CD  1 
ATOM   1097 O OE1 . GLU B 1 50  ? -4.094  7.739   -13.059 1.00 34.45 ? 50  GLU B OE1 1 
ATOM   1098 O OE2 . GLU B 1 50  ? -2.186  8.356   -12.169 1.00 37.58 ? 50  GLU B OE2 1 
ATOM   1099 N N   . SER B 1 51  ? -6.439  4.120   -10.792 1.00 29.17 ? 51  SER B N   1 
ATOM   1100 C CA  . SER B 1 51  ? -6.922  3.148   -11.755 1.00 31.87 ? 51  SER B CA  1 
ATOM   1101 C C   . SER B 1 51  ? -8.076  3.764   -12.521 1.00 33.53 ? 51  SER B C   1 
ATOM   1102 O O   . SER B 1 51  ? -9.211  3.763   -12.049 1.00 33.22 ? 51  SER B O   1 
ATOM   1103 C CB  . SER B 1 51  ? -7.408  1.874   -11.075 1.00 31.84 ? 51  SER B CB  1 
ATOM   1104 O OG  . SER B 1 51  ? -7.959  1.000   -12.049 1.00 31.78 ? 51  SER B OG  1 
ATOM   1105 N N   . GLU B 1 52  ? -7.791  4.296   -13.704 1.00 36.08 ? 52  GLU B N   1 
ATOM   1106 C CA  . GLU B 1 52  ? -8.833  4.912   -14.513 1.00 37.86 ? 52  GLU B CA  1 
ATOM   1107 C C   . GLU B 1 52  ? -9.876  3.899   -14.980 1.00 38.79 ? 52  GLU B C   1 
ATOM   1108 O O   . GLU B 1 52  ? -11.071 4.193   -14.975 1.00 39.68 ? 52  GLU B O   1 
ATOM   1109 C CB  . GLU B 1 52  ? -8.206  5.639   -15.707 1.00 38.79 ? 52  GLU B CB  1 
ATOM   1110 C CG  . GLU B 1 52  ? -9.211  6.150   -16.733 1.00 39.87 ? 52  GLU B CG  1 
ATOM   1111 C CD  . GLU B 1 52  ? -8.617  7.198   -17.658 1.00 42.54 ? 52  GLU B CD  1 
ATOM   1112 O OE1 . GLU B 1 52  ? -7.426  7.066   -18.030 1.00 42.24 ? 52  GLU B OE1 1 
ATOM   1113 O OE2 . GLU B 1 52  ? -9.344  8.152   -18.026 1.00 43.52 ? 52  GLU B OE2 1 
ATOM   1114 N N   . LYS B 1 53  ? -9.436  2.705   -15.367 1.00 40.06 ? 53  LYS B N   1 
ATOM   1115 C CA  . LYS B 1 53  ? -10.371 1.683   -15.829 1.00 41.50 ? 53  LYS B CA  1 
ATOM   1116 C C   . LYS B 1 53  ? -11.314 1.231   -14.719 1.00 40.96 ? 53  LYS B C   1 
ATOM   1117 O O   . LYS B 1 53  ? -12.450 0.844   -14.983 1.00 41.84 ? 53  LYS B O   1 
ATOM   1118 C CB  . LYS B 1 53  ? -9.614  0.477   -16.402 1.00 43.56 ? 53  LYS B CB  1 
ATOM   1119 C CG  . LYS B 1 53  ? -8.677  -0.208  -15.425 1.00 45.99 ? 53  LYS B CG  1 
ATOM   1120 C CD  . LYS B 1 53  ? -7.840  -1.270  -16.126 1.00 47.57 ? 53  LYS B CD  1 
ATOM   1121 C CE  . LYS B 1 53  ? -6.882  -1.947  -15.158 1.00 48.59 ? 53  LYS B CE  1 
ATOM   1122 N NZ  . LYS B 1 53  ? -5.939  -2.861  -15.865 1.00 48.11 ? 53  LYS B NZ  1 
ATOM   1123 N N   . ASN B 1 54  ? -10.850 1.281   -13.476 1.00 40.96 ? 54  ASN B N   1 
ATOM   1124 C CA  . ASN B 1 54  ? -11.694 0.877   -12.354 1.00 40.78 ? 54  ASN B CA  1 
ATOM   1125 C C   . ASN B 1 54  ? -12.274 2.089   -11.631 1.00 39.85 ? 54  ASN B C   1 
ATOM   1126 O O   . ASN B 1 54  ? -13.002 1.944   -10.648 1.00 39.68 ? 54  ASN B O   1 
ATOM   1127 C CB  . ASN B 1 54  ? -10.905 0.022   -11.359 1.00 41.45 ? 54  ASN B CB  1 
ATOM   1128 C CG  . ASN B 1 54  ? -10.435 -1.282  -11.961 1.00 44.86 ? 54  ASN B CG  1 
ATOM   1129 O OD1 . ASN B 1 54  ? -11.148 -1.901  -12.755 1.00 45.27 ? 54  ASN B OD1 1 
ATOM   1130 N ND2 . ASN B 1 54  ? -9.242  -1.719  -11.577 1.00 44.52 ? 54  ASN B ND2 1 
ATOM   1131 N N   . HIS B 1 55  ? -11.944 3.279   -12.122 1.00 38.32 ? 55  HIS B N   1 
ATOM   1132 C CA  . HIS B 1 55  ? -12.423 4.523   -11.530 1.00 37.03 ? 55  HIS B CA  1 
ATOM   1133 C C   . HIS B 1 55  ? -12.141 4.555   -10.033 1.00 34.04 ? 55  HIS B C   1 
ATOM   1134 O O   . HIS B 1 55  ? -13.055 4.676   -9.220  1.00 31.92 ? 55  HIS B O   1 
ATOM   1135 C CB  . HIS B 1 55  ? -13.925 4.689   -11.788 1.00 42.19 ? 55  HIS B CB  1 
ATOM   1136 C CG  . HIS B 1 55  ? -14.272 4.859   -13.235 1.00 47.97 ? 55  HIS B CG  1 
ATOM   1137 N ND1 . HIS B 1 55  ? -13.924 5.980   -13.959 1.00 49.60 ? 55  HIS B ND1 1 
ATOM   1138 C CD2 . HIS B 1 55  ? -14.918 4.040   -14.100 1.00 49.35 ? 55  HIS B CD2 1 
ATOM   1139 C CE1 . HIS B 1 55  ? -14.340 5.846   -15.205 1.00 51.53 ? 55  HIS B CE1 1 
ATOM   1140 N NE2 . HIS B 1 55  ? -14.947 4.676   -15.318 1.00 51.11 ? 55  HIS B NE2 1 
ATOM   1141 N N   . GLU B 1 56  ? -10.865 4.439   -9.678  1.00 30.26 ? 56  GLU B N   1 
ATOM   1142 C CA  . GLU B 1 56  ? -10.453 4.458   -8.282  1.00 28.34 ? 56  GLU B CA  1 
ATOM   1143 C C   . GLU B 1 56  ? -9.124  5.181   -8.164  1.00 24.34 ? 56  GLU B C   1 
ATOM   1144 O O   . GLU B 1 56  ? -8.409  5.364   -9.148  1.00 24.12 ? 56  GLU B O   1 
ATOM   1145 C CB  . GLU B 1 56  ? -10.297 3.030   -7.734  1.00 28.58 ? 56  GLU B CB  1 
ATOM   1146 C CG  . GLU B 1 56  ? -11.564 2.182   -7.776  1.00 31.51 ? 56  GLU B CG  1 
ATOM   1147 C CD  . GLU B 1 56  ? -11.348 0.776   -7.217  1.00 35.46 ? 56  GLU B CD  1 
ATOM   1148 O OE1 . GLU B 1 56  ? -10.362 0.119   -7.614  1.00 34.54 ? 56  GLU B OE1 1 
ATOM   1149 O OE2 . GLU B 1 56  ? -12.169 0.328   -6.390  1.00 37.86 ? 56  GLU B OE2 1 
ATOM   1150 N N   . ALA B 1 57  ? -8.807  5.602   -6.952  1.00 23.26 ? 57  ALA B N   1 
ATOM   1151 C CA  . ALA B 1 57  ? -7.557  6.284   -6.687  1.00 23.71 ? 57  ALA B CA  1 
ATOM   1152 C C   . ALA B 1 57  ? -7.302  6.163   -5.200  1.00 23.08 ? 57  ALA B C   1 
ATOM   1153 O O   . ALA B 1 57  ? -8.196  5.788   -4.445  1.00 23.20 ? 57  ALA B O   1 
ATOM   1154 C CB  . ALA B 1 57  ? -7.650  7.760   -7.093  1.00 23.51 ? 57  ALA B CB  1 
ATOM   1155 N N   . GLY B 1 58  ? -6.084  6.479   -4.780  1.00 23.20 ? 58  GLY B N   1 
ATOM   1156 C CA  . GLY B 1 58  ? -5.757  6.398   -3.371  1.00 21.46 ? 58  GLY B CA  1 
ATOM   1157 C C   . GLY B 1 58  ? -4.282  6.630   -3.153  1.00 21.84 ? 58  GLY B C   1 
ATOM   1158 O O   . GLY B 1 58  ? -3.616  7.310   -3.941  1.00 21.15 ? 58  GLY B O   1 
ATOM   1159 N N   . GLY B 1 59  ? -3.760  6.066   -2.076  1.00 20.18 ? 59  GLY B N   1 
ATOM   1160 C CA  . GLY B 1 59  ? -2.353  6.233   -1.796  1.00 21.64 ? 59  GLY B CA  1 
ATOM   1161 C C   . GLY B 1 59  ? -1.892  5.353   -0.660  1.00 20.84 ? 59  GLY B C   1 
ATOM   1162 O O   . GLY B 1 59  ? -2.699  4.876   0.137   1.00 20.91 ? 59  GLY B O   1 
ATOM   1163 N N   . ILE B 1 60  ? -0.586  5.127   -0.616  1.00 21.63 ? 60  ILE B N   1 
ATOM   1164 C CA  . ILE B 1 60  ? 0.035   4.338   0.428   1.00 21.18 ? 60  ILE B CA  1 
ATOM   1165 C C   . ILE B 1 60  ? 0.909   5.335   1.160   1.00 19.79 ? 60  ILE B C   1 
ATOM   1166 O O   . ILE B 1 60  ? 1.728   6.010   0.539   1.00 22.57 ? 60  ILE B O   1 
ATOM   1167 C CB  . ILE B 1 60  ? 0.946   3.230   -0.140  1.00 21.90 ? 60  ILE B CB  1 
ATOM   1168 C CG1 . ILE B 1 60  ? 0.151   2.327   -1.080  1.00 20.60 ? 60  ILE B CG1 1 
ATOM   1169 C CG2 . ILE B 1 60  ? 1.570   2.443   1.012   1.00 22.36 ? 60  ILE B CG2 1 
ATOM   1170 C CD1 . ILE B 1 60  ? -1.035  1.652   -0.436  1.00 21.69 ? 60  ILE B CD1 1 
ATOM   1171 N N   . TYR B 1 61  ? 0.721   5.444   2.469   1.00 18.39 ? 61  TYR B N   1 
ATOM   1172 C CA  . TYR B 1 61  ? 1.499   6.371   3.268   1.00 21.36 ? 61  TYR B CA  1 
ATOM   1173 C C   . TYR B 1 61  ? 2.318   5.681   4.334   1.00 23.97 ? 61  TYR B C   1 
ATOM   1174 O O   . TYR B 1 61  ? 1.941   4.630   4.858   1.00 23.65 ? 61  TYR B O   1 
ATOM   1175 C CB  . TYR B 1 61  ? 0.594   7.358   4.003   1.00 21.22 ? 61  TYR B CB  1 
ATOM   1176 C CG  . TYR B 1 61  ? -0.264  8.248   3.151   1.00 22.52 ? 61  TYR B CG  1 
ATOM   1177 C CD1 . TYR B 1 61  ? 0.012   9.613   3.047   1.00 23.22 ? 61  TYR B CD1 1 
ATOM   1178 C CD2 . TYR B 1 61  ? -1.407  7.753   2.525   1.00 22.88 ? 61  TYR B CD2 1 
ATOM   1179 C CE1 . TYR B 1 61  ? -0.836  10.461  2.351   1.00 23.11 ? 61  TYR B CE1 1 
ATOM   1180 C CE2 . TYR B 1 61  ? -2.261  8.597   1.826   1.00 24.21 ? 61  TYR B CE2 1 
ATOM   1181 C CZ  . TYR B 1 61  ? -1.973  9.946   1.746   1.00 23.52 ? 61  TYR B CZ  1 
ATOM   1182 O OH  . TYR B 1 61  ? -2.837  10.789  1.077   1.00 23.96 ? 61  TYR B OH  1 
ATOM   1183 N N   . LEU B 1 62  ? 3.424   6.320   4.681   1.00 25.24 ? 62  LEU B N   1 
ATOM   1184 C CA  . LEU B 1 62  ? 4.290   5.831   5.732   1.00 29.39 ? 62  LEU B CA  1 
ATOM   1185 C C   . LEU B 1 62  ? 4.438   6.992   6.717   1.00 29.66 ? 62  LEU B C   1 
ATOM   1186 O O   . LEU B 1 62  ? 4.822   8.093   6.325   1.00 28.00 ? 62  LEU B O   1 
ATOM   1187 C CB  . LEU B 1 62  ? 5.651   5.453   5.154   1.00 32.49 ? 62  LEU B CB  1 
ATOM   1188 C CG  . LEU B 1 62  ? 6.349   4.261   5.813   1.00 37.27 ? 62  LEU B CG  1 
ATOM   1189 C CD1 . LEU B 1 62  ? 6.698   4.587   7.250   1.00 39.62 ? 62  LEU B CD1 1 
ATOM   1190 C CD2 . LEU B 1 62  ? 5.430   3.047   5.751   1.00 39.52 ? 62  LEU B CD2 1 
ATOM   1191 N N   . PHE B 1 63  ? 4.105   6.753   7.981   1.00 29.64 ? 63  PHE B N   1 
ATOM   1192 C CA  . PHE B 1 63  ? 4.225   7.769   9.025   1.00 31.41 ? 63  PHE B CA  1 
ATOM   1193 C C   . PHE B 1 63  ? 5.140   7.251   10.132  1.00 33.54 ? 63  PHE B C   1 
ATOM   1194 O O   . PHE B 1 63  ? 5.297   6.041   10.305  1.00 32.93 ? 63  PHE B O   1 
ATOM   1195 C CB  . PHE B 1 63  ? 2.857   8.102   9.620   1.00 30.27 ? 63  PHE B CB  1 
ATOM   1196 C CG  . PHE B 1 63  ? 2.014   8.981   8.746   1.00 31.08 ? 63  PHE B CG  1 
ATOM   1197 C CD1 . PHE B 1 63  ? 2.130   10.366  8.803   1.00 31.28 ? 63  PHE B CD1 1 
ATOM   1198 C CD2 . PHE B 1 63  ? 1.121   8.421   7.845   1.00 31.51 ? 63  PHE B CD2 1 
ATOM   1199 C CE1 . PHE B 1 63  ? 1.360   11.183  7.967   1.00 31.09 ? 63  PHE B CE1 1 
ATOM   1200 C CE2 . PHE B 1 63  ? 0.349   9.224   7.009   1.00 31.83 ? 63  PHE B CE2 1 
ATOM   1201 C CZ  . PHE B 1 63  ? 0.469   10.606  7.069   1.00 29.96 ? 63  PHE B CZ  1 
ATOM   1202 N N   . THR B 1 64  ? 5.728   8.173   10.884  1.00 35.45 ? 64  THR B N   1 
ATOM   1203 C CA  . THR B 1 64  ? 6.633   7.814   11.969  1.00 39.61 ? 64  THR B CA  1 
ATOM   1204 C C   . THR B 1 64  ? 5.938   7.055   13.091  1.00 39.94 ? 64  THR B C   1 
ATOM   1205 O O   . THR B 1 64  ? 6.552   6.223   13.760  1.00 40.87 ? 64  THR B O   1 
ATOM   1206 C CB  . THR B 1 64  ? 7.289   9.061   12.582  1.00 41.01 ? 64  THR B CB  1 
ATOM   1207 O OG1 . THR B 1 64  ? 7.991   9.778   11.564  1.00 44.57 ? 64  THR B OG1 1 
ATOM   1208 C CG2 . THR B 1 64  ? 8.273   8.658   13.675  1.00 43.66 ? 64  THR B CG2 1 
ATOM   1209 N N   . ASP B 1 65  ? 4.660   7.351   13.299  1.00 40.87 ? 65  ASP B N   1 
ATOM   1210 C CA  . ASP B 1 65  ? 3.890   6.702   14.351  1.00 41.90 ? 65  ASP B CA  1 
ATOM   1211 C C   . ASP B 1 65  ? 2.410   6.646   14.007  1.00 40.96 ? 65  ASP B C   1 
ATOM   1212 O O   . ASP B 1 65  ? 1.944   7.332   13.100  1.00 39.92 ? 65  ASP B O   1 
ATOM   1213 C CB  . ASP B 1 65  ? 4.080   7.435   15.683  1.00 44.85 ? 65  ASP B CB  1 
ATOM   1214 C CG  . ASP B 1 65  ? 3.732   8.911   15.594  1.00 46.71 ? 65  ASP B CG  1 
ATOM   1215 O OD1 . ASP B 1 65  ? 2.571   9.238   15.270  1.00 47.67 ? 65  ASP B OD1 1 
ATOM   1216 O OD2 . ASP B 1 65  ? 4.624   9.744   15.849  1.00 50.54 ? 65  ASP B OD2 1 
ATOM   1217 N N   . GLU B 1 66  ? 1.673   5.836   14.756  1.00 40.27 ? 66  GLU B N   1 
ATOM   1218 C CA  . GLU B 1 66  ? 0.250   5.671   14.522  1.00 40.64 ? 66  GLU B CA  1 
ATOM   1219 C C   . GLU B 1 66  ? -0.602  6.920   14.738  1.00 39.99 ? 66  GLU B C   1 
ATOM   1220 O O   . GLU B 1 66  ? -1.499  7.192   13.940  1.00 38.04 ? 66  GLU B O   1 
ATOM   1221 C CB  . GLU B 1 66  ? -0.302  4.538   15.387  1.00 41.77 ? 66  GLU B CB  1 
ATOM   1222 C CG  . GLU B 1 66  ? -1.758  4.221   15.097  1.00 43.75 ? 66  GLU B CG  1 
ATOM   1223 C CD  . GLU B 1 66  ? -2.319  3.152   16.004  1.00 45.94 ? 66  GLU B CD  1 
ATOM   1224 O OE1 . GLU B 1 66  ? -2.339  3.371   17.234  1.00 47.01 ? 66  GLU B OE1 1 
ATOM   1225 O OE2 . GLU B 1 66  ? -2.743  2.097   15.485  1.00 45.57 ? 66  GLU B OE2 1 
ATOM   1226 N N   . LYS B 1 67  ? -0.346  7.678   15.802  1.00 39.42 ? 67  LYS B N   1 
ATOM   1227 C CA  . LYS B 1 67  ? -1.159  8.869   16.041  1.00 39.57 ? 67  LYS B CA  1 
ATOM   1228 C C   . LYS B 1 67  ? -1.030  9.857   14.883  1.00 37.78 ? 67  LYS B C   1 
ATOM   1229 O O   . LYS B 1 67  ? -2.008  10.499  14.497  1.00 37.43 ? 67  LYS B O   1 
ATOM   1230 C CB  . LYS B 1 67  ? -0.794  9.547   17.372  1.00 41.74 ? 67  LYS B CB  1 
ATOM   1231 C CG  . LYS B 1 67  ? 0.457   10.400  17.347  1.00 46.60 ? 67  LYS B CG  1 
ATOM   1232 C CD  . LYS B 1 67  ? 0.521   11.296  18.575  1.00 49.93 ? 67  LYS B CD  1 
ATOM   1233 C CE  . LYS B 1 67  ? 1.673   12.281  18.473  1.00 52.80 ? 67  LYS B CE  1 
ATOM   1234 N NZ  . LYS B 1 67  ? 1.719   13.215  19.632  1.00 54.72 ? 67  LYS B NZ  1 
ATOM   1235 N N   . SER B 1 68  ? 0.172   9.973   14.323  1.00 36.13 ? 68  SER B N   1 
ATOM   1236 C CA  . SER B 1 68  ? 0.393   10.871  13.191  1.00 35.57 ? 68  SER B CA  1 
ATOM   1237 C C   . SER B 1 68  ? -0.380  10.353  11.980  1.00 34.60 ? 68  SER B C   1 
ATOM   1238 O O   . SER B 1 68  ? -0.978  11.127  11.232  1.00 34.64 ? 68  SER B O   1 
ATOM   1239 C CB  . SER B 1 68  ? 1.883   10.955  12.838  1.00 36.49 ? 68  SER B CB  1 
ATOM   1240 O OG  . SER B 1 68  ? 2.613   11.656  13.826  1.00 39.72 ? 68  SER B OG  1 
ATOM   1241 N N   . ALA B 1 69  ? -0.357  9.037   11.796  1.00 31.98 ? 69  ALA B N   1 
ATOM   1242 C CA  . ALA B 1 69  ? -1.052  8.398   10.685  1.00 30.87 ? 69  ALA B CA  1 
ATOM   1243 C C   . ALA B 1 69  ? -2.559  8.561   10.827  1.00 30.05 ? 69  ALA B C   1 
ATOM   1244 O O   . ALA B 1 69  ? -3.256  8.836   9.852   1.00 28.79 ? 69  ALA B O   1 
ATOM   1245 C CB  . ALA B 1 69  ? -0.693  6.910   10.625  1.00 30.16 ? 69  ALA B CB  1 
ATOM   1246 N N   . LEU B 1 70  ? -3.057  8.390   12.048  1.00 28.41 ? 70  LEU B N   1 
ATOM   1247 C CA  . LEU B 1 70  ? -4.480  8.516   12.305  1.00 29.12 ? 70  LEU B CA  1 
ATOM   1248 C C   . LEU B 1 70  ? -4.936  9.974   12.208  1.00 28.54 ? 70  LEU B C   1 
ATOM   1249 O O   . LEU B 1 70  ? -6.051  10.247  11.771  1.00 28.67 ? 70  LEU B O   1 
ATOM   1250 C CB  . LEU B 1 70  ? -4.821  7.939   13.685  1.00 29.07 ? 70  LEU B CB  1 
ATOM   1251 C CG  . LEU B 1 70  ? -4.596  6.430   13.828  1.00 32.64 ? 70  LEU B CG  1 
ATOM   1252 C CD1 . LEU B 1 70  ? -4.809  5.989   15.272  1.00 31.47 ? 70  LEU B CD1 1 
ATOM   1253 C CD2 . LEU B 1 70  ? -5.547  5.690   12.898  1.00 32.37 ? 70  LEU B CD2 1 
ATOM   1254 N N   . ALA B 1 71  ? -4.076  10.903  12.617  1.00 28.52 ? 71  ALA B N   1 
ATOM   1255 C CA  . ALA B 1 71  ? -4.407  12.326  12.551  1.00 27.47 ? 71  ALA B CA  1 
ATOM   1256 C C   . ALA B 1 71  ? -4.606  12.723  11.094  1.00 26.76 ? 71  ALA B C   1 
ATOM   1257 O O   . ALA B 1 71  ? -5.591  13.380  10.740  1.00 26.90 ? 71  ALA B O   1 
ATOM   1258 C CB  . ALA B 1 71  ? -3.292  13.164  13.168  1.00 27.03 ? 71  ALA B CB  1 
ATOM   1259 N N   . TYR B 1 72  ? -3.662  12.318  10.250  1.00 25.34 ? 72  TYR B N   1 
ATOM   1260 C CA  . TYR B 1 72  ? -3.742  12.624  8.832   1.00 25.29 ? 72  TYR B CA  1 
ATOM   1261 C C   . TYR B 1 72  ? -4.949  11.943  8.194   1.00 25.58 ? 72  TYR B C   1 
ATOM   1262 O O   . TYR B 1 72  ? -5.642  12.543  7.364   1.00 26.68 ? 72  TYR B O   1 
ATOM   1263 C CB  . TYR B 1 72  ? -2.464  12.198  8.107   1.00 24.74 ? 72  TYR B CB  1 
ATOM   1264 C CG  . TYR B 1 72  ? -2.549  12.418  6.615   1.00 26.61 ? 72  TYR B CG  1 
ATOM   1265 C CD1 . TYR B 1 72  ? -3.032  11.418  5.768   1.00 26.03 ? 72  TYR B CD1 1 
ATOM   1266 C CD2 . TYR B 1 72  ? -2.209  13.650  6.054   1.00 26.17 ? 72  TYR B CD2 1 
ATOM   1267 C CE1 . TYR B 1 72  ? -3.176  11.642  4.399   1.00 25.31 ? 72  TYR B CE1 1 
ATOM   1268 C CE2 . TYR B 1 72  ? -2.350  13.883  4.688   1.00 27.15 ? 72  TYR B CE2 1 
ATOM   1269 C CZ  . TYR B 1 72  ? -2.833  12.880  3.868   1.00 26.33 ? 72  TYR B CZ  1 
ATOM   1270 O OH  . TYR B 1 72  ? -2.989  13.113  2.521   1.00 26.56 ? 72  TYR B OH  1 
ATOM   1271 N N   . LEU B 1 73  ? -5.208  10.695  8.580   1.00 24.86 ? 73  LEU B N   1 
ATOM   1272 C CA  . LEU B 1 73  ? -6.342  9.962   8.022   1.00 25.08 ? 73  LEU B CA  1 
ATOM   1273 C C   . LEU B 1 73  ? -7.636  10.712  8.269   1.00 24.76 ? 73  LEU B C   1 
ATOM   1274 O O   . LEU B 1 73  ? -8.485  10.813  7.387   1.00 25.72 ? 73  LEU B O   1 
ATOM   1275 C CB  . LEU B 1 73  ? -6.453  8.557   8.632   1.00 25.89 ? 73  LEU B CB  1 
ATOM   1276 C CG  . LEU B 1 73  ? -7.655  7.734   8.146   1.00 25.60 ? 73  LEU B CG  1 
ATOM   1277 C CD1 . LEU B 1 73  ? -7.609  7.598   6.628   1.00 27.00 ? 73  LEU B CD1 1 
ATOM   1278 C CD2 . LEU B 1 73  ? -7.648  6.363   8.805   1.00 26.82 ? 73  LEU B CD2 1 
ATOM   1279 N N   . GLU B 1 74  ? -7.790  11.236  9.478   1.00 25.25 ? 74  GLU B N   1 
ATOM   1280 C CA  . GLU B 1 74  ? -8.998  11.974  9.814   1.00 26.67 ? 74  GLU B CA  1 
ATOM   1281 C C   . GLU B 1 74  ? -9.108  13.238  8.956   1.00 25.19 ? 74  GLU B C   1 
ATOM   1282 O O   . GLU B 1 74  ? -10.155 13.511  8.376   1.00 24.84 ? 74  GLU B O   1 
ATOM   1283 C CB  . GLU B 1 74  ? -8.991  12.335  11.302  1.00 28.63 ? 74  GLU B CB  1 
ATOM   1284 C CG  . GLU B 1 74  ? -10.220 13.101  11.759  1.00 34.68 ? 74  GLU B CG  1 
ATOM   1285 C CD  . GLU B 1 74  ? -10.234 13.320  13.259  1.00 37.85 ? 74  GLU B CD  1 
ATOM   1286 O OE1 . GLU B 1 74  ? -9.244  13.863  13.793  1.00 38.97 ? 74  GLU B OE1 1 
ATOM   1287 O OE2 . GLU B 1 74  ? -11.237 12.948  13.903  1.00 41.94 ? 74  GLU B OE2 1 
ATOM   1288 N N   . LYS B 1 75  ? -8.019  13.990  8.870   1.00 24.57 ? 75  LYS B N   1 
ATOM   1289 C CA  . LYS B 1 75  ? -7.985  15.220  8.086   1.00 26.17 ? 75  LYS B CA  1 
ATOM   1290 C C   . LYS B 1 75  ? -8.205  14.981  6.599   1.00 26.19 ? 75  LYS B C   1 
ATOM   1291 O O   . LYS B 1 75  ? -8.989  15.676  5.954   1.00 26.06 ? 75  LYS B O   1 
ATOM   1292 C CB  . LYS B 1 75  ? -6.644  15.921  8.292   1.00 26.14 ? 75  LYS B CB  1 
ATOM   1293 C CG  . LYS B 1 75  ? -6.362  17.057  7.337   1.00 29.78 ? 75  LYS B CG  1 
ATOM   1294 C CD  . LYS B 1 75  ? -4.995  17.666  7.625   1.00 30.99 ? 75  LYS B CD  1 
ATOM   1295 C CE  . LYS B 1 75  ? -4.661  18.750  6.621   1.00 34.68 ? 75  LYS B CE  1 
ATOM   1296 N NZ  . LYS B 1 75  ? -5.761  19.750  6.568   1.00 40.28 ? 75  LYS B NZ  1 
ATOM   1297 N N   . HIS B 1 76  ? -7.510  13.986  6.059   1.00 26.61 ? 76  HIS B N   1 
ATOM   1298 C CA  . HIS B 1 76  ? -7.605  13.677  4.639   1.00 25.35 ? 76  HIS B CA  1 
ATOM   1299 C C   . HIS B 1 76  ? -8.968  13.131  4.227   1.00 25.99 ? 76  HIS B C   1 
ATOM   1300 O O   . HIS B 1 76  ? -9.527  13.564  3.221   1.00 24.72 ? 76  HIS B O   1 
ATOM   1301 C CB  . HIS B 1 76  ? -6.494  12.690  4.255   1.00 26.83 ? 76  HIS B CB  1 
ATOM   1302 C CG  . HIS B 1 76  ? -6.340  12.490  2.780   1.00 28.39 ? 76  HIS B CG  1 
ATOM   1303 N ND1 . HIS B 1 76  ? -6.155  13.538  1.902   1.00 27.95 ? 76  HIS B ND1 1 
ATOM   1304 C CD2 . HIS B 1 76  ? -6.299  11.364  2.031   1.00 28.40 ? 76  HIS B CD2 1 
ATOM   1305 C CE1 . HIS B 1 76  ? -6.001  13.065  0.680   1.00 29.19 ? 76  HIS B CE1 1 
ATOM   1306 N NE2 . HIS B 1 76  ? -6.084  11.746  0.731   1.00 28.07 ? 76  HIS B NE2 1 
ATOM   1307 N N   . THR B 1 77  ? -9.517  12.189  4.991   1.00 25.73 ? 77  THR B N   1 
ATOM   1308 C CA  . THR B 1 77  ? -10.815 11.637  4.632   1.00 24.78 ? 77  THR B CA  1 
ATOM   1309 C C   . THR B 1 77  ? -11.870 12.746  4.602   1.00 26.10 ? 77  THR B C   1 
ATOM   1310 O O   . THR B 1 77  ? -12.798 12.706  3.795   1.00 24.84 ? 77  THR B O   1 
ATOM   1311 C CB  . THR B 1 77  ? -11.259 10.503  5.602   1.00 27.62 ? 77  THR B CB  1 
ATOM   1312 O OG1 . THR B 1 77  ? -11.354 11.014  6.934   1.00 34.56 ? 77  THR B OG1 1 
ATOM   1313 C CG2 . THR B 1 77  ? -10.252 9.362   5.581   1.00 22.76 ? 77  THR B CG2 1 
ATOM   1314 N N   . ALA B 1 78  ? -11.724 13.745  5.468   1.00 26.26 ? 78  ALA B N   1 
ATOM   1315 C CA  . ALA B 1 78  ? -12.681 14.855  5.493   1.00 26.83 ? 78  ALA B CA  1 
ATOM   1316 C C   . ALA B 1 78  ? -12.515 15.733  4.240   1.00 26.72 ? 78  ALA B C   1 
ATOM   1317 O O   . ALA B 1 78  ? -13.504 16.098  3.601   1.00 26.54 ? 78  ALA B O   1 
ATOM   1318 C CB  . ALA B 1 78  ? -12.483 15.694  6.763   1.00 26.24 ? 78  ALA B CB  1 
ATOM   1319 N N   . ARG B 1 79  ? -11.267 16.060  3.894   1.00 27.11 ? 79  ARG B N   1 
ATOM   1320 C CA  . ARG B 1 79  ? -10.962 16.886  2.715   1.00 28.50 ? 79  ARG B CA  1 
ATOM   1321 C C   . ARG B 1 79  ? -11.426 16.252  1.416   1.00 29.02 ? 79  ARG B C   1 
ATOM   1322 O O   . ARG B 1 79  ? -11.840 16.946  0.481   1.00 27.66 ? 79  ARG B O   1 
ATOM   1323 C CB  . ARG B 1 79  ? -9.462  17.110  2.559   1.00 31.04 ? 79  ARG B CB  1 
ATOM   1324 C CG  . ARG B 1 79  ? -8.790  17.809  3.688   1.00 37.27 ? 79  ARG B CG  1 
ATOM   1325 C CD  . ARG B 1 79  ? -7.380  18.193  3.286   1.00 38.28 ? 79  ARG B CD  1 
ATOM   1326 N NE  . ARG B 1 79  ? -6.563  17.054  2.846   1.00 37.30 ? 79  ARG B NE  1 
ATOM   1327 C CZ  . ARG B 1 79  ? -5.241  17.120  2.716   1.00 37.02 ? 79  ARG B CZ  1 
ATOM   1328 N NH1 . ARG B 1 79  ? -4.616  18.260  2.992   1.00 37.08 ? 79  ARG B NH1 1 
ATOM   1329 N NH2 . ARG B 1 79  ? -4.539  16.069  2.323   1.00 33.72 ? 79  ARG B NH2 1 
ATOM   1330 N N   . LEU B 1 80  ? -11.308 14.930  1.349   1.00 26.94 ? 80  LEU B N   1 
ATOM   1331 C CA  . LEU B 1 80  ? -11.689 14.189  0.157   1.00 27.06 ? 80  LEU B CA  1 
ATOM   1332 C C   . LEU B 1 80  ? -13.146 14.365  -0.197  1.00 26.48 ? 80  LEU B C   1 
ATOM   1333 O O   . LEU B 1 80  ? -13.534 14.202  -1.351  1.00 26.05 ? 80  LEU B O   1 
ATOM   1334 C CB  . LEU B 1 80  ? -11.381 12.705  0.339   1.00 27.65 ? 80  LEU B CB  1 
ATOM   1335 C CG  . LEU B 1 80  ? -9.898  12.345  0.262   1.00 28.14 ? 80  LEU B CG  1 
ATOM   1336 C CD1 . LEU B 1 80  ? -9.712  10.855  0.519   1.00 28.38 ? 80  LEU B CD1 1 
ATOM   1337 C CD2 . LEU B 1 80  ? -9.367  12.715  -1.120  1.00 29.34 ? 80  LEU B CD2 1 
ATOM   1338 N N   . LYS B 1 81  ? -13.963 14.693  0.794   1.00 27.00 ? 81  LYS B N   1 
ATOM   1339 C CA  . LYS B 1 81  ? -15.374 14.889  0.516   1.00 29.26 ? 81  LYS B CA  1 
ATOM   1340 C C   . LYS B 1 81  ? -15.552 16.035  -0.481  1.00 28.77 ? 81  LYS B C   1 
ATOM   1341 O O   . LYS B 1 81  ? -16.521 16.057  -1.233  1.00 28.71 ? 81  LYS B O   1 
ATOM   1342 C CB  . LYS B 1 81  ? -16.136 15.167  1.811   1.00 30.44 ? 81  LYS B CB  1 
ATOM   1343 C CG  . LYS B 1 81  ? -16.178 13.958  2.724   1.00 35.30 ? 81  LYS B CG  1 
ATOM   1344 C CD  . LYS B 1 81  ? -17.011 14.213  3.957   1.00 39.67 ? 81  LYS B CD  1 
ATOM   1345 C CE  . LYS B 1 81  ? -17.151 12.945  4.774   1.00 42.46 ? 81  LYS B CE  1 
ATOM   1346 N NZ  . LYS B 1 81  ? -17.791 11.875  3.962   1.00 44.85 ? 81  LYS B NZ  1 
ATOM   1347 N N   . ASN B 1 82  ? -14.604 16.968  -0.494  1.00 30.54 ? 82  ASN B N   1 
ATOM   1348 C CA  . ASN B 1 82  ? -14.657 18.104  -1.412  1.00 32.71 ? 82  ASN B CA  1 
ATOM   1349 C C   . ASN B 1 82  ? -14.492 17.631  -2.855  1.00 35.63 ? 82  ASN B C   1 
ATOM   1350 O O   . ASN B 1 82  ? -15.073 18.210  -3.777  1.00 38.80 ? 82  ASN B O   1 
ATOM   1351 C CB  . ASN B 1 82  ? -13.573 19.122  -1.051  1.00 29.83 ? 82  ASN B CB  1 
ATOM   1352 C CG  . ASN B 1 82  ? -13.950 19.964  0.155   1.00 31.24 ? 82  ASN B CG  1 
ATOM   1353 O OD1 . ASN B 1 82  ? -13.091 20.551  0.814   1.00 29.61 ? 82  ASN B OD1 1 
ATOM   1354 N ND2 . ASN B 1 82  ? -15.247 20.039  0.441   1.00 31.15 ? 82  ASN B ND2 1 
ATOM   1355 N N   . LEU B 1 83  ? -13.700 16.577  -3.044  1.00 36.46 ? 83  LEU B N   1 
ATOM   1356 C CA  . LEU B 1 83  ? -13.474 15.995  -4.364  1.00 36.20 ? 83  LEU B CA  1 
ATOM   1357 C C   . LEU B 1 83  ? -14.635 15.068  -4.699  1.00 34.83 ? 83  LEU B C   1 
ATOM   1358 O O   . LEU B 1 83  ? -14.617 14.388  -5.723  1.00 36.58 ? 83  LEU B O   1 
ATOM   1359 C CB  . LEU B 1 83  ? -12.173 15.184  -4.381  1.00 37.89 ? 83  LEU B CB  1 
ATOM   1360 C CG  . LEU B 1 83  ? -10.847 15.931  -4.453  1.00 39.94 ? 83  LEU B CG  1 
ATOM   1361 C CD1 . LEU B 1 83  ? -9.695  14.993  -4.121  1.00 41.91 ? 83  LEU B CD1 1 
ATOM   1362 C CD2 . LEU B 1 83  ? -10.684 16.507  -5.846  1.00 40.66 ? 83  LEU B CD2 1 
ATOM   1363 N N   . GLY B 1 84  ? -15.639 15.034  -3.827  1.00 32.53 ? 84  GLY B N   1 
ATOM   1364 C CA  . GLY B 1 84  ? -16.786 14.177  -4.063  1.00 31.87 ? 84  GLY B CA  1 
ATOM   1365 C C   . GLY B 1 84  ? -16.632 12.757  -3.533  1.00 32.40 ? 84  GLY B C   1 
ATOM   1366 O O   . GLY B 1 84  ? -17.502 11.912  -3.750  1.00 31.27 ? 84  GLY B O   1 
ATOM   1367 N N   . VAL B 1 85  ? -15.526 12.494  -2.840  1.00 30.96 ? 85  VAL B N   1 
ATOM   1368 C CA  . VAL B 1 85  ? -15.254 11.177  -2.263  1.00 31.82 ? 85  VAL B CA  1 
ATOM   1369 C C   . VAL B 1 85  ? -16.052 11.009  -0.971  1.00 32.76 ? 85  VAL B C   1 
ATOM   1370 O O   . VAL B 1 85  ? -15.641 11.482  0.091   1.00 32.72 ? 85  VAL B O   1 
ATOM   1371 C CB  . VAL B 1 85  ? -13.749 11.010  -1.935  1.00 32.86 ? 85  VAL B CB  1 
ATOM   1372 C CG1 . VAL B 1 85  ? -13.482 9.617   -1.374  1.00 31.37 ? 85  VAL B CG1 1 
ATOM   1373 C CG2 . VAL B 1 85  ? -12.913 11.251  -3.182  1.00 33.08 ? 85  VAL B CG2 1 
ATOM   1374 N N   . GLU B 1 86  ? -17.188 10.329  -1.073  1.00 33.40 ? 86  GLU B N   1 
ATOM   1375 C CA  . GLU B 1 86  ? -18.082 10.103  0.063   1.00 36.89 ? 86  GLU B CA  1 
ATOM   1376 C C   . GLU B 1 86  ? -17.508 9.150   1.104   1.00 36.78 ? 86  GLU B C   1 
ATOM   1377 O O   . GLU B 1 86  ? -17.535 9.431   2.303   1.00 37.12 ? 86  GLU B O   1 
ATOM   1378 C CB  . GLU B 1 86  ? -19.418 9.539   -0.430  1.00 40.43 ? 86  GLU B CB  1 
ATOM   1379 C CG  . GLU B 1 86  ? -20.207 10.462  -1.349  1.00 47.02 ? 86  GLU B CG  1 
ATOM   1380 C CD  . GLU B 1 86  ? -20.861 11.610  -0.603  1.00 50.75 ? 86  GLU B CD  1 
ATOM   1381 O OE1 . GLU B 1 86  ? -20.132 12.427  0.001   1.00 53.45 ? 86  GLU B OE1 1 
ATOM   1382 O OE2 . GLU B 1 86  ? -22.108 11.693  -0.619  1.00 50.96 ? 86  GLU B OE2 1 
ATOM   1383 N N   . GLU B 1 87  ? -17.011 8.010   0.638   1.00 36.33 ? 87  GLU B N   1 
ATOM   1384 C CA  . GLU B 1 87  ? -16.447 7.012   1.530   1.00 36.87 ? 87  GLU B CA  1 
ATOM   1385 C C   . GLU B 1 87  ? -15.025 6.645   1.112   1.00 33.78 ? 87  GLU B C   1 
ATOM   1386 O O   . GLU B 1 87  ? -14.658 6.761   -0.057  1.00 33.41 ? 87  GLU B O   1 
ATOM   1387 C CB  . GLU B 1 87  ? -17.344 5.763   1.554   1.00 40.59 ? 87  GLU B CB  1 
ATOM   1388 C CG  . GLU B 1 87  ? -17.552 5.066   0.200   1.00 48.43 ? 87  GLU B CG  1 
ATOM   1389 C CD  . GLU B 1 87  ? -18.538 5.782   -0.718  1.00 53.31 ? 87  GLU B CD  1 
ATOM   1390 O OE1 . GLU B 1 87  ? -19.683 6.053   -0.282  1.00 55.49 ? 87  GLU B OE1 1 
ATOM   1391 O OE2 . GLU B 1 87  ? -18.171 6.057   -1.889  1.00 55.73 ? 87  GLU B OE2 1 
ATOM   1392 N N   . VAL B 1 88  ? -14.230 6.213   2.083   1.00 31.45 ? 88  VAL B N   1 
ATOM   1393 C CA  . VAL B 1 88  ? -12.851 5.831   1.838   1.00 28.99 ? 88  VAL B CA  1 
ATOM   1394 C C   . VAL B 1 88  ? -12.578 4.477   2.491   1.00 27.75 ? 88  VAL B C   1 
ATOM   1395 O O   . VAL B 1 88  ? -13.046 4.211   3.599   1.00 27.59 ? 88  VAL B O   1 
ATOM   1396 C CB  . VAL B 1 88  ? -11.884 6.901   2.415   1.00 29.19 ? 88  VAL B CB  1 
ATOM   1397 C CG1 . VAL B 1 88  ? -10.457 6.395   2.409   1.00 29.95 ? 88  VAL B CG1 1 
ATOM   1398 C CG2 . VAL B 1 88  ? -11.989 8.189   1.589   1.00 29.73 ? 88  VAL B CG2 1 
ATOM   1399 N N   . VAL B 1 89  ? -11.842 3.621   1.788   1.00 25.00 ? 89  VAL B N   1 
ATOM   1400 C CA  . VAL B 1 89  ? -11.479 2.302   2.304   1.00 23.16 ? 89  VAL B CA  1 
ATOM   1401 C C   . VAL B 1 89  ? -10.077 2.459   2.855   1.00 23.61 ? 89  VAL B C   1 
ATOM   1402 O O   . VAL B 1 89  ? -9.116  2.590   2.101   1.00 22.84 ? 89  VAL B O   1 
ATOM   1403 C CB  . VAL B 1 89  ? -11.465 1.240   1.202   1.00 21.77 ? 89  VAL B CB  1 
ATOM   1404 C CG1 . VAL B 1 89  ? -11.030 -0.117  1.798   1.00 23.43 ? 89  VAL B CG1 1 
ATOM   1405 C CG2 . VAL B 1 89  ? -12.841 1.123   0.580   1.00 23.19 ? 89  VAL B CG2 1 
ATOM   1406 N N   . ALA B 1 90  ? -9.967  2.448   4.177   1.00 24.20 ? 90  ALA B N   1 
ATOM   1407 C CA  . ALA B 1 90  ? -8.679  2.632   4.815   1.00 24.88 ? 90  ALA B CA  1 
ATOM   1408 C C   . ALA B 1 90  ? -8.265  1.486   5.726   1.00 26.75 ? 90  ALA B C   1 
ATOM   1409 O O   . ALA B 1 90  ? -9.099  0.817   6.336   1.00 26.33 ? 90  ALA B O   1 
ATOM   1410 C CB  . ALA B 1 90  ? -8.682  3.926   5.607   1.00 25.11 ? 90  ALA B CB  1 
ATOM   1411 N N   . LYS B 1 91  ? -6.957  1.290   5.819   1.00 26.09 ? 91  LYS B N   1 
ATOM   1412 C CA  . LYS B 1 91  ? -6.376  0.262   6.659   1.00 26.53 ? 91  LYS B CA  1 
ATOM   1413 C C   . LYS B 1 91  ? -5.110  0.841   7.261   1.00 25.79 ? 91  LYS B C   1 
ATOM   1414 O O   . LYS B 1 91  ? -4.341  1.514   6.579   1.00 25.66 ? 91  LYS B O   1 
ATOM   1415 C CB  . LYS B 1 91  ? -6.032  -0.979  5.832   1.00 27.68 ? 91  LYS B CB  1 
ATOM   1416 C CG  . LYS B 1 91  ? -7.203  -1.907  5.556   1.00 30.24 ? 91  LYS B CG  1 
ATOM   1417 C CD  . LYS B 1 91  ? -7.564  -2.657  6.828   1.00 34.89 ? 91  LYS B CD  1 
ATOM   1418 C CE  . LYS B 1 91  ? -8.665  -3.667  6.625   1.00 34.92 ? 91  LYS B CE  1 
ATOM   1419 N NZ  . LYS B 1 91  ? -9.070  -4.194  7.950   1.00 34.13 ? 91  LYS B NZ  1 
ATOM   1420 N N   . VAL B 1 92  ? -4.908  0.594   8.549   1.00 25.58 ? 92  VAL B N   1 
ATOM   1421 C CA  . VAL B 1 92  ? -3.715  1.062   9.234   1.00 26.11 ? 92  VAL B CA  1 
ATOM   1422 C C   . VAL B 1 92  ? -2.953  -0.193  9.651   1.00 25.56 ? 92  VAL B C   1 
ATOM   1423 O O   . VAL B 1 92  ? -3.524  -1.085  10.281  1.00 26.45 ? 92  VAL B O   1 
ATOM   1424 C CB  . VAL B 1 92  ? -4.077  1.899   10.479  1.00 27.26 ? 92  VAL B CB  1 
ATOM   1425 C CG1 . VAL B 1 92  ? -2.824  2.255   11.257  1.00 29.93 ? 92  VAL B CG1 1 
ATOM   1426 C CG2 . VAL B 1 92  ? -4.800  3.177   10.050  1.00 30.12 ? 92  VAL B CG2 1 
ATOM   1427 N N   . PHE B 1 93  ? -1.676  -0.266  9.288   1.00 24.40 ? 93  PHE B N   1 
ATOM   1428 C CA  . PHE B 1 93  ? -0.850  -1.432  9.611   1.00 25.29 ? 93  PHE B CA  1 
ATOM   1429 C C   . PHE B 1 93  ? 0.501   -1.039  10.185  1.00 25.49 ? 93  PHE B C   1 
ATOM   1430 O O   . PHE B 1 93  ? 0.989   0.071   9.969   1.00 27.53 ? 93  PHE B O   1 
ATOM   1431 C CB  . PHE B 1 93  ? -0.555  -2.273  8.354   1.00 21.37 ? 93  PHE B CB  1 
ATOM   1432 C CG  . PHE B 1 93  ? -1.756  -2.969  7.756   1.00 23.69 ? 93  PHE B CG  1 
ATOM   1433 C CD1 . PHE B 1 93  ? -2.359  -4.050  8.396   1.00 21.93 ? 93  PHE B CD1 1 
ATOM   1434 C CD2 . PHE B 1 93  ? -2.238  -2.583  6.508   1.00 21.19 ? 93  PHE B CD2 1 
ATOM   1435 C CE1 . PHE B 1 93  ? -3.420  -4.724  7.803   1.00 21.86 ? 93  PHE B CE1 1 
ATOM   1436 C CE2 . PHE B 1 93  ? -3.297  -3.253  5.915   1.00 21.07 ? 93  PHE B CE2 1 
ATOM   1437 C CZ  . PHE B 1 93  ? -3.886  -4.332  6.563   1.00 22.21 ? 93  PHE B CZ  1 
ATOM   1438 N N   . ASP B 1 94  ? 1.102   -1.965  10.924  1.00 25.38 ? 94  ASP B N   1 
ATOM   1439 C CA  . ASP B 1 94  ? 2.446   -1.768  11.444  1.00 26.21 ? 94  ASP B CA  1 
ATOM   1440 C C   . ASP B 1 94  ? 3.285   -2.336  10.317  1.00 25.31 ? 94  ASP B C   1 
ATOM   1441 O O   . ASP B 1 94  ? 2.791   -3.129  9.524   1.00 24.06 ? 94  ASP B O   1 
ATOM   1442 C CB  . ASP B 1 94  ? 2.691   -2.599  12.700  1.00 29.53 ? 94  ASP B CB  1 
ATOM   1443 C CG  . ASP B 1 94  ? 2.115   -1.960  13.941  1.00 32.42 ? 94  ASP B CG  1 
ATOM   1444 O OD1 . ASP B 1 94  ? 2.600   -0.874  14.325  1.00 33.97 ? 94  ASP B OD1 1 
ATOM   1445 O OD2 . ASP B 1 94  ? 1.177   -2.545  14.518  1.00 35.17 ? 94  ASP B OD2 1 
ATOM   1446 N N   . VAL B 1 95  ? 4.544   -1.939  10.239  1.00 26.14 ? 95  VAL B N   1 
ATOM   1447 C CA  . VAL B 1 95  ? 5.419   -2.442  9.193   1.00 26.34 ? 95  VAL B CA  1 
ATOM   1448 C C   . VAL B 1 95  ? 6.452   -3.390  9.803   1.00 28.18 ? 95  VAL B C   1 
ATOM   1449 O O   . VAL B 1 95  ? 7.025   -3.094  10.855  1.00 28.57 ? 95  VAL B O   1 
ATOM   1450 C CB  . VAL B 1 95  ? 6.166   -1.283  8.499   1.00 25.67 ? 95  VAL B CB  1 
ATOM   1451 C CG1 . VAL B 1 95  ? 7.237   -1.827  7.571   1.00 27.91 ? 95  VAL B CG1 1 
ATOM   1452 C CG2 . VAL B 1 95  ? 5.181   -0.416  7.723   1.00 26.16 ? 95  VAL B CG2 1 
ATOM   1453 N N   . ASN B 1 96  ? 6.686   -4.533  9.162   1.00 26.75 ? 96  ASN B N   1 
ATOM   1454 C CA  . ASN B 1 96  ? 7.698   -5.457  9.670   1.00 26.63 ? 96  ASN B CA  1 
ATOM   1455 C C   . ASN B 1 96  ? 8.994   -5.013  8.997   1.00 25.59 ? 96  ASN B C   1 
ATOM   1456 O O   . ASN B 1 96  ? 9.199   -5.266  7.814   1.00 24.18 ? 96  ASN B O   1 
ATOM   1457 C CB  . ASN B 1 96  ? 7.382   -6.905  9.284   1.00 24.29 ? 96  ASN B CB  1 
ATOM   1458 C CG  . ASN B 1 96  ? 8.294   -7.904  9.986   1.00 24.83 ? 96  ASN B CG  1 
ATOM   1459 O OD1 . ASN B 1 96  ? 7.909   -8.524  10.980  1.00 25.84 ? 96  ASN B OD1 1 
ATOM   1460 N ND2 . ASN B 1 96  ? 9.514   -8.048  9.481   1.00 23.60 ? 96  ASN B ND2 1 
ATOM   1461 N N   . GLU B 1 97  ? 9.864   -4.352  9.753   1.00 27.25 ? 97  GLU B N   1 
ATOM   1462 C CA  . GLU B 1 97  ? 11.117  -3.839  9.211   1.00 29.47 ? 97  GLU B CA  1 
ATOM   1463 C C   . GLU B 1 97  ? 12.076  -4.888  8.652   1.00 27.85 ? 97  GLU B C   1 
ATOM   1464 O O   . GLU B 1 97  ? 12.594  -4.731  7.551   1.00 28.70 ? 97  GLU B O   1 
ATOM   1465 C CB  . GLU B 1 97  ? 11.863  -3.020  10.272  1.00 33.82 ? 97  GLU B CB  1 
ATOM   1466 C CG  . GLU B 1 97  ? 11.039  -1.947  10.982  1.00 41.96 ? 97  GLU B CG  1 
ATOM   1467 C CD  . GLU B 1 97  ? 10.436  -0.921  10.038  1.00 46.89 ? 97  GLU B CD  1 
ATOM   1468 O OE1 . GLU B 1 97  ? 11.055  -0.622  8.991   1.00 49.09 ? 97  GLU B OE1 1 
ATOM   1469 O OE2 . GLU B 1 97  ? 9.343   -0.396  10.355  1.00 49.97 ? 97  GLU B OE2 1 
ATOM   1470 N N   . PRO B 1 98  ? 12.335  -5.965  9.410   1.00 27.80 ? 98  PRO B N   1 
ATOM   1471 C CA  . PRO B 1 98  ? 13.253  -7.008  8.934   1.00 27.57 ? 98  PRO B CA  1 
ATOM   1472 C C   . PRO B 1 98  ? 12.901  -7.538  7.533   1.00 26.81 ? 98  PRO B C   1 
ATOM   1473 O O   . PRO B 1 98  ? 13.735  -7.503  6.621   1.00 25.81 ? 98  PRO B O   1 
ATOM   1474 C CB  . PRO B 1 98  ? 13.140  -8.085  10.013  1.00 28.61 ? 98  PRO B CB  1 
ATOM   1475 C CG  . PRO B 1 98  ? 12.817  -7.291  11.252  1.00 28.87 ? 98  PRO B CG  1 
ATOM   1476 C CD  . PRO B 1 98  ? 11.795  -6.304  10.738  1.00 28.22 ? 98  PRO B CD  1 
ATOM   1477 N N   . LEU B 1 99  ? 11.670  -8.017  7.366   1.00 25.73 ? 99  LEU B N   1 
ATOM   1478 C CA  . LEU B 1 99  ? 11.222  -8.557  6.079   1.00 24.49 ? 99  LEU B CA  1 
ATOM   1479 C C   . LEU B 1 99  ? 11.203  -7.475  4.988   1.00 24.51 ? 99  LEU B C   1 
ATOM   1480 O O   . LEU B 1 99  ? 11.574  -7.736  3.844   1.00 23.51 ? 99  LEU B O   1 
ATOM   1481 C CB  . LEU B 1 99  ? 9.835   -9.213  6.238   1.00 24.56 ? 99  LEU B CB  1 
ATOM   1482 C CG  . LEU B 1 99  ? 9.758   -10.413 7.206   1.00 25.61 ? 99  LEU B CG  1 
ATOM   1483 C CD1 . LEU B 1 99  ? 8.304   -10.852 7.428   1.00 22.72 ? 99  LEU B CD1 1 
ATOM   1484 C CD2 . LEU B 1 99  ? 10.570  -11.574 6.638   1.00 25.28 ? 99  LEU B CD2 1 
ATOM   1485 N N   . SER B 1 100 ? 10.787  -6.258  5.342   1.00 24.73 ? 100 SER B N   1 
ATOM   1486 C CA  . SER B 1 100 ? 10.748  -5.168  4.371   1.00 23.59 ? 100 SER B CA  1 
ATOM   1487 C C   . SER B 1 100 ? 12.157  -4.844  3.865   1.00 25.18 ? 100 SER B C   1 
ATOM   1488 O O   . SER B 1 100 ? 12.349  -4.552  2.681   1.00 25.30 ? 100 SER B O   1 
ATOM   1489 C CB  . SER B 1 100 ? 10.098  -3.929  4.993   1.00 24.04 ? 100 SER B CB  1 
ATOM   1490 O OG  . SER B 1 100 ? 8.715   -4.170  5.254   1.00 20.21 ? 100 SER B OG  1 
ATOM   1491 N N   . GLN B 1 101 ? 13.147  -4.900  4.754   1.00 26.68 ? 101 GLN B N   1 
ATOM   1492 C CA  . GLN B 1 101 ? 14.532  -4.633  4.358   1.00 29.02 ? 101 GLN B CA  1 
ATOM   1493 C C   . GLN B 1 101 ? 15.017  -5.701  3.379   1.00 28.23 ? 101 GLN B C   1 
ATOM   1494 O O   . GLN B 1 101 ? 15.760  -5.408  2.440   1.00 26.78 ? 101 GLN B O   1 
ATOM   1495 C CB  . GLN B 1 101 ? 15.454  -4.605  5.581   1.00 32.27 ? 101 GLN B CB  1 
ATOM   1496 C CG  . GLN B 1 101 ? 15.352  -3.343  6.424   1.00 41.55 ? 101 GLN B CG  1 
ATOM   1497 C CD  . GLN B 1 101 ? 16.272  -3.378  7.639   1.00 46.80 ? 101 GLN B CD  1 
ATOM   1498 O OE1 . GLN B 1 101 ? 15.967  -4.016  8.656   1.00 49.69 ? 101 GLN B OE1 1 
ATOM   1499 N NE2 . GLN B 1 101 ? 17.414  -2.702  7.531   1.00 48.02 ? 101 GLN B NE2 1 
ATOM   1500 N N   . ILE B 1 102 ? 14.600  -6.943  3.597   1.00 27.00 ? 102 ILE B N   1 
ATOM   1501 C CA  . ILE B 1 102 ? 15.003  -8.017  2.700   1.00 25.78 ? 102 ILE B CA  1 
ATOM   1502 C C   . ILE B 1 102 ? 14.492  -7.731  1.292   1.00 24.52 ? 102 ILE B C   1 
ATOM   1503 O O   . ILE B 1 102 ? 15.199  -7.943  0.304   1.00 22.41 ? 102 ILE B O   1 
ATOM   1504 C CB  . ILE B 1 102 ? 14.465  -9.389  3.195   1.00 26.31 ? 102 ILE B CB  1 
ATOM   1505 C CG1 . ILE B 1 102 ? 15.218  -9.795  4.464   1.00 26.50 ? 102 ILE B CG1 1 
ATOM   1506 C CG2 . ILE B 1 102 ? 14.655  -10.462 2.120   1.00 27.48 ? 102 ILE B CG2 1 
ATOM   1507 C CD1 . ILE B 1 102 ? 14.672  -11.029 5.136   1.00 29.01 ? 102 ILE B CD1 1 
ATOM   1508 N N   . ASN B 1 103 ? 13.273  -7.206  1.210   1.00 23.56 ? 103 ASN B N   1 
ATOM   1509 C CA  . ASN B 1 103 ? 12.649  -6.908  -0.076  1.00 25.29 ? 103 ASN B CA  1 
ATOM   1510 C C   . ASN B 1 103 ? 12.767  -5.473  -0.609  1.00 28.83 ? 103 ASN B C   1 
ATOM   1511 O O   . ASN B 1 103 ? 11.802  -4.919  -1.138  1.00 26.26 ? 103 ASN B O   1 
ATOM   1512 C CB  . ASN B 1 103 ? 11.182  -7.331  -0.023  1.00 23.49 ? 103 ASN B CB  1 
ATOM   1513 C CG  . ASN B 1 103 ? 11.030  -8.835  0.097   1.00 23.83 ? 103 ASN B CG  1 
ATOM   1514 O OD1 . ASN B 1 103 ? 11.651  -9.585  -0.664  1.00 25.72 ? 103 ASN B OD1 1 
ATOM   1515 N ND2 . ASN B 1 103 ? 10.208  -9.286  1.038   1.00 18.98 ? 103 ASN B ND2 1 
ATOM   1516 N N   . GLN B 1 104 ? 13.955  -4.887  -0.484  1.00 33.44 ? 104 GLN B N   1 
ATOM   1517 C CA  . GLN B 1 104 ? 14.216  -3.543  -0.989  1.00 40.59 ? 104 GLN B CA  1 
ATOM   1518 C C   . GLN B 1 104 ? 15.682  -3.426  -1.384  1.00 44.48 ? 104 GLN B C   1 
ATOM   1519 O O   . GLN B 1 104 ? 16.423  -4.414  -1.172  1.00 48.37 ? 104 GLN B O   1 
ATOM   1520 C CB  . GLN B 1 104 ? 13.893  -2.484  0.062   1.00 41.59 ? 104 GLN B CB  1 
ATOM   1521 C CG  . GLN B 1 104 ? 12.431  -2.394  0.427   1.00 46.35 ? 104 GLN B CG  1 
ATOM   1522 C CD  . GLN B 1 104 ? 12.128  -1.167  1.263   1.00 49.49 ? 104 GLN B CD  1 
ATOM   1523 O OE1 . GLN B 1 104 ? 12.746  -0.944  2.307   1.00 50.52 ? 104 GLN B OE1 1 
ATOM   1524 N NE2 . GLN B 1 104 ? 11.172  -0.362  0.809   1.00 51.32 ? 104 GLN B NE2 1 
HETATM 1525 O O   . HOH C 2 .   ? 1.496   -10.571 1.032   1.00 24.59 ? 114 HOH A O   1 
HETATM 1526 O O   . HOH C 2 .   ? 5.847   -11.661 -11.804 1.00 18.23 ? 115 HOH A O   1 
HETATM 1527 O O   . HOH C 2 .   ? 10.468  -16.668 -7.027  1.00 19.41 ? 116 HOH A O   1 
HETATM 1528 O O   . HOH C 2 .   ? 7.796   -15.473 -3.953  1.00 20.26 ? 117 HOH A O   1 
HETATM 1529 O O   . HOH C 2 .   ? 5.708   -13.505 -9.971  1.00 17.18 ? 118 HOH A O   1 
HETATM 1530 O O   . HOH C 2 .   ? 1.715   -5.334  -18.404 1.00 29.06 ? 119 HOH A O   1 
HETATM 1531 O O   . HOH C 2 .   ? -4.022  2.590   -2.716  1.00 22.83 ? 120 HOH A O   1 
HETATM 1532 O O   . HOH C 2 .   ? 6.994   -10.713 -15.706 1.00 21.07 ? 121 HOH A O   1 
HETATM 1533 O O   . HOH C 2 .   ? 0.363   -16.914 -11.332 1.00 19.72 ? 122 HOH A O   1 
HETATM 1534 O O   . HOH C 2 .   ? -8.284  -19.674 8.153   1.00 27.73 ? 123 HOH A O   1 
HETATM 1535 O O   . HOH C 2 .   ? -7.598  -4.005  -8.612  1.00 26.89 ? 124 HOH A O   1 
HETATM 1536 O O   . HOH C 2 .   ? -5.622  -5.024  0.202   1.00 26.16 ? 125 HOH A O   1 
HETATM 1537 O O   . HOH C 2 .   ? -5.590  -17.736 -0.495  1.00 31.39 ? 126 HOH A O   1 
HETATM 1538 O O   . HOH C 2 .   ? -4.753  -18.263 -7.263  1.00 29.69 ? 127 HOH A O   1 
HETATM 1539 O O   . HOH C 2 .   ? -0.206  -11.936 -15.656 1.00 26.68 ? 128 HOH A O   1 
HETATM 1540 O O   . HOH C 2 .   ? -6.576  -16.260 7.259   1.00 29.48 ? 129 HOH A O   1 
HETATM 1541 O O   . HOH C 2 .   ? -7.542  -3.280  -0.423  1.00 29.25 ? 130 HOH A O   1 
HETATM 1542 O O   . HOH C 2 .   ? 0.827   -25.608 -2.666  1.00 29.80 ? 131 HOH A O   1 
HETATM 1543 O O   . HOH C 2 .   ? -1.377  -17.259 11.184  1.00 29.90 ? 132 HOH A O   1 
HETATM 1544 O O   . HOH C 2 .   ? -7.828  -0.926  -8.975  1.00 33.57 ? 133 HOH A O   1 
HETATM 1545 O O   . HOH C 2 .   ? 14.164  -8.158  -7.160  1.00 35.38 ? 134 HOH A O   1 
HETATM 1546 O O   . HOH C 2 .   ? -1.487  -1.298  -13.266 1.00 33.30 ? 135 HOH A O   1 
HETATM 1547 O O   . HOH C 2 .   ? 12.651  -7.499  -11.097 1.00 30.33 ? 136 HOH A O   1 
HETATM 1548 O O   . HOH C 2 .   ? -4.816  4.325   -14.408 1.00 35.83 ? 137 HOH A O   1 
HETATM 1549 O O   . HOH C 2 .   ? 13.701  -18.533 -0.744  1.00 29.19 ? 138 HOH A O   1 
HETATM 1550 O O   . HOH C 2 .   ? 17.106  -12.369 -1.142  1.00 28.70 ? 139 HOH A O   1 
HETATM 1551 O O   . HOH C 2 .   ? 9.174   -18.650 4.990   1.00 33.23 ? 140 HOH A O   1 
HETATM 1552 O O   . HOH C 2 .   ? 1.773   -18.918 10.343  1.00 36.64 ? 141 HOH A O   1 
HETATM 1553 O O   . HOH C 2 .   ? 7.235   15.298  -9.832  1.00 34.92 ? 142 HOH A O   1 
HETATM 1554 O O   . HOH C 2 .   ? -9.105  -14.741 -2.204  1.00 38.03 ? 143 HOH A O   1 
HETATM 1555 O O   . HOH C 2 .   ? 10.103  -23.411 11.390  1.00 34.31 ? 144 HOH A O   1 
HETATM 1556 O O   . HOH C 2 .   ? -8.828  -16.381 5.317   1.00 45.33 ? 145 HOH A O   1 
HETATM 1557 O O   . HOH C 2 .   ? -8.436  -13.286 4.833   1.00 32.98 ? 146 HOH A O   1 
HETATM 1558 O O   . HOH C 2 .   ? 0.817   -5.424  14.622  1.00 43.17 ? 147 HOH A O   1 
HETATM 1559 O O   . HOH C 2 .   ? 2.482   -0.605  -14.967 1.00 40.42 ? 148 HOH A O   1 
HETATM 1560 O O   . HOH C 2 .   ? -0.717  -19.158 9.307   1.00 30.39 ? 149 HOH A O   1 
HETATM 1561 O O   . HOH C 2 .   ? -6.322  -13.097 -5.408  1.00 30.70 ? 150 HOH A O   1 
HETATM 1562 O O   . HOH C 2 .   ? -7.938  -17.471 -1.776  1.00 36.56 ? 151 HOH A O   1 
HETATM 1563 O O   . HOH C 2 .   ? -6.076  -5.607  -13.201 1.00 36.74 ? 152 HOH A O   1 
HETATM 1564 O O   . HOH C 2 .   ? 7.843   0.283   -14.495 1.00 39.21 ? 153 HOH A O   1 
HETATM 1565 O O   . HOH C 2 .   ? 14.265  -5.976  -5.354  1.00 33.44 ? 154 HOH A O   1 
HETATM 1566 O O   . HOH C 2 .   ? 5.362   -0.295  -17.214 1.00 37.21 ? 155 HOH A O   1 
HETATM 1567 O O   . HOH C 2 .   ? -3.131  -20.341 -13.063 1.00 46.24 ? 156 HOH A O   1 
HETATM 1568 O O   . HOH C 2 .   ? -9.474  -9.102  -3.506  1.00 36.08 ? 157 HOH A O   1 
HETATM 1569 O O   . HOH C 2 .   ? -4.107  -12.033 -10.565 1.00 28.55 ? 158 HOH A O   1 
HETATM 1570 O O   . HOH C 2 .   ? 12.800  11.053  1.284   1.00 49.04 ? 159 HOH A O   1 
HETATM 1571 O O   . HOH C 2 .   ? 14.088  -1.856  -5.207  1.00 37.12 ? 160 HOH A O   1 
HETATM 1572 O O   . HOH C 2 .   ? 14.980  -6.531  -2.773  1.00 37.31 ? 161 HOH A O   1 
HETATM 1573 O O   . HOH C 2 .   ? -8.623  -11.410 11.250  1.00 44.42 ? 162 HOH A O   1 
HETATM 1574 O O   . HOH C 2 .   ? -10.453 -5.709  -3.076  1.00 42.92 ? 163 HOH A O   1 
HETATM 1575 O O   . HOH C 2 .   ? 13.490  -10.214 -9.667  1.00 50.20 ? 164 HOH A O   1 
HETATM 1576 O O   . HOH C 2 .   ? 3.733   -13.781 17.037  1.00 46.65 ? 165 HOH A O   1 
HETATM 1577 O O   . HOH C 2 .   ? 7.837   -11.933 17.941  1.00 48.56 ? 166 HOH A O   1 
HETATM 1578 O O   . HOH C 2 .   ? 6.204   -4.956  13.237  1.00 46.12 ? 167 HOH A O   1 
HETATM 1579 O O   . HOH C 2 .   ? -1.076  -4.627  16.568  1.00 43.44 ? 168 HOH A O   1 
HETATM 1580 O O   . HOH C 2 .   ? 3.297   -9.192  6.395   1.00 40.41 ? 169 HOH A O   1 
HETATM 1581 O O   . HOH C 2 .   ? -11.909 -15.626 -2.431  1.00 48.63 ? 170 HOH A O   1 
HETATM 1582 O O   . HOH C 2 .   ? -3.406  -1.934  12.920  1.00 41.15 ? 171 HOH A O   1 
HETATM 1583 O O   . HOH C 2 .   ? 16.467  -14.661 -3.032  1.00 45.23 ? 172 HOH A O   1 
HETATM 1584 O O   . HOH C 2 .   ? 10.031  -7.434  13.438  1.00 43.97 ? 173 HOH A O   1 
HETATM 1585 O O   . HOH C 2 .   ? -11.362 -11.053 -0.859  1.00 47.06 ? 174 HOH A O   1 
HETATM 1586 O O   . HOH D 2 .   ? -4.887  9.263   -0.606  1.00 17.57 ? 114 HOH B O   1 
HETATM 1587 O O   . HOH D 2 .   ? -1.309  -4.478  3.145   1.00 22.91 ? 115 HOH B O   1 
HETATM 1588 O O   . HOH D 2 .   ? -0.188  13.557  10.935  1.00 24.93 ? 116 HOH B O   1 
HETATM 1589 O O   . HOH D 2 .   ? -14.599 10.996  2.561   1.00 27.66 ? 117 HOH B O   1 
HETATM 1590 O O   . HOH D 2 .   ? -9.567  18.204  6.505   1.00 25.04 ? 118 HOH B O   1 
HETATM 1591 O O   . HOH D 2 .   ? -15.112 6.745   5.060   1.00 25.05 ? 119 HOH B O   1 
HETATM 1592 O O   . HOH D 2 .   ? -8.050  12.566  -16.627 1.00 29.94 ? 120 HOH B O   1 
HETATM 1593 O O   . HOH D 2 .   ? -19.599 11.909  -5.438  1.00 28.32 ? 121 HOH B O   1 
HETATM 1594 O O   . HOH D 2 .   ? 9.460   -4.300  12.492  1.00 30.27 ? 122 HOH B O   1 
HETATM 1595 O O   . HOH D 2 .   ? -15.236 5.548   -2.168  1.00 28.19 ? 123 HOH B O   1 
HETATM 1596 O O   . HOH D 2 .   ? -7.365  0.537   1.308   1.00 27.46 ? 124 HOH B O   1 
HETATM 1597 O O   . HOH D 2 .   ? -7.765  -2.086  1.848   1.00 26.32 ? 125 HOH B O   1 
HETATM 1598 O O   . HOH D 2 .   ? -12.519 12.352  8.794   1.00 29.35 ? 126 HOH B O   1 
HETATM 1599 O O   . HOH D 2 .   ? -6.657  -0.904  10.141  1.00 28.40 ? 127 HOH B O   1 
HETATM 1600 O O   . HOH D 2 .   ? 1.560   6.863   18.294  1.00 41.13 ? 128 HOH B O   1 
HETATM 1601 O O   . HOH D 2 .   ? 3.363   4.307   16.589  1.00 48.51 ? 129 HOH B O   1 
HETATM 1602 O O   . HOH D 2 .   ? -8.378  20.373  5.553   1.00 27.54 ? 130 HOH B O   1 
HETATM 1603 O O   . HOH D 2 .   ? -6.545  2.544   -16.095 1.00 41.04 ? 131 HOH B O   1 
HETATM 1604 O O   . HOH D 2 .   ? 9.772   2.038   13.853  1.00 49.51 ? 132 HOH B O   1 
HETATM 1605 O O   . HOH D 2 .   ? -1.911  17.901  3.297   1.00 35.13 ? 133 HOH B O   1 
HETATM 1606 O O   . HOH D 2 .   ? 16.190  -8.017  7.412   1.00 32.38 ? 134 HOH B O   1 
HETATM 1607 O O   . HOH D 2 .   ? -2.190  15.476  9.602   1.00 33.67 ? 135 HOH B O   1 
HETATM 1608 O O   . HOH D 2 .   ? -6.981  15.522  12.072  1.00 35.64 ? 136 HOH B O   1 
HETATM 1609 O O   . HOH D 2 .   ? -13.266 12.840  -9.421  1.00 42.71 ? 137 HOH B O   1 
HETATM 1610 O O   . HOH D 2 .   ? 0.078   20.469  5.157   1.00 36.43 ? 138 HOH B O   1 
HETATM 1611 O O   . HOH D 2 .   ? -17.576 8.446   -3.213  1.00 40.46 ? 139 HOH B O   1 
HETATM 1612 O O   . HOH D 2 .   ? 0.529   21.932  -11.389 1.00 35.37 ? 140 HOH B O   1 
HETATM 1613 O O   . HOH D 2 .   ? 4.839   3.364   14.315  1.00 46.86 ? 141 HOH B O   1 
HETATM 1614 O O   . HOH D 2 .   ? -3.705  6.648   -15.611 1.00 45.85 ? 142 HOH B O   1 
HETATM 1615 O O   . HOH D 2 .   ? 0.662   23.316  -1.688  1.00 36.87 ? 143 HOH B O   1 
HETATM 1616 O O   . HOH D 2 .   ? 0.632   1.139   13.662  1.00 41.90 ? 144 HOH B O   1 
HETATM 1617 O O   . HOH D 2 .   ? 10.538  1.875   -0.745  1.00 47.65 ? 145 HOH B O   1 
HETATM 1618 O O   . HOH D 2 .   ? -15.339 2.728   3.331   1.00 47.02 ? 146 HOH B O   1 
HETATM 1619 O O   . HOH D 2 .   ? -4.582  10.578  16.323  1.00 41.22 ? 147 HOH B O   1 
HETATM 1620 O O   . HOH D 2 .   ? 5.636   -0.907  12.649  1.00 47.58 ? 148 HOH B O   1 
HETATM 1621 O O   . HOH D 2 .   ? -10.806 13.480  16.447  1.00 48.13 ? 149 HOH B O   1 
HETATM 1622 O O   . HOH D 2 .   ? 4.025   14.628  -15.853 1.00 49.68 ? 150 HOH B O   1 
HETATM 1623 O O   . HOH D 2 .   ? 1.708   16.154  -15.694 1.00 50.04 ? 151 HOH B O   1 
HETATM 1624 O O   . HOH D 2 .   ? -1.722  19.182  9.451   1.00 36.31 ? 152 HOH B O   1 
HETATM 1625 O O   . HOH D 2 .   ? 7.083   20.150  -5.639  1.00 50.00 ? 153 HOH B O   1 
# 
